data_3TW7
#
_entry.id   3TW7
#
_cell.length_a   264.158
_cell.length_b   264.158
_cell.length_c   91.790
_cell.angle_alpha   90.00
_cell.angle_beta   90.00
_cell.angle_gamma   90.00
#
_symmetry.space_group_name_H-M   'I 41'
#
loop_
_entity.id
_entity.type
_entity.pdbx_description
1 polymer 'Pyruvate carboxylase protein'
2 non-polymer 'MAGNESIUM ION'
3 non-polymer 'ZINC ION'
4 non-polymer 'CHLORIDE ION'
5 water water
#
_entity_poly.entity_id   1
_entity_poly.type   'polypeptide(L)'
_entity_poly.pdbx_seq_one_letter_code
;MHHHHHHHHHGGPISKILVANRSEIAIRVFRAANELGIKTVAIWAEEDKLALHRFKADESYQVGRGPHLARDLGPIESYL
SIDEVIRVAKLSGADAIHPGYGLLSESPEFVDACNKAGIIFIGPKADTMRQLGNKVAARNLAISVGVPVVPATEPLPDDM
AEVAKMAAAIGYPVMLKASWGGGGRGMRVIRSEADLAKEVTEAKREAMAAFGKDEVYLEKLVERARHVESQILGDTHGNV
VHLFERDCSVQRRNQKVVERAPAPYLSEAQRQELAAYSLKIAGATNYIGAGTVEYLMDADTGKFYFIEVNPRIQVEHTVT
EVVTGIDIVKAQIHILDGAAIGTPQSGVPNQEDIRLNGHALQCRVTTEDPEHNFIPDYGRITAYRSASGFGIRLDGGTSY
SGAIITRYYDPLLVKVTAWAPNPLEAISRMDRALREFRIRGVATNLTFLEAIIGHPKFRDNSYTTRFIDTTPELFQQVKR
QDRATKLLTYLADVTVNGHPEAKDRPKPLENAARPVVPYANGNGVKDGTKQLLDTLGPKKFGEWMRNEKRVLLTDTTMRD
GHQSLLATRMRTYDIARIAGTYSHALPNLLSLECWGGATFDVSMRFLTEDPWERLALIREGAPNLLLQMLLRGANGVGYT
NYPDNVVKYFVRQAAKGGIDLFRVFDCLNWVENMRVSMDAIAEENKLCEAAICYTGDILNSARPKYDLKYYTNLAVELEK
AGAHIIAV(KCX)DMAGLLKPAAAKVLFKALREATGLPIHFHTHDTSGIAAATVLAAVEAGVDAVDAAMDALSGNTSQPC
LGSIVEALSGSERDPGLDPAWIRRISFYWEAVRNQYAAFESDLKGPASEVYLHEMPGGQFTNLKEQARSLGLETRWHQVA
QAYADANQMFGDIVKVAPSSKVVGDMALMMVSQDLTVADVVSPDREVSFPESVVSMLKGDLGQPPSGWPEALQKKALKGE
KPYTVRPGSLLKEADLDAERKVIEKKLEREVSDFEFASYLMYPKVFTDFALASDTYGPVSVLPTPAYFYGLADGEELFAD
IEKGKTLVIVNQAVSATDSQGMVTVFFELNGQPRRIKVPDRAHGATGAAVRRKAEPGNAAHVGAPMPGVISRVFVSSGQA
VNAGDVLVSIEAMKMETAIHAEKDGTIAEVLVKAGDQIDAKDLLAVYGG
;
_entity_poly.pdbx_strand_id   A,B
#
# COMPACT_ATOMS: atom_id res chain seq x y z
N GLY A 12 -51.58 -66.74 18.87
CA GLY A 12 -51.37 -65.43 18.15
C GLY A 12 -50.25 -64.63 18.79
N PRO A 13 -49.42 -63.99 17.96
CA PRO A 13 -48.26 -63.26 18.47
C PRO A 13 -48.51 -61.76 18.65
N ILE A 14 -47.60 -61.10 19.37
CA ILE A 14 -47.58 -59.64 19.41
C ILE A 14 -46.79 -59.14 18.19
N SER A 15 -47.53 -58.64 17.20
CA SER A 15 -46.93 -58.16 15.95
C SER A 15 -46.61 -56.66 15.96
N LYS A 16 -47.17 -55.93 16.92
CA LYS A 16 -47.07 -54.46 16.95
C LYS A 16 -46.93 -53.91 18.37
N ILE A 17 -45.92 -53.06 18.56
CA ILE A 17 -45.56 -52.48 19.87
C ILE A 17 -45.68 -50.96 19.95
N LEU A 18 -46.52 -50.50 20.89
CA LEU A 18 -46.55 -49.11 21.32
C LEU A 18 -45.60 -48.91 22.50
N VAL A 19 -44.88 -47.79 22.45
CA VAL A 19 -43.99 -47.37 23.52
C VAL A 19 -44.61 -46.14 24.19
N ALA A 20 -45.44 -46.40 25.20
CA ALA A 20 -46.03 -45.36 26.03
C ALA A 20 -44.95 -44.60 26.77
N ASN A 21 -43.95 -44.17 25.99
CA ASN A 21 -42.80 -43.44 26.45
C ASN A 21 -42.16 -42.71 25.27
N ARG A 22 -41.04 -42.02 25.55
CA ARG A 22 -40.31 -41.24 24.56
C ARG A 22 -38.84 -41.53 24.70
N SER A 23 -38.02 -40.59 24.21
CA SER A 23 -36.60 -40.52 24.48
C SER A 23 -35.88 -41.76 23.93
N GLU A 24 -34.70 -42.04 24.47
CA GLU A 24 -33.95 -43.24 24.09
C GLU A 24 -34.75 -44.50 24.46
N ILE A 25 -35.20 -44.59 25.70
CA ILE A 25 -35.74 -45.81 26.18
C ILE A 25 -36.84 -46.33 25.25
N ALA A 26 -37.58 -45.43 24.59
CA ALA A 26 -38.42 -45.75 23.43
C ALA A 26 -37.56 -46.37 22.33
N ILE A 27 -36.44 -45.69 22.02
CA ILE A 27 -35.44 -46.05 20.98
C ILE A 27 -34.74 -47.39 21.28
N ARG A 28 -34.51 -47.67 22.56
CA ARG A 28 -34.06 -49.00 23.02
C ARG A 28 -35.07 -50.09 22.59
N VAL A 29 -36.34 -49.87 22.89
CA VAL A 29 -37.37 -50.83 22.67
C VAL A 29 -37.68 -51.03 21.19
N PHE A 30 -37.70 -49.95 20.40
CA PHE A 30 -37.97 -50.10 18.95
C PHE A 30 -37.00 -51.10 18.37
N ARG A 31 -35.76 -51.09 18.89
CA ARG A 31 -34.63 -51.92 18.44
C ARG A 31 -34.70 -53.37 18.86
N ALA A 32 -34.81 -53.61 20.16
CA ALA A 32 -34.98 -54.99 20.62
C ALA A 32 -36.11 -55.60 19.80
N ALA A 33 -37.22 -54.86 19.70
CA ALA A 33 -38.38 -55.26 18.92
C ALA A 33 -38.06 -55.48 17.44
N ASN A 34 -37.39 -54.49 16.82
CA ASN A 34 -37.16 -54.47 15.36
C ASN A 34 -36.37 -55.67 14.86
N GLU A 35 -35.29 -56.00 15.58
CA GLU A 35 -34.40 -57.11 15.24
C GLU A 35 -35.11 -58.45 15.21
N LEU A 36 -36.28 -58.48 15.86
CA LEU A 36 -37.18 -59.63 15.91
C LEU A 36 -38.29 -59.57 14.83
N GLY A 37 -38.21 -58.57 13.95
CA GLY A 37 -39.23 -58.39 12.91
C GLY A 37 -40.47 -57.64 13.37
N ILE A 38 -40.58 -57.45 14.69
CA ILE A 38 -41.69 -56.72 15.33
C ILE A 38 -41.78 -55.23 14.91
N LYS A 39 -42.99 -54.85 14.48
CA LYS A 39 -43.31 -53.48 14.13
C LYS A 39 -43.46 -52.61 15.40
N THR A 40 -43.12 -51.33 15.25
CA THR A 40 -43.07 -50.39 16.36
C THR A 40 -44.21 -49.36 16.26
N VAL A 41 -44.47 -48.63 17.34
CA VAL A 41 -45.43 -47.53 17.31
C VAL A 41 -44.97 -46.54 18.34
N ALA A 42 -45.09 -45.26 18.02
CA ALA A 42 -44.72 -44.18 18.94
C ALA A 42 -45.91 -43.34 19.41
N ILE A 43 -45.61 -42.32 20.20
CA ILE A 43 -46.58 -41.31 20.61
C ILE A 43 -45.82 -40.00 20.80
N TRP A 44 -46.48 -38.87 20.53
CA TRP A 44 -45.83 -37.56 20.71
C TRP A 44 -46.72 -36.44 21.18
N ALA A 45 -46.16 -35.58 22.04
CA ALA A 45 -46.83 -34.34 22.45
C ALA A 45 -46.88 -33.33 21.29
N GLU A 46 -47.24 -32.06 21.52
CA GLU A 46 -47.03 -31.02 20.51
C GLU A 46 -45.59 -30.54 20.54
N GLU A 47 -45.07 -30.36 21.76
CA GLU A 47 -43.70 -29.93 21.98
C GLU A 47 -42.72 -31.09 21.80
N ASP A 48 -43.26 -32.27 21.50
CA ASP A 48 -42.45 -33.43 21.13
C ASP A 48 -42.57 -33.74 19.63
N LYS A 49 -42.98 -32.74 18.84
CA LYS A 49 -43.11 -32.92 17.39
C LYS A 49 -41.79 -33.17 16.66
N LEU A 50 -40.66 -33.03 17.37
CA LEU A 50 -39.36 -33.16 16.75
C LEU A 50 -38.59 -34.40 17.24
N ALA A 51 -39.05 -35.00 18.33
CA ALA A 51 -38.38 -36.15 18.91
C ALA A 51 -38.23 -37.32 17.96
N LEU A 52 -36.97 -37.60 17.61
CA LEU A 52 -36.58 -38.74 16.74
C LEU A 52 -37.39 -40.04 16.89
N HIS A 53 -37.48 -40.56 18.12
CA HIS A 53 -38.28 -41.76 18.40
C HIS A 53 -39.58 -41.78 17.64
N ARG A 54 -40.20 -40.62 17.46
CA ARG A 54 -41.46 -40.58 16.70
C ARG A 54 -41.20 -40.91 15.24
N PHE A 55 -40.02 -40.56 14.77
CA PHE A 55 -39.62 -40.84 13.39
C PHE A 55 -38.98 -42.22 13.26
N LYS A 56 -38.24 -42.63 14.30
CA LYS A 56 -37.69 -44.00 14.41
C LYS A 56 -38.77 -45.07 14.66
N ALA A 57 -40.00 -44.65 14.92
CA ALA A 57 -41.12 -45.59 14.97
C ALA A 57 -41.48 -46.08 13.57
N ASP A 58 -42.18 -47.22 13.49
CA ASP A 58 -42.76 -47.63 12.23
C ASP A 58 -43.94 -46.72 11.87
N GLU A 59 -44.52 -46.07 12.90
CA GLU A 59 -45.66 -45.14 12.76
C GLU A 59 -45.89 -44.40 14.10
N SER A 60 -46.34 -43.14 14.02
CA SER A 60 -46.50 -42.33 15.24
C SER A 60 -47.59 -41.26 15.15
N TYR A 61 -48.56 -41.37 16.06
CA TYR A 61 -49.71 -40.46 16.12
C TYR A 61 -49.53 -39.47 17.25
N GLN A 62 -50.21 -38.33 17.16
CA GLN A 62 -50.10 -37.31 18.19
C GLN A 62 -50.85 -37.69 19.47
N VAL A 63 -50.49 -37.03 20.58
CA VAL A 63 -51.25 -37.04 21.86
C VAL A 63 -51.35 -35.61 22.47
N GLY A 64 -52.44 -35.35 23.20
CA GLY A 64 -52.61 -34.08 23.90
C GLY A 64 -53.43 -33.04 23.15
N ARG A 65 -52.84 -32.50 22.08
CA ARG A 65 -53.42 -31.41 21.29
C ARG A 65 -54.71 -31.79 20.54
N GLY A 66 -55.51 -30.80 20.16
CA GLY A 66 -56.64 -30.99 19.23
C GLY A 66 -58.05 -30.82 19.77
N PRO A 67 -59.04 -30.61 18.85
CA PRO A 67 -60.47 -30.31 19.12
C PRO A 67 -61.19 -31.26 20.09
N HIS A 68 -60.54 -32.35 20.49
CA HIS A 68 -61.11 -33.32 21.44
C HIS A 68 -60.73 -33.06 22.89
N LEU A 69 -59.61 -32.37 23.11
CA LEU A 69 -59.08 -32.10 24.45
C LEU A 69 -60.04 -31.41 25.42
N ARG A 71 -59.41 -27.62 25.15
CA ARG A 71 -58.07 -27.06 25.34
C ARG A 71 -56.99 -28.15 25.33
N ASP A 72 -55.75 -27.75 25.06
CA ASP A 72 -54.62 -28.67 24.98
C ASP A 72 -54.15 -29.15 26.36
N LEU A 73 -53.15 -30.05 26.37
CA LEU A 73 -52.61 -30.61 27.62
C LEU A 73 -51.08 -30.49 27.69
N GLY A 74 -50.59 -29.95 28.82
CA GLY A 74 -49.18 -29.63 29.06
C GLY A 74 -48.18 -30.73 28.77
N PRO A 75 -47.10 -30.39 28.03
CA PRO A 75 -46.18 -31.33 27.40
C PRO A 75 -46.11 -32.72 28.02
N ILE A 76 -45.78 -32.78 29.32
CA ILE A 76 -45.61 -34.04 30.07
C ILE A 76 -46.97 -34.65 30.46
N GLU A 77 -47.86 -33.84 31.01
CA GLU A 77 -49.23 -34.25 31.32
C GLU A 77 -49.93 -35.05 30.19
N SER A 78 -49.56 -34.75 28.93
CA SER A 78 -50.03 -35.47 27.75
C SER A 78 -49.39 -36.87 27.59
N TYR A 79 -48.07 -36.94 27.84
CA TYR A 79 -47.36 -38.23 27.91
C TYR A 79 -47.81 -39.07 29.11
N LEU A 80 -48.71 -38.49 29.90
CA LEU A 80 -49.26 -39.11 31.09
C LEU A 80 -50.75 -39.42 30.92
N SER A 81 -51.45 -38.59 30.16
CA SER A 81 -52.90 -38.70 29.99
C SER A 81 -53.36 -40.03 29.35
N ILE A 82 -54.04 -40.83 30.15
CA ILE A 82 -54.47 -42.19 29.75
C ILE A 82 -55.76 -42.17 28.92
N ASP A 83 -56.38 -40.99 28.82
CA ASP A 83 -57.36 -40.71 27.78
C ASP A 83 -56.66 -40.92 26.42
N GLU A 84 -55.51 -40.27 26.28
CA GLU A 84 -54.77 -40.23 25.02
C GLU A 84 -54.19 -41.58 24.61
N VAL A 85 -53.67 -42.33 25.58
CA VAL A 85 -52.88 -43.54 25.27
C VAL A 85 -53.70 -44.48 24.42
N ILE A 86 -54.75 -44.99 25.04
CA ILE A 86 -55.72 -45.88 24.44
C ILE A 86 -56.16 -45.38 23.06
N ARG A 87 -56.68 -44.15 23.05
CA ARG A 87 -57.08 -43.47 21.82
C ARG A 87 -56.08 -43.68 20.68
N VAL A 88 -54.79 -43.85 21.03
CA VAL A 88 -53.71 -44.04 20.04
C VAL A 88 -53.25 -45.49 19.90
N ALA A 89 -53.36 -46.27 20.97
CA ALA A 89 -53.07 -47.70 20.89
C ALA A 89 -54.02 -48.34 19.89
N LYS A 90 -55.29 -47.95 20.01
CA LYS A 90 -56.34 -48.33 19.08
C LYS A 90 -56.12 -47.82 17.64
N LEU A 91 -56.07 -46.50 17.47
CA LEU A 91 -55.99 -45.87 16.16
C LEU A 91 -54.96 -46.56 15.25
N SER A 92 -53.91 -47.16 15.84
CA SER A 92 -52.90 -47.90 15.04
C SER A 92 -53.21 -49.40 14.95
N GLY A 93 -54.03 -49.89 15.87
CA GLY A 93 -54.30 -51.32 15.98
C GLY A 93 -53.11 -52.07 16.54
N ALA A 94 -52.57 -51.59 17.66
CA ALA A 94 -51.40 -52.21 18.31
C ALA A 94 -51.79 -53.00 19.56
N ASP A 95 -51.06 -54.09 19.83
CA ASP A 95 -51.52 -55.12 20.77
C ASP A 95 -50.58 -55.46 21.95
N ALA A 96 -49.85 -54.46 22.44
CA ALA A 96 -49.02 -54.60 23.66
C ALA A 96 -48.38 -53.27 24.00
N ILE A 97 -48.72 -52.69 25.15
CA ILE A 97 -48.20 -51.36 25.51
C ILE A 97 -47.01 -51.42 26.46
N HIS A 98 -45.82 -51.16 25.90
CA HIS A 98 -44.56 -51.21 26.62
C HIS A 98 -44.28 -49.87 27.25
N PRO A 99 -44.52 -49.73 28.57
CA PRO A 99 -44.57 -48.41 29.18
C PRO A 99 -43.19 -47.84 29.42
N GLY A 100 -42.18 -48.68 29.17
CA GLY A 100 -40.78 -48.38 29.41
C GLY A 100 -40.50 -48.26 30.89
N TYR A 101 -40.19 -47.04 31.30
CA TYR A 101 -39.93 -46.68 32.70
C TYR A 101 -40.48 -45.29 33.03
N GLY A 102 -40.19 -44.79 34.24
CA GLY A 102 -40.57 -43.43 34.64
C GLY A 102 -41.99 -43.07 34.23
N LEU A 103 -42.17 -41.84 33.76
CA LEU A 103 -43.46 -41.32 33.27
C LEU A 103 -44.76 -42.01 33.82
N LEU A 104 -45.16 -43.14 33.22
CA LEU A 104 -46.40 -43.84 33.58
C LEU A 104 -46.25 -45.29 34.04
N SER A 105 -45.04 -45.83 33.88
CA SER A 105 -44.78 -47.27 33.91
C SER A 105 -45.25 -48.11 35.11
N GLU A 106 -45.54 -47.47 36.24
CA GLU A 106 -45.98 -48.23 37.44
C GLU A 106 -47.34 -47.85 38.04
N SER A 107 -48.26 -47.43 37.16
CA SER A 107 -49.62 -47.04 37.55
C SER A 107 -50.64 -48.13 37.21
N PRO A 108 -51.63 -48.33 38.10
CA PRO A 108 -52.78 -49.15 37.76
C PRO A 108 -53.78 -48.40 36.86
N GLU A 109 -53.84 -47.07 36.94
CA GLU A 109 -54.69 -46.23 36.08
CA GLU A 109 -54.72 -46.27 36.08
C GLU A 109 -54.34 -46.48 34.61
N PHE A 110 -53.07 -46.80 34.37
CA PHE A 110 -52.53 -47.11 33.04
C PHE A 110 -52.76 -48.58 32.65
N VAL A 111 -53.03 -49.43 33.65
CA VAL A 111 -53.34 -50.85 33.43
C VAL A 111 -54.83 -51.14 33.64
N ASP A 112 -55.64 -50.08 33.66
CA ASP A 112 -57.10 -50.17 33.75
C ASP A 112 -57.78 -49.64 32.51
N ALA A 113 -57.09 -48.73 31.82
CA ALA A 113 -57.52 -48.27 30.51
C ALA A 113 -57.00 -49.25 29.44
N CYS A 114 -55.78 -49.78 29.67
CA CYS A 114 -55.20 -50.87 28.87
C CYS A 114 -56.05 -52.14 29.03
N ASN A 115 -56.75 -52.21 30.16
CA ASN A 115 -57.76 -53.24 30.39
C ASN A 115 -59.18 -52.76 30.05
N LYS A 116 -59.34 -51.45 29.83
CA LYS A 116 -60.58 -50.86 29.29
C LYS A 116 -60.62 -51.06 27.77
N ALA A 117 -59.44 -51.14 27.14
CA ALA A 117 -59.32 -51.37 25.71
C ALA A 117 -58.94 -52.83 25.35
N GLY A 118 -58.43 -53.58 26.33
CA GLY A 118 -58.10 -54.99 26.15
C GLY A 118 -56.66 -55.27 25.73
N ILE A 119 -55.85 -54.21 25.74
CA ILE A 119 -54.44 -54.26 25.29
C ILE A 119 -53.54 -54.95 26.35
N ILE A 120 -52.32 -55.33 25.93
CA ILE A 120 -51.38 -56.08 26.79
C ILE A 120 -50.19 -55.23 27.31
N PHE A 121 -50.19 -55.00 28.62
CA PHE A 121 -49.17 -54.22 29.32
C PHE A 121 -47.92 -55.08 29.54
N ILE A 122 -46.84 -54.80 28.79
CA ILE A 122 -45.56 -55.52 28.94
C ILE A 122 -44.86 -55.19 30.28
N GLY A 123 -45.31 -55.87 31.34
CA GLY A 123 -44.78 -55.68 32.69
C GLY A 123 -45.45 -56.66 33.63
N PRO A 124 -45.68 -56.27 34.91
CA PRO A 124 -46.56 -57.03 35.84
C PRO A 124 -48.04 -56.60 35.75
N LYS A 125 -48.95 -57.43 36.27
CA LYS A 125 -50.39 -57.15 36.22
C LYS A 125 -50.83 -55.86 36.93
N ALA A 126 -52.08 -55.44 36.68
CA ALA A 126 -52.64 -54.15 37.11
C ALA A 126 -52.57 -53.84 38.62
N ASP A 127 -53.11 -54.74 39.44
N ASP A 127 -53.10 -54.75 39.43
CA ASP A 127 -53.14 -54.54 40.89
CA ASP A 127 -53.17 -54.61 40.89
C ASP A 127 -51.83 -54.90 41.59
C ASP A 127 -51.81 -54.81 41.57
N THR A 128 -50.82 -55.28 40.80
CA THR A 128 -49.43 -55.39 41.29
C THR A 128 -48.83 -53.98 41.34
N MET A 129 -49.50 -53.05 40.64
CA MET A 129 -49.13 -51.64 40.63
C MET A 129 -49.48 -50.90 41.93
N ARG A 130 -50.64 -51.20 42.52
CA ARG A 130 -50.94 -50.64 43.84
C ARG A 130 -50.16 -51.38 44.95
N GLN A 131 -50.00 -52.69 44.78
CA GLN A 131 -49.43 -53.57 45.82
C GLN A 131 -48.00 -53.23 46.26
N LEU A 132 -47.19 -52.72 45.33
CA LEU A 132 -45.82 -52.27 45.63
C LEU A 132 -45.73 -50.73 45.57
N GLY A 133 -46.87 -50.07 45.32
CA GLY A 133 -46.94 -48.62 45.10
C GLY A 133 -46.79 -47.82 46.37
N ASN A 134 -47.81 -47.89 47.23
CA ASN A 134 -47.68 -47.47 48.62
C ASN A 134 -46.60 -48.38 49.25
N LYS A 135 -45.52 -47.78 49.75
CA LYS A 135 -44.42 -48.56 50.32
C LYS A 135 -44.43 -48.63 51.87
N VAL A 136 -45.62 -48.51 52.46
CA VAL A 136 -45.85 -48.84 53.87
C VAL A 136 -46.38 -50.27 53.97
N ALA A 137 -46.60 -50.88 52.81
CA ALA A 137 -47.06 -52.27 52.68
C ALA A 137 -46.25 -53.06 51.64
N ALA A 138 -45.57 -52.34 50.74
CA ALA A 138 -44.58 -52.94 49.85
C ALA A 138 -43.36 -53.38 50.68
N ARG A 139 -43.17 -52.63 51.76
CA ARG A 139 -42.32 -53.02 52.89
C ARG A 139 -42.82 -54.32 53.54
N ASN A 140 -44.13 -54.39 53.82
CA ASN A 140 -44.73 -55.55 54.45
C ASN A 140 -44.70 -56.80 53.57
N LEU A 141 -44.92 -56.59 52.26
CA LEU A 141 -44.88 -57.67 51.26
C LEU A 141 -43.52 -58.37 51.21
N ALA A 142 -42.53 -57.75 51.84
CA ALA A 142 -41.22 -58.37 52.06
C ALA A 142 -41.12 -59.04 53.43
N ILE A 143 -41.75 -58.45 54.44
CA ILE A 143 -41.74 -59.01 55.80
C ILE A 143 -42.37 -60.42 55.83
N SER A 144 -43.48 -60.60 55.14
CA SER A 144 -44.25 -61.88 55.14
C SER A 144 -43.57 -63.04 54.40
N VAL A 145 -42.65 -62.70 53.49
CA VAL A 145 -41.84 -63.72 52.80
C VAL A 145 -40.45 -63.86 53.45
N GLY A 146 -40.27 -63.20 54.59
CA GLY A 146 -39.07 -63.33 55.43
C GLY A 146 -37.82 -62.61 54.95
N VAL A 147 -37.98 -61.33 54.58
CA VAL A 147 -36.89 -60.51 54.04
C VAL A 147 -36.52 -59.41 55.05
N PRO A 148 -35.20 -59.11 55.21
CA PRO A 148 -34.71 -57.98 56.01
C PRO A 148 -35.00 -56.58 55.44
N VAL A 149 -35.72 -55.78 56.23
CA VAL A 149 -36.00 -54.37 55.93
C VAL A 149 -35.30 -53.47 56.97
N VAL A 150 -35.17 -52.18 56.65
CA VAL A 150 -34.71 -51.19 57.62
C VAL A 150 -35.92 -50.72 58.42
N PRO A 151 -35.89 -50.92 59.75
CA PRO A 151 -37.02 -50.57 60.62
C PRO A 151 -37.63 -49.19 60.33
N ALA A 152 -38.81 -49.22 59.70
CA ALA A 152 -39.64 -48.04 59.53
C ALA A 152 -40.82 -48.08 60.52
N THR A 153 -41.85 -47.27 60.29
CA THR A 153 -43.12 -47.33 61.03
C THR A 153 -44.25 -46.69 60.21
N GLU A 154 -45.47 -46.69 60.76
CA GLU A 154 -46.67 -46.23 60.03
C GLU A 154 -46.66 -44.75 59.61
N PRO A 155 -47.65 -44.35 58.78
CA PRO A 155 -47.86 -42.93 58.40
C PRO A 155 -48.26 -42.06 59.61
N LEU A 156 -47.42 -41.01 59.86
CA LEU A 156 -47.50 -40.18 61.09
C LEU A 156 -48.89 -39.77 61.65
N PRO A 157 -49.00 -39.58 63.00
CA PRO A 157 -50.26 -39.12 63.61
C PRO A 157 -50.67 -37.73 63.13
N PRO A 173 -31.32 -39.75 63.36
CA PRO A 173 -32.04 -41.00 63.55
C PRO A 173 -33.04 -41.37 62.43
N VAL A 174 -33.54 -40.37 61.69
CA VAL A 174 -34.65 -40.61 60.74
C VAL A 174 -34.49 -40.02 59.32
N MET A 175 -34.97 -40.78 58.33
CA MET A 175 -35.05 -40.35 56.92
C MET A 175 -36.53 -40.53 56.46
N LEU A 176 -37.19 -39.43 56.13
CA LEU A 176 -38.62 -39.49 55.74
C LEU A 176 -38.77 -39.78 54.25
N LYS A 177 -39.60 -40.78 53.92
CA LYS A 177 -39.82 -41.20 52.53
C LYS A 177 -41.31 -41.25 52.18
N ALA A 178 -41.61 -41.27 50.88
CA ALA A 178 -43.00 -41.24 50.38
C ALA A 178 -43.73 -42.57 50.61
N SER A 179 -44.90 -42.49 51.25
CA SER A 179 -45.77 -43.65 51.50
C SER A 179 -46.06 -44.43 50.21
CA MET A 187 -37.41 -36.91 51.01
C MET A 187 -36.52 -35.93 51.78
N ARG A 188 -35.87 -36.43 52.84
CA ARG A 188 -35.02 -35.60 53.70
C ARG A 188 -34.64 -36.34 54.99
N VAL A 189 -33.86 -35.67 55.84
CA VAL A 189 -33.32 -36.29 57.07
C VAL A 189 -33.58 -35.42 58.32
N ILE A 190 -33.64 -36.05 59.49
CA ILE A 190 -34.08 -35.38 60.73
C ILE A 190 -33.17 -35.75 61.92
N ARG A 191 -33.35 -35.07 63.07
CA ARG A 191 -32.66 -35.38 64.34
C ARG A 191 -33.53 -36.20 65.30
N VAL A 216 -46.03 -39.44 54.74
CA VAL A 216 -44.90 -40.35 54.59
C VAL A 216 -44.62 -41.17 55.84
N TYR A 217 -43.52 -41.93 55.82
CA TYR A 217 -43.17 -42.85 56.92
C TYR A 217 -41.74 -42.62 57.49
N LEU A 218 -41.53 -43.02 58.75
CA LEU A 218 -40.23 -42.90 59.43
C LEU A 218 -39.38 -44.16 59.29
N GLU A 219 -38.38 -44.12 58.41
CA GLU A 219 -37.44 -45.23 58.24
C GLU A 219 -36.16 -45.00 59.05
N LYS A 220 -35.53 -46.10 59.49
CA LYS A 220 -34.24 -46.04 60.18
C LYS A 220 -33.13 -45.60 59.22
N LEU A 221 -32.25 -44.74 59.71
CA LEU A 221 -31.16 -44.15 58.92
C LEU A 221 -30.04 -45.12 58.55
N VAL A 222 -29.27 -44.74 57.54
CA VAL A 222 -28.14 -45.52 57.06
C VAL A 222 -26.94 -44.58 56.93
N GLU A 223 -26.07 -44.59 57.94
CA GLU A 223 -25.02 -43.57 58.12
C GLU A 223 -23.87 -43.58 57.12
N ARG A 224 -23.57 -44.75 56.58
CA ARG A 224 -22.66 -44.93 55.46
C ARG A 224 -23.25 -46.06 54.64
N ALA A 225 -23.88 -45.71 53.52
CA ALA A 225 -24.72 -46.65 52.78
C ALA A 225 -24.21 -46.98 51.38
N ARG A 226 -24.65 -48.14 50.88
CA ARG A 226 -24.32 -48.62 49.54
C ARG A 226 -25.55 -49.22 48.85
N HIS A 227 -26.03 -48.56 47.80
CA HIS A 227 -27.22 -49.02 47.09
C HIS A 227 -26.81 -50.00 46.02
N VAL A 228 -27.31 -51.21 46.15
CA VAL A 228 -27.07 -52.25 45.17
C VAL A 228 -28.46 -52.71 44.69
N GLU A 229 -28.54 -53.42 43.57
CA GLU A 229 -29.85 -53.82 43.07
C GLU A 229 -29.83 -55.08 42.21
N SER A 230 -30.63 -56.05 42.60
CA SER A 230 -30.79 -57.29 41.85
C SER A 230 -31.62 -56.99 40.61
N GLN A 231 -31.14 -57.44 39.47
CA GLN A 231 -31.96 -57.50 38.27
C GLN A 231 -32.60 -58.89 38.26
N ILE A 232 -33.90 -58.95 37.99
CA ILE A 232 -34.63 -60.23 37.90
C ILE A 232 -35.49 -60.39 36.64
N LEU A 233 -35.83 -61.64 36.34
CA LEU A 233 -36.71 -62.00 35.24
C LEU A 233 -37.77 -63.09 35.59
N GLY A 234 -39.01 -62.63 35.78
CA GLY A 234 -40.18 -63.51 35.90
C GLY A 234 -41.13 -63.28 34.75
N ASP A 235 -41.87 -64.30 34.36
CA ASP A 235 -42.72 -64.23 33.16
C ASP A 235 -44.22 -64.41 33.46
N THR A 236 -45.00 -64.67 32.39
CA THR A 236 -46.42 -65.00 32.51
C THR A 236 -46.57 -66.35 33.22
N HIS A 237 -45.59 -67.22 33.01
CA HIS A 237 -45.58 -68.60 33.52
C HIS A 237 -45.55 -68.73 35.03
N GLY A 238 -45.22 -67.64 35.73
CA GLY A 238 -45.07 -67.66 37.19
C GLY A 238 -43.66 -68.03 37.66
N ASN A 239 -42.72 -68.07 36.72
CA ASN A 239 -41.32 -68.48 36.95
C ASN A 239 -40.35 -67.27 37.08
N VAL A 240 -39.30 -67.44 37.88
CA VAL A 240 -38.39 -66.33 38.25
C VAL A 240 -36.90 -66.73 38.28
N VAL A 241 -36.02 -65.84 37.80
CA VAL A 241 -34.54 -66.01 37.87
C VAL A 241 -33.80 -64.67 38.09
N HIS A 242 -32.47 -64.70 38.27
CA HIS A 242 -31.71 -63.48 38.61
C HIS A 242 -30.44 -63.26 37.81
N LEU A 243 -30.29 -62.04 37.28
CA LEU A 243 -29.17 -61.69 36.39
C LEU A 243 -28.07 -60.91 37.10
N PHE A 244 -27.90 -61.19 38.39
CA PHE A 244 -26.94 -60.49 39.24
C PHE A 244 -27.40 -59.08 39.61
N GLU A 245 -26.50 -58.30 40.20
CA GLU A 245 -26.86 -57.03 40.84
C GLU A 245 -25.97 -55.86 40.42
N ARG A 246 -26.55 -54.66 40.45
CA ARG A 246 -25.89 -53.41 40.07
C ARG A 246 -25.56 -52.51 41.28
N ASP A 247 -24.69 -51.53 41.04
CA ASP A 247 -24.25 -50.58 42.08
C ASP A 247 -24.57 -49.08 41.79
N CYS A 248 -25.47 -48.56 42.63
CA CYS A 248 -26.07 -47.22 42.48
C CYS A 248 -25.74 -46.29 43.66
N SER A 249 -24.55 -46.47 44.23
CA SER A 249 -24.15 -45.72 45.41
C SER A 249 -23.70 -44.32 45.04
N VAL A 250 -23.51 -44.10 43.74
CA VAL A 250 -23.01 -42.83 43.21
C VAL A 250 -24.20 -41.91 42.87
N GLN A 251 -24.39 -40.88 43.72
CA GLN A 251 -25.65 -40.11 43.78
C GLN A 251 -25.51 -38.63 44.13
N ARG A 252 -26.25 -37.80 43.39
CA ARG A 252 -26.32 -36.36 43.63
C ARG A 252 -27.71 -35.98 44.14
N ARG A 253 -27.78 -35.38 45.33
CA ARG A 253 -29.05 -34.97 45.94
C ARG A 253 -30.14 -36.09 45.90
N ASN A 254 -29.77 -37.30 46.31
CA ASN A 254 -30.62 -38.50 46.19
C ASN A 254 -30.97 -38.90 44.72
N GLN A 255 -30.11 -38.55 43.75
CA GLN A 255 -30.32 -38.97 42.37
C GLN A 255 -29.07 -39.70 41.83
N LYS A 256 -29.23 -40.97 41.44
CA LYS A 256 -28.13 -41.82 40.94
C LYS A 256 -27.43 -41.11 39.79
N VAL A 257 -26.11 -41.31 39.66
CA VAL A 257 -25.33 -40.60 38.63
C VAL A 257 -24.54 -41.54 37.69
N VAL A 258 -23.79 -42.46 38.31
CA VAL A 258 -22.98 -43.49 37.62
C VAL A 258 -23.33 -44.87 38.22
N GLU A 259 -23.06 -45.91 37.44
CA GLU A 259 -23.23 -47.29 37.89
C GLU A 259 -21.99 -48.14 37.58
N ARG A 260 -22.06 -49.40 38.01
CA ARG A 260 -21.20 -50.49 37.51
C ARG A 260 -22.02 -51.79 37.52
N ALA A 261 -21.56 -52.79 36.75
CA ALA A 261 -22.02 -54.18 36.90
C ALA A 261 -20.85 -55.15 36.62
N PRO A 262 -20.70 -56.21 37.44
CA PRO A 262 -21.40 -56.48 38.70
C PRO A 262 -20.95 -55.54 39.82
N ALA A 263 -21.47 -55.74 41.03
CA ALA A 263 -21.15 -54.88 42.16
C ALA A 263 -19.71 -55.13 42.69
N PRO A 264 -18.78 -54.17 42.41
CA PRO A 264 -17.34 -54.43 42.66
C PRO A 264 -16.97 -54.62 44.13
N TYR A 265 -17.62 -53.87 45.02
CA TYR A 265 -17.38 -54.00 46.46
C TYR A 265 -18.11 -55.18 47.12
N LEU A 266 -18.47 -56.19 46.31
CA LEU A 266 -19.13 -57.41 46.80
C LEU A 266 -18.20 -58.63 46.74
N SER A 267 -18.60 -59.72 47.41
CA SER A 267 -17.96 -61.03 47.26
C SER A 267 -18.91 -62.00 46.54
N GLU A 268 -18.57 -63.29 46.53
CA GLU A 268 -19.43 -64.29 45.90
C GLU A 268 -20.61 -64.72 46.81
N ALA A 269 -20.40 -64.65 48.13
CA ALA A 269 -21.45 -64.95 49.11
C ALA A 269 -22.47 -63.82 49.20
N GLN A 270 -21.99 -62.58 49.10
CA GLN A 270 -22.88 -61.41 49.01
C GLN A 270 -23.62 -61.39 47.66
N ARG A 271 -23.13 -62.19 46.71
CA ARG A 271 -23.74 -62.29 45.38
C ARG A 271 -24.94 -63.24 45.34
N GLN A 272 -24.97 -64.23 46.25
CA GLN A 272 -26.05 -65.23 46.26
C GLN A 272 -27.05 -65.14 47.42
N GLU A 273 -27.09 -63.99 48.09
CA GLU A 273 -28.11 -63.74 49.11
C GLU A 273 -29.26 -62.88 48.55
N LEU A 274 -28.88 -61.88 47.76
CA LEU A 274 -29.84 -60.96 47.15
CA LEU A 274 -29.84 -60.96 47.15
C LEU A 274 -30.49 -61.57 45.92
N ALA A 275 -30.13 -62.82 45.63
CA ALA A 275 -30.68 -63.55 44.50
C ALA A 275 -31.89 -64.41 44.88
N ALA A 276 -32.02 -64.67 46.19
CA ALA A 276 -33.13 -65.47 46.76
C ALA A 276 -34.31 -64.60 47.24
N TYR A 277 -33.99 -63.38 47.72
CA TYR A 277 -34.99 -62.36 48.04
C TYR A 277 -35.67 -61.86 46.77
N SER A 278 -34.91 -61.90 45.67
CA SER A 278 -35.39 -61.58 44.34
C SER A 278 -36.41 -62.63 43.88
N LEU A 279 -36.14 -63.90 44.23
CA LEU A 279 -37.03 -65.01 43.92
C LEU A 279 -38.23 -65.02 44.87
N LYS A 280 -38.01 -64.55 46.10
CA LYS A 280 -39.06 -64.51 47.12
C LYS A 280 -40.10 -63.41 46.89
N ILE A 281 -39.63 -62.22 46.53
CA ILE A 281 -40.50 -61.07 46.24
C ILE A 281 -41.24 -61.23 44.89
N ALA A 282 -40.56 -61.75 43.87
CA ALA A 282 -41.19 -62.06 42.57
C ALA A 282 -42.12 -63.29 42.60
N GLY A 283 -41.90 -64.17 43.58
CA GLY A 283 -42.79 -65.30 43.82
C GLY A 283 -44.02 -64.87 44.59
N ALA A 284 -43.84 -63.94 45.54
CA ALA A 284 -44.95 -63.42 46.35
C ALA A 284 -45.87 -62.45 45.58
N THR A 285 -45.53 -62.15 44.33
CA THR A 285 -46.29 -61.18 43.52
C THR A 285 -46.68 -61.65 42.10
N ASN A 286 -46.49 -62.95 41.79
CA ASN A 286 -46.70 -63.48 40.44
C ASN A 286 -46.09 -62.55 39.37
N TYR A 287 -44.78 -62.33 39.48
CA TYR A 287 -44.13 -61.27 38.72
C TYR A 287 -43.90 -61.58 37.24
N ILE A 288 -44.39 -60.67 36.41
CA ILE A 288 -44.26 -60.75 34.95
C ILE A 288 -43.39 -59.60 34.42
N GLY A 289 -42.53 -59.91 33.46
CA GLY A 289 -41.59 -58.94 32.90
C GLY A 289 -40.33 -58.79 33.75
N ALA A 290 -39.49 -57.81 33.38
CA ALA A 290 -38.26 -57.51 34.11
C ALA A 290 -38.52 -56.44 35.17
N GLY A 291 -37.87 -56.56 36.31
CA GLY A 291 -38.07 -55.62 37.40
C GLY A 291 -36.88 -55.63 38.31
N THR A 292 -36.72 -54.58 39.10
CA THR A 292 -35.52 -54.44 39.92
C THR A 292 -35.85 -54.53 41.39
N VAL A 293 -34.92 -55.11 42.15
CA VAL A 293 -35.04 -55.24 43.60
C VAL A 293 -33.83 -54.59 44.27
N GLU A 294 -34.03 -53.38 44.81
CA GLU A 294 -32.97 -52.57 45.44
C GLU A 294 -32.78 -52.91 46.92
N TYR A 295 -31.52 -52.84 47.37
CA TYR A 295 -31.19 -53.10 48.79
C TYR A 295 -30.10 -52.16 49.35
N LEU A 296 -30.37 -51.58 50.52
CA LEU A 296 -29.39 -50.74 51.21
C LEU A 296 -28.42 -51.64 51.98
N MET A 297 -27.13 -51.33 51.87
CA MET A 297 -26.07 -52.10 52.55
C MET A 297 -25.29 -51.22 53.52
N ASP A 298 -25.27 -51.64 54.79
CA ASP A 298 -24.50 -50.95 55.82
C ASP A 298 -23.02 -51.18 55.52
N ALA A 299 -22.32 -50.09 55.23
CA ALA A 299 -20.88 -50.16 54.93
C ALA A 299 -20.06 -50.52 56.17
N ASP A 300 -20.75 -50.73 57.29
CA ASP A 300 -20.13 -51.22 58.52
C ASP A 300 -20.35 -52.72 58.70
N THR A 301 -21.59 -53.18 58.52
CA THR A 301 -21.95 -54.59 58.78
C THR A 301 -22.04 -55.46 57.51
N GLY A 302 -22.53 -54.88 56.41
CA GLY A 302 -22.62 -55.60 55.12
C GLY A 302 -23.95 -56.26 54.79
N LYS A 303 -24.97 -56.07 55.64
CA LYS A 303 -26.30 -56.69 55.46
C LYS A 303 -27.03 -56.15 54.25
N PHE A 304 -28.34 -56.43 54.19
CA PHE A 304 -29.19 -55.88 53.15
C PHE A 304 -30.53 -55.48 53.74
N TYR A 305 -31.18 -54.51 53.08
CA TYR A 305 -32.47 -53.99 53.55
C TYR A 305 -33.41 -53.69 52.38
N PHE A 306 -34.47 -54.47 52.27
CA PHE A 306 -35.47 -54.36 51.20
C PHE A 306 -36.09 -52.95 51.14
N ILE A 307 -35.64 -52.12 50.19
CA ILE A 307 -36.16 -50.75 50.02
CA ILE A 307 -36.21 -50.77 50.06
C ILE A 307 -37.37 -50.71 49.07
N GLU A 308 -37.10 -50.73 47.76
CA GLU A 308 -38.18 -50.75 46.80
C GLU A 308 -37.85 -51.66 45.64
N VAL A 309 -38.88 -52.34 45.13
CA VAL A 309 -38.79 -53.03 43.85
C VAL A 309 -39.39 -52.09 42.84
N ASN A 310 -38.70 -51.91 41.71
CA ASN A 310 -39.26 -51.13 40.63
C ASN A 310 -39.72 -52.06 39.51
N PRO A 311 -41.04 -52.05 39.23
CA PRO A 311 -41.70 -53.04 38.38
C PRO A 311 -41.55 -52.75 36.88
N ARG A 312 -40.40 -52.19 36.52
CA ARG A 312 -40.15 -51.70 35.16
C ARG A 312 -38.70 -52.00 34.80
N ILE A 313 -38.31 -51.69 33.56
CA ILE A 313 -36.89 -51.68 33.18
C ILE A 313 -36.31 -50.33 33.66
N GLN A 314 -35.00 -50.25 33.85
CA GLN A 314 -34.42 -49.04 34.49
C GLN A 314 -33.58 -48.06 33.64
N VAL A 315 -33.30 -46.91 34.25
CA VAL A 315 -32.40 -45.90 33.67
C VAL A 315 -30.95 -46.45 33.70
N GLU A 316 -30.75 -47.51 34.50
CA GLU A 316 -29.43 -48.14 34.67
C GLU A 316 -29.26 -49.60 34.16
N HIS A 317 -30.26 -50.13 33.45
CA HIS A 317 -30.20 -51.54 33.00
C HIS A 317 -28.97 -51.88 32.21
N THR A 318 -28.64 -51.02 31.24
CA THR A 318 -27.57 -51.25 30.23
C THR A 318 -26.22 -51.80 30.75
N VAL A 319 -25.93 -51.66 32.05
CA VAL A 319 -24.66 -52.20 32.58
C VAL A 319 -24.70 -53.68 32.92
N THR A 320 -25.90 -54.24 33.08
CA THR A 320 -26.07 -55.69 33.35
C THR A 320 -26.21 -56.49 32.03
N GLU A 321 -26.58 -55.80 30.96
CA GLU A 321 -26.61 -56.34 29.58
C GLU A 321 -25.22 -56.59 28.96
N VAL A 322 -24.25 -55.74 29.33
CA VAL A 322 -22.90 -55.76 28.74
C VAL A 322 -21.96 -56.76 29.41
N VAL A 323 -22.36 -57.32 30.56
CA VAL A 323 -21.58 -58.38 31.22
C VAL A 323 -22.23 -59.75 31.09
N THR A 324 -23.54 -59.82 31.29
CA THR A 324 -24.25 -61.11 31.27
C THR A 324 -24.55 -61.61 29.83
N GLY A 325 -24.44 -60.74 28.84
CA GLY A 325 -24.60 -61.11 27.41
C GLY A 325 -26.03 -61.28 26.93
N ILE A 326 -26.97 -60.91 27.79
CA ILE A 326 -28.39 -61.11 27.54
C ILE A 326 -29.09 -59.77 27.29
N ASP A 327 -29.87 -59.75 26.23
CA ASP A 327 -30.80 -58.67 25.93
C ASP A 327 -31.93 -58.68 26.98
N ILE A 328 -31.89 -57.70 27.89
CA ILE A 328 -32.92 -57.50 28.92
C ILE A 328 -34.29 -57.12 28.30
N VAL A 329 -34.26 -56.39 27.18
CA VAL A 329 -35.48 -55.93 26.54
C VAL A 329 -36.15 -57.04 25.74
N LYS A 330 -35.36 -57.88 25.06
CA LYS A 330 -35.89 -59.00 24.26
C LYS A 330 -36.67 -60.03 25.09
N ALA A 331 -36.19 -60.29 26.30
CA ALA A 331 -36.90 -61.11 27.28
C ALA A 331 -38.30 -60.59 27.55
N GLN A 332 -38.40 -59.31 27.92
CA GLN A 332 -39.67 -58.68 28.25
C GLN A 332 -40.74 -58.91 27.18
N ILE A 333 -40.29 -58.97 25.92
CA ILE A 333 -41.14 -59.16 24.73
C ILE A 333 -41.66 -60.59 24.57
N HIS A 334 -40.75 -61.57 24.71
CA HIS A 334 -41.10 -63.01 24.66
C HIS A 334 -41.92 -63.45 25.85
N ILE A 335 -41.64 -62.83 26.99
CA ILE A 335 -42.29 -63.13 28.27
C ILE A 335 -43.80 -62.88 28.27
N LEU A 336 -44.22 -61.74 27.72
CA LEU A 336 -45.64 -61.46 27.58
CA LEU A 336 -45.63 -61.39 27.55
C LEU A 336 -46.20 -61.96 26.24
N ASP A 337 -45.31 -62.43 25.37
CA ASP A 337 -45.70 -63.12 24.14
C ASP A 337 -46.28 -64.47 24.56
N GLY A 338 -45.64 -65.07 25.56
CA GLY A 338 -46.05 -66.36 26.07
C GLY A 338 -44.89 -67.33 26.23
N ALA A 339 -43.68 -66.86 25.99
CA ALA A 339 -42.50 -67.72 26.09
C ALA A 339 -42.03 -67.90 27.52
N ALA A 340 -41.53 -69.10 27.82
CA ALA A 340 -41.09 -69.46 29.18
C ALA A 340 -39.59 -69.29 29.39
N ILE A 341 -39.17 -68.82 30.58
CA ILE A 341 -37.75 -68.55 30.90
C ILE A 341 -36.86 -69.78 30.73
N GLY A 342 -35.87 -69.68 29.84
CA GLY A 342 -34.92 -70.77 29.62
C GLY A 342 -34.85 -71.37 28.23
N THR A 343 -35.95 -71.27 27.47
CA THR A 343 -36.00 -71.76 26.08
C THR A 343 -35.11 -70.92 25.12
N PRO A 344 -34.86 -71.43 23.90
CA PRO A 344 -34.24 -70.59 22.85
C PRO A 344 -35.09 -69.41 22.38
N GLN A 345 -36.42 -69.48 22.53
CA GLN A 345 -37.30 -68.37 22.13
C GLN A 345 -37.66 -67.39 23.27
N SER A 346 -37.06 -67.60 24.45
CA SER A 346 -37.28 -66.72 25.61
C SER A 346 -36.22 -65.63 25.73
N GLY A 347 -35.11 -65.81 25.01
CA GLY A 347 -34.00 -64.85 25.03
C GLY A 347 -33.18 -64.87 26.30
N VAL A 348 -33.81 -65.29 27.40
CA VAL A 348 -33.14 -65.49 28.68
C VAL A 348 -32.86 -66.98 28.87
N PRO A 349 -31.61 -67.31 29.28
CA PRO A 349 -31.35 -68.69 29.65
C PRO A 349 -31.79 -68.93 31.09
N ASN A 350 -32.14 -70.17 31.43
CA ASN A 350 -32.44 -70.53 32.82
C ASN A 350 -31.30 -70.07 33.76
N GLN A 351 -31.64 -69.87 35.03
CA GLN A 351 -30.67 -69.39 36.04
C GLN A 351 -29.36 -70.18 36.04
N GLU A 352 -29.49 -71.48 35.75
CA GLU A 352 -28.35 -72.41 35.71
CA GLU A 352 -28.35 -72.41 35.70
C GLU A 352 -27.40 -72.14 34.52
N ASP A 353 -27.76 -71.18 33.67
CA ASP A 353 -26.97 -70.82 32.50
C ASP A 353 -26.39 -69.40 32.55
N ILE A 354 -27.12 -68.47 33.17
CA ILE A 354 -26.71 -67.05 33.30
C ILE A 354 -25.40 -66.91 34.12
N ARG A 355 -24.39 -66.24 33.54
CA ARG A 355 -23.09 -66.04 34.23
C ARG A 355 -22.41 -64.69 33.91
N LEU A 356 -21.36 -64.34 34.68
CA LEU A 356 -20.68 -63.01 34.60
C LEU A 356 -19.37 -62.97 33.79
N ASN A 357 -19.16 -61.84 33.10
CA ASN A 357 -18.30 -61.77 31.92
C ASN A 357 -17.64 -60.37 31.79
N GLY A 358 -16.90 -59.96 32.82
CA GLY A 358 -16.20 -58.66 32.82
C GLY A 358 -16.83 -57.56 33.69
N HIS A 359 -16.39 -56.32 33.48
CA HIS A 359 -16.90 -55.16 34.24
C HIS A 359 -17.25 -53.93 33.41
N ALA A 360 -18.34 -53.27 33.78
CA ALA A 360 -18.83 -52.12 33.02
C ALA A 360 -19.29 -50.97 33.90
N LEU A 361 -19.64 -49.84 33.28
CA LEU A 361 -20.12 -48.64 33.98
C LEU A 361 -20.74 -47.59 33.05
N GLN A 362 -21.95 -47.09 33.39
CA GLN A 362 -22.63 -46.05 32.59
CA GLN A 362 -22.60 -46.05 32.59
C GLN A 362 -22.65 -44.68 33.28
N CYS A 363 -22.39 -43.63 32.49
CA CYS A 363 -22.60 -42.24 32.92
CA CYS A 363 -22.74 -42.30 32.97
C CYS A 363 -23.66 -41.58 32.02
N ARG A 364 -24.63 -40.93 32.64
CA ARG A 364 -25.70 -40.29 31.91
C ARG A 364 -25.26 -38.87 31.58
N VAL A 365 -25.04 -38.64 30.29
CA VAL A 365 -24.72 -37.31 29.78
C VAL A 365 -26.03 -36.48 29.58
N THR A 366 -26.05 -35.30 30.20
CA THR A 366 -27.23 -34.43 30.26
C THR A 366 -26.80 -33.00 29.96
N THR A 367 -27.75 -32.07 29.88
CA THR A 367 -27.37 -30.67 29.71
C THR A 367 -27.35 -29.93 31.03
N GLU A 368 -26.91 -30.65 32.06
CA GLU A 368 -26.59 -30.06 33.38
C GLU A 368 -25.16 -29.54 33.34
N ASP A 369 -25.02 -28.21 33.30
CA ASP A 369 -23.72 -27.54 33.19
C ASP A 369 -22.99 -27.66 34.52
N PRO A 370 -21.81 -28.35 34.58
CA PRO A 370 -21.17 -28.50 35.90
C PRO A 370 -21.01 -27.13 36.55
N GLU A 371 -20.46 -26.18 35.78
CA GLU A 371 -19.98 -24.92 36.29
C GLU A 371 -21.03 -23.79 36.17
N HIS A 372 -22.28 -24.08 36.56
CA HIS A 372 -23.34 -23.07 36.63
C HIS A 372 -24.60 -23.53 37.34
N ASN A 373 -24.44 -23.93 38.60
CA ASN A 373 -25.53 -24.35 39.51
C ASN A 373 -26.44 -25.50 39.04
N PHE A 374 -25.89 -26.44 38.27
CA PHE A 374 -26.59 -27.62 37.70
C PHE A 374 -27.99 -27.37 37.09
N ILE A 375 -28.12 -26.17 36.49
CA ILE A 375 -29.27 -25.81 35.67
C ILE A 375 -28.86 -26.10 34.23
N PRO A 376 -29.72 -26.83 33.49
CA PRO A 376 -29.60 -27.15 32.05
C PRO A 376 -29.27 -25.97 31.13
N ASP A 377 -28.81 -26.29 29.92
CA ASP A 377 -28.78 -25.31 28.84
C ASP A 377 -29.90 -25.69 27.85
N TYR A 378 -30.24 -24.76 26.94
CA TYR A 378 -31.38 -24.89 25.99
C TYR A 378 -31.02 -24.54 24.53
N GLY A 379 -31.82 -25.03 23.57
CA GLY A 379 -31.74 -24.54 22.19
C GLY A 379 -31.03 -25.39 21.14
N ARG A 380 -30.18 -24.77 20.32
CA ARG A 380 -29.50 -25.45 19.20
C ARG A 380 -28.06 -25.91 19.51
N ILE A 381 -27.87 -27.23 19.57
CA ILE A 381 -26.52 -27.81 19.44
C ILE A 381 -26.02 -27.55 18.01
N THR A 382 -24.81 -27.02 17.90
CA THR A 382 -24.20 -26.79 16.59
C THR A 382 -23.08 -27.82 16.28
N ALA A 383 -22.76 -28.68 17.26
CA ALA A 383 -21.91 -29.85 17.02
C ALA A 383 -22.26 -31.03 17.94
N TYR A 384 -22.09 -32.25 17.43
CA TYR A 384 -22.39 -33.47 18.18
C TYR A 384 -21.54 -34.66 17.73
N ARG A 385 -20.38 -34.81 18.35
CA ARG A 385 -19.52 -35.97 18.11
CA ARG A 385 -19.52 -35.97 18.11
C ARG A 385 -19.60 -36.97 19.28
N SER A 386 -19.91 -38.21 18.95
CA SER A 386 -19.90 -39.27 19.94
C SER A 386 -18.63 -40.09 19.83
N ALA A 387 -18.25 -40.70 20.94
CA ALA A 387 -17.14 -41.61 21.01
C ALA A 387 -17.66 -43.04 21.11
N SER A 388 -17.17 -43.90 20.22
CA SER A 388 -17.35 -45.32 20.35
C SER A 388 -16.01 -46.06 20.56
N GLY A 389 -15.58 -46.89 19.61
CA GLY A 389 -14.38 -47.72 19.82
C GLY A 389 -14.61 -48.91 20.75
N PHE A 390 -13.59 -49.73 20.94
CA PHE A 390 -13.74 -50.97 21.72
C PHE A 390 -14.39 -50.74 23.09
N GLY A 391 -15.47 -51.48 23.33
CA GLY A 391 -16.11 -51.56 24.64
C GLY A 391 -16.82 -50.30 25.07
N ILE A 392 -17.46 -49.62 24.12
CA ILE A 392 -18.35 -48.48 24.40
C ILE A 392 -19.71 -48.68 23.74
N ARG A 393 -20.68 -49.15 24.53
CA ARG A 393 -22.09 -49.21 24.15
C ARG A 393 -22.65 -47.78 24.21
N LEU A 394 -23.48 -47.39 23.23
CA LEU A 394 -24.15 -46.09 23.27
C LEU A 394 -25.66 -46.22 23.16
N ASP A 395 -26.38 -45.64 24.10
CA ASP A 395 -27.82 -45.54 23.98
C ASP A 395 -28.15 -44.06 24.01
N GLY A 396 -28.28 -43.49 22.82
CA GLY A 396 -28.67 -42.09 22.67
C GLY A 396 -29.70 -41.93 21.57
N GLY A 397 -29.36 -41.07 20.61
CA GLY A 397 -30.19 -40.83 19.45
C GLY A 397 -31.22 -39.72 19.60
N THR A 398 -31.11 -38.95 20.67
CA THR A 398 -32.02 -37.84 20.99
C THR A 398 -31.43 -36.48 20.55
N SER A 399 -30.14 -36.54 20.21
CA SER A 399 -29.22 -35.41 20.01
C SER A 399 -28.44 -35.56 18.71
N TYR A 400 -28.21 -34.42 18.05
CA TYR A 400 -27.42 -34.35 16.81
C TYR A 400 -27.16 -32.87 16.46
N SER A 401 -26.32 -32.64 15.45
CA SER A 401 -26.04 -31.28 14.97
C SER A 401 -27.30 -30.54 14.54
N GLY A 402 -27.59 -29.45 15.22
CA GLY A 402 -28.67 -28.56 14.79
C GLY A 402 -30.00 -28.85 15.46
N ALA A 403 -30.10 -30.02 16.11
CA ALA A 403 -31.27 -30.38 16.91
C ALA A 403 -31.66 -29.26 17.88
N ILE A 404 -32.92 -29.24 18.33
CA ILE A 404 -33.30 -28.34 19.41
C ILE A 404 -33.62 -29.14 20.67
N ILE A 405 -32.99 -28.75 21.79
CA ILE A 405 -33.38 -29.24 23.10
C ILE A 405 -34.12 -28.13 23.83
N THR A 406 -35.42 -28.35 24.03
CA THR A 406 -36.25 -27.48 24.83
C THR A 406 -36.17 -27.99 26.27
N ARG A 407 -36.81 -27.26 27.19
CA ARG A 407 -36.79 -27.62 28.60
C ARG A 407 -38.20 -27.95 29.09
N TYR A 408 -38.57 -29.23 28.97
CA TYR A 408 -39.86 -29.75 29.42
C TYR A 408 -39.74 -31.20 29.91
N TYR A 409 -38.58 -31.80 29.64
CA TYR A 409 -38.36 -33.24 29.84
C TYR A 409 -37.00 -33.48 30.48
N ASP A 410 -36.63 -34.76 30.55
CA ASP A 410 -35.27 -35.19 30.86
C ASP A 410 -34.31 -34.67 29.76
N PRO A 411 -33.20 -34.01 30.15
CA PRO A 411 -32.31 -33.42 29.17
C PRO A 411 -31.13 -34.34 28.85
N LEU A 412 -31.39 -35.65 28.95
CA LEU A 412 -30.41 -36.70 28.68
C LEU A 412 -29.93 -36.71 27.22
N LEU A 413 -28.63 -36.46 27.02
CA LEU A 413 -28.08 -36.41 25.67
C LEU A 413 -27.70 -37.78 25.10
N VAL A 414 -26.64 -38.39 25.64
CA VAL A 414 -26.46 -39.83 25.42
C VAL A 414 -26.32 -40.57 26.76
N LYS A 415 -26.29 -41.89 26.65
CA LYS A 415 -25.96 -42.75 27.76
CA LYS A 415 -25.95 -42.75 27.77
C LYS A 415 -24.64 -43.44 27.38
N VAL A 416 -23.54 -42.97 27.94
CA VAL A 416 -22.28 -43.64 27.62
C VAL A 416 -22.17 -44.79 28.58
N THR A 417 -21.93 -45.95 28.00
CA THR A 417 -21.69 -47.17 28.75
C THR A 417 -20.34 -47.73 28.29
N ALA A 418 -19.32 -47.69 29.17
CA ALA A 418 -18.06 -48.41 28.95
C ALA A 418 -17.86 -49.71 29.79
N TRP A 419 -17.53 -50.81 29.08
CA TRP A 419 -17.20 -52.13 29.66
C TRP A 419 -15.70 -52.33 29.63
N ALA A 420 -15.18 -53.20 30.49
CA ALA A 420 -13.76 -53.61 30.38
C ALA A 420 -13.48 -55.04 30.80
N PRO A 421 -12.32 -55.58 30.36
CA PRO A 421 -11.81 -56.83 30.92
C PRO A 421 -11.76 -56.86 32.47
N ASN A 422 -11.57 -55.68 33.08
CA ASN A 422 -11.48 -55.52 34.55
CA ASN A 422 -11.49 -55.52 34.54
C ASN A 422 -12.10 -54.18 35.01
N PRO A 423 -12.31 -54.01 36.35
CA PRO A 423 -13.11 -52.84 36.76
C PRO A 423 -12.45 -51.48 36.53
N LEU A 424 -11.12 -51.49 36.47
CA LEU A 424 -10.32 -50.26 36.39
C LEU A 424 -10.02 -49.83 34.95
N GLU A 425 -9.66 -50.78 34.08
CA GLU A 425 -9.65 -50.54 32.64
C GLU A 425 -11.04 -50.10 32.15
N ALA A 426 -12.06 -50.30 33.00
CA ALA A 426 -13.42 -49.81 32.74
C ALA A 426 -13.45 -48.28 32.81
N ILE A 427 -12.93 -47.72 33.91
CA ILE A 427 -12.92 -46.24 34.13
C ILE A 427 -12.11 -45.44 33.09
N SER A 428 -10.86 -45.84 32.82
CA SER A 428 -10.03 -45.18 31.79
C SER A 428 -10.66 -45.22 30.39
N ARG A 429 -11.33 -46.35 30.07
CA ARG A 429 -12.13 -46.47 28.86
C ARG A 429 -13.30 -45.47 28.89
N MET A 430 -13.98 -45.39 30.04
CA MET A 430 -15.07 -44.45 30.23
C MET A 430 -14.59 -42.99 30.22
N ASP A 431 -13.51 -42.72 30.96
CA ASP A 431 -12.89 -41.41 30.96
C ASP A 431 -12.33 -40.97 29.61
N ARG A 432 -11.92 -41.93 28.77
CA ARG A 432 -11.48 -41.63 27.40
C ARG A 432 -12.65 -41.23 26.50
N ALA A 433 -13.74 -41.99 26.57
CA ALA A 433 -14.93 -41.63 25.82
C ALA A 433 -15.32 -40.25 26.31
N LEU A 434 -15.72 -40.16 27.57
CA LEU A 434 -16.18 -38.91 28.20
C LEU A 434 -15.45 -37.68 27.76
N ARG A 435 -14.13 -37.83 27.53
CA ARG A 435 -13.26 -36.76 27.03
C ARG A 435 -13.39 -36.57 25.51
N GLU A 436 -13.17 -37.64 24.76
CA GLU A 436 -13.23 -37.66 23.31
C GLU A 436 -14.39 -36.88 22.72
N PHE A 437 -15.42 -36.63 23.53
CA PHE A 437 -16.69 -36.10 23.02
C PHE A 437 -16.64 -34.61 22.64
N ARG A 438 -17.31 -34.29 21.53
CA ARG A 438 -17.49 -32.90 21.07
C ARG A 438 -18.99 -32.49 20.95
N ILE A 439 -19.40 -31.66 21.91
CA ILE A 439 -20.75 -31.12 22.03
C ILE A 439 -20.63 -29.61 22.26
N ARG A 440 -21.41 -28.83 21.53
CA ARG A 440 -21.33 -27.36 21.57
C ARG A 440 -22.62 -26.73 21.02
N GLY A 441 -22.98 -25.60 21.60
CA GLY A 441 -24.30 -24.99 21.40
C GLY A 441 -25.05 -24.96 22.72
N VAL A 442 -24.91 -26.05 23.48
CA VAL A 442 -25.47 -26.20 24.85
C VAL A 442 -24.53 -26.90 25.86
N ALA A 443 -24.53 -26.39 27.11
CA ALA A 443 -23.64 -26.80 28.24
C ALA A 443 -23.68 -28.28 28.63
N THR A 444 -22.61 -28.78 29.28
CA THR A 444 -22.47 -30.21 29.56
C THR A 444 -21.86 -30.55 30.91
N ASN A 445 -22.29 -31.69 31.47
CA ASN A 445 -21.70 -32.29 32.69
C ASN A 445 -20.53 -33.26 32.46
N LEU A 446 -19.97 -33.27 31.25
CA LEU A 446 -18.82 -34.13 30.96
C LEU A 446 -17.68 -33.82 31.92
N THR A 447 -17.45 -32.52 32.21
CA THR A 447 -16.43 -32.08 33.18
C THR A 447 -16.82 -32.26 34.67
N PHE A 448 -18.08 -32.58 34.92
CA PHE A 448 -18.48 -33.08 36.22
C PHE A 448 -18.32 -34.61 36.28
N LEU A 449 -18.61 -35.30 35.18
CA LEU A 449 -18.41 -36.76 35.06
C LEU A 449 -16.94 -37.23 35.09
N GLU A 450 -16.05 -36.44 34.49
CA GLU A 450 -14.60 -36.71 34.43
C GLU A 450 -13.94 -36.34 35.75
N ALA A 451 -14.69 -35.67 36.61
CA ALA A 451 -14.31 -35.36 37.99
C ALA A 451 -14.88 -36.38 38.98
N ILE A 452 -15.86 -37.16 38.53
CA ILE A 452 -16.35 -38.25 39.35
C ILE A 452 -15.53 -39.54 39.18
N ILE A 453 -15.09 -39.85 37.96
CA ILE A 453 -14.53 -41.18 37.70
C ILE A 453 -13.03 -41.33 37.92
N GLY A 454 -12.35 -40.20 38.14
CA GLY A 454 -10.90 -40.17 38.44
C GLY A 454 -10.53 -39.92 39.91
N HIS A 455 -11.54 -39.57 40.71
CA HIS A 455 -11.45 -39.39 42.16
C HIS A 455 -11.29 -40.71 42.90
N PRO A 456 -10.15 -40.87 43.63
CA PRO A 456 -9.71 -42.13 44.26
C PRO A 456 -10.75 -42.92 45.08
N LYS A 457 -11.91 -42.29 45.40
CA LYS A 457 -12.95 -42.95 46.18
C LYS A 457 -13.88 -43.81 45.30
N PHE A 458 -13.88 -43.53 44.00
CA PHE A 458 -14.63 -44.34 43.02
C PHE A 458 -13.74 -45.46 42.48
N ARG A 459 -12.44 -45.17 42.45
CA ARG A 459 -11.43 -46.06 41.87
C ARG A 459 -11.33 -47.39 42.61
N ASP A 460 -11.46 -47.36 43.93
CA ASP A 460 -11.26 -48.55 44.76
C ASP A 460 -12.51 -49.01 45.55
N ASN A 461 -13.64 -48.33 45.33
CA ASN A 461 -14.92 -48.61 46.01
C ASN A 461 -15.04 -48.10 47.45
N SER A 462 -14.55 -46.89 47.72
CA SER A 462 -14.74 -46.24 49.03
C SER A 462 -15.70 -45.04 48.97
N TYR A 463 -16.79 -45.23 48.23
CA TYR A 463 -17.89 -44.27 48.18
C TYR A 463 -19.11 -44.76 48.96
N THR A 464 -19.89 -43.80 49.48
CA THR A 464 -21.23 -44.08 50.00
C THR A 464 -22.26 -43.27 49.18
N THR A 465 -23.51 -43.22 49.66
CA THR A 465 -24.60 -42.45 48.99
C THR A 465 -24.44 -40.92 49.15
N ARG A 466 -23.46 -40.53 49.97
CA ARG A 466 -23.02 -39.15 50.15
C ARG A 466 -21.55 -39.04 49.77
N PHE A 467 -21.18 -39.60 48.63
CA PHE A 467 -19.88 -39.32 48.04
C PHE A 467 -19.99 -37.93 47.42
N ILE A 468 -20.95 -37.77 46.52
CA ILE A 468 -21.13 -36.51 45.79
C ILE A 468 -21.47 -35.36 46.75
N ASP A 469 -22.70 -35.38 47.28
CA ASP A 469 -23.28 -34.30 48.09
C ASP A 469 -22.35 -33.70 49.15
N THR A 470 -21.27 -34.43 49.50
CA THR A 470 -20.27 -33.95 50.44
C THR A 470 -18.82 -33.71 49.90
N THR A 471 -18.51 -34.06 48.63
CA THR A 471 -17.18 -33.69 48.08
C THR A 471 -17.23 -32.33 47.37
N ALA A 484 -9.16 -17.86 20.76
CA ALA A 484 -9.42 -18.65 19.54
C ALA A 484 -10.65 -18.13 18.76
N THR A 485 -11.69 -17.85 19.52
CA THR A 485 -12.69 -16.90 19.13
C THR A 485 -12.01 -15.56 19.18
N LYS A 486 -11.48 -15.22 20.36
CA LYS A 486 -10.69 -14.01 20.52
C LYS A 486 -9.86 -13.80 19.24
N LEU A 487 -9.23 -14.86 18.76
CA LEU A 487 -8.41 -14.72 17.57
C LEU A 487 -9.20 -14.38 16.30
N LEU A 488 -10.31 -15.07 16.07
CA LEU A 488 -11.13 -14.78 14.89
C LEU A 488 -11.74 -13.38 14.98
N THR A 489 -11.99 -12.97 16.22
CA THR A 489 -12.47 -11.64 16.51
C THR A 489 -11.44 -10.60 16.06
N TYR A 490 -10.19 -10.73 16.53
CA TYR A 490 -9.16 -9.75 16.19
C TYR A 490 -9.01 -9.69 14.68
N LEU A 491 -8.91 -10.87 14.05
CA LEU A 491 -8.78 -10.94 12.59
C LEU A 491 -9.86 -10.11 11.94
N ALA A 492 -11.11 -10.50 12.14
CA ALA A 492 -12.25 -9.74 11.57
C ALA A 492 -12.15 -8.24 11.85
N ASP A 493 -11.76 -7.90 13.08
CA ASP A 493 -11.65 -6.51 13.56
C ASP A 493 -10.68 -5.76 12.70
N VAL A 494 -9.51 -6.35 12.46
CA VAL A 494 -8.54 -5.73 11.59
C VAL A 494 -8.94 -5.89 10.11
N THR A 495 -9.52 -7.03 9.74
CA THR A 495 -9.96 -7.23 8.35
C THR A 495 -10.89 -6.08 7.96
N VAL A 496 -11.65 -5.58 8.93
CA VAL A 496 -12.70 -4.60 8.68
C VAL A 496 -12.18 -3.16 8.82
N ASN A 497 -11.52 -2.84 9.93
CA ASN A 497 -11.03 -1.48 10.18
C ASN A 497 -9.53 -1.26 9.87
N GLY A 498 -8.73 -2.32 9.75
CA GLY A 498 -7.30 -2.15 9.50
C GLY A 498 -6.55 -1.89 10.80
N HIS A 499 -5.23 -2.05 10.79
CA HIS A 499 -4.40 -1.69 11.94
C HIS A 499 -4.02 -0.22 11.88
N PRO A 500 -4.22 0.52 12.99
CA PRO A 500 -3.91 1.97 12.96
C PRO A 500 -2.43 2.27 12.70
N GLU A 501 -1.52 1.35 13.01
CA GLU A 501 -0.10 1.59 12.75
C GLU A 501 0.29 1.41 11.28
N ALA A 502 -0.60 0.85 10.46
CA ALA A 502 -0.29 0.58 9.05
C ALA A 502 -1.33 1.11 8.11
N LYS A 503 -2.59 1.01 8.49
CA LYS A 503 -3.73 1.40 7.62
C LYS A 503 -3.55 2.67 6.75
N ASP A 504 -2.67 3.59 7.14
CA ASP A 504 -2.50 4.81 6.33
C ASP A 504 -1.11 5.02 5.69
N ARG A 505 -0.39 3.92 5.48
CA ARG A 505 0.99 3.95 4.97
C ARG A 505 1.19 3.01 3.75
N PRO A 506 2.42 2.95 3.19
CA PRO A 506 2.81 1.96 2.16
C PRO A 506 2.50 0.49 2.47
N LYS A 507 1.91 -0.23 1.52
CA LYS A 507 1.65 -1.67 1.67
C LYS A 507 2.79 -2.46 0.98
N PRO A 508 3.11 -3.70 1.46
CA PRO A 508 4.02 -4.59 0.72
C PRO A 508 3.52 -4.90 -0.69
N LEU A 509 4.42 -5.32 -1.58
CA LEU A 509 4.03 -5.78 -2.91
C LEU A 509 2.88 -6.84 -2.80
N GLU A 510 2.11 -7.03 -3.88
CA GLU A 510 0.97 -7.95 -3.82
C GLU A 510 1.37 -9.44 -3.62
N ALA A 512 3.48 -11.82 -2.70
CA ALA A 512 4.67 -11.58 -1.88
C ALA A 512 5.22 -12.85 -1.25
N ALA A 513 6.52 -13.09 -1.45
CA ALA A 513 7.19 -14.25 -0.85
C ALA A 513 7.01 -14.21 0.68
N ARG A 514 6.11 -15.06 1.21
CA ARG A 514 6.12 -15.38 2.65
C ARG A 514 7.55 -15.80 2.99
N PRO A 515 8.11 -15.28 4.08
CA PRO A 515 9.46 -15.72 4.44
C PRO A 515 9.46 -17.22 4.71
N VAL A 516 10.54 -17.90 4.32
CA VAL A 516 10.68 -19.32 4.51
C VAL A 516 11.89 -19.60 5.40
N VAL A 517 11.69 -20.29 6.52
CA VAL A 517 12.80 -20.59 7.41
C VAL A 517 13.70 -21.69 6.79
N PRO A 518 15.00 -21.39 6.63
CA PRO A 518 16.02 -22.31 6.07
C PRO A 518 16.09 -23.72 6.68
N TYR A 519 16.39 -24.70 5.84
CA TYR A 519 16.58 -26.13 6.20
C TYR A 519 16.87 -26.42 7.67
N GLY A 522 20.69 -31.73 8.99
CA GLY A 522 21.13 -31.25 10.30
C GLY A 522 21.08 -32.30 11.40
N ASN A 523 21.27 -31.85 12.63
CA ASN A 523 21.26 -32.68 13.83
C ASN A 523 21.27 -31.75 15.04
N GLY A 524 21.51 -32.27 16.25
CA GLY A 524 21.57 -31.47 17.49
C GLY A 524 22.59 -30.32 17.52
N VAL A 525 22.46 -29.47 18.52
CA VAL A 525 23.14 -28.17 18.62
C VAL A 525 24.54 -28.16 19.30
N LYS A 526 25.58 -27.70 18.58
CA LYS A 526 26.92 -27.55 19.14
C LYS A 526 26.86 -26.59 20.39
N ASP A 527 27.49 -26.97 21.50
CA ASP A 527 27.56 -26.09 22.66
C ASP A 527 28.18 -24.77 22.25
N GLY A 528 27.71 -23.66 22.83
CA GLY A 528 28.23 -22.32 22.49
C GLY A 528 28.56 -21.49 23.72
N THR A 529 28.82 -20.19 23.49
CA THR A 529 29.16 -19.26 24.57
C THR A 529 28.14 -19.31 25.74
N LYS A 530 26.90 -19.69 25.46
CA LYS A 530 25.94 -19.94 26.52
C LYS A 530 26.42 -21.01 27.54
N GLN A 531 26.88 -22.15 27.04
CA GLN A 531 27.40 -23.19 27.87
C GLN A 531 28.68 -22.70 28.55
N LEU A 532 29.40 -21.85 27.84
CA LEU A 532 30.70 -21.44 28.31
C LEU A 532 30.46 -20.52 29.53
N LEU A 533 29.50 -19.61 29.40
CA LEU A 533 29.16 -18.73 30.53
C LEU A 533 28.69 -19.54 31.71
N ASP A 534 27.87 -20.54 31.46
CA ASP A 534 27.34 -21.31 32.59
C ASP A 534 28.40 -22.04 33.33
N THR A 535 29.54 -22.28 32.70
CA THR A 535 30.54 -23.06 33.34
C THR A 535 31.54 -22.16 33.96
N LEU A 536 31.92 -21.09 33.27
CA LEU A 536 32.94 -20.16 33.79
C LEU A 536 32.38 -19.10 34.79
N GLY A 537 31.15 -18.67 34.59
CA GLY A 537 30.66 -17.50 35.30
C GLY A 537 31.08 -16.25 34.57
N PRO A 538 30.36 -15.16 34.81
CA PRO A 538 30.64 -13.89 34.09
C PRO A 538 32.13 -13.45 34.12
N LYS A 539 32.74 -13.27 35.30
CA LYS A 539 34.14 -12.85 35.34
C LYS A 539 35.12 -13.68 34.45
N LYS A 540 35.23 -14.99 34.68
CA LYS A 540 36.12 -15.81 33.90
C LYS A 540 35.61 -15.94 32.42
N PHE A 541 34.31 -15.83 32.20
CA PHE A 541 33.87 -15.74 30.79
C PHE A 541 34.54 -14.56 30.08
N GLY A 542 34.55 -13.39 30.70
CA GLY A 542 35.15 -12.20 30.11
C GLY A 542 36.62 -12.40 29.81
N GLU A 543 37.33 -13.08 30.71
CA GLU A 543 38.77 -13.25 30.48
C GLU A 543 38.97 -14.23 29.33
N TRP A 544 37.96 -15.03 29.07
CA TRP A 544 38.01 -15.87 27.95
C TRP A 544 37.95 -15.07 26.69
N MET A 545 36.98 -14.15 26.64
CA MET A 545 36.84 -13.21 25.51
C MET A 545 38.18 -12.54 25.34
N ARG A 546 38.69 -11.98 26.44
CA ARG A 546 39.99 -11.29 26.32
C ARG A 546 41.08 -12.19 25.72
N ASN A 547 41.13 -13.45 26.14
CA ASN A 547 42.14 -14.33 25.70
C ASN A 547 41.88 -14.86 24.27
N GLU A 548 40.63 -14.87 23.78
CA GLU A 548 40.39 -15.40 22.41
C GLU A 548 41.09 -14.63 21.27
N LYS A 549 41.75 -15.34 20.34
CA LYS A 549 42.42 -14.77 19.11
C LYS A 549 41.41 -14.26 18.11
N ARG A 550 40.46 -15.14 17.74
CA ARG A 550 39.41 -14.79 16.78
C ARG A 550 38.54 -13.61 17.26
N VAL A 551 38.17 -12.70 16.40
CA VAL A 551 37.29 -11.66 16.88
C VAL A 551 35.91 -12.30 17.18
N LEU A 552 35.20 -11.78 18.16
CA LEU A 552 33.89 -12.35 18.45
C LEU A 552 32.77 -11.52 17.82
N LEU A 553 31.66 -12.16 17.49
CA LEU A 553 30.61 -11.45 16.77
C LEU A 553 29.26 -11.45 17.40
N THR A 554 28.67 -10.27 17.59
CA THR A 554 27.29 -10.16 17.99
C THR A 554 26.51 -9.70 16.82
N ASP A 555 25.40 -10.41 16.56
CA ASP A 555 24.44 -10.10 15.52
C ASP A 555 23.41 -9.21 16.18
N THR A 556 23.07 -8.09 15.54
CA THR A 556 22.12 -7.13 16.17
C THR A 556 20.77 -7.09 15.49
N THR A 557 20.62 -7.95 14.50
CA THR A 557 19.44 -7.99 13.65
C THR A 557 18.13 -7.96 14.43
N MET A 558 18.05 -8.77 15.49
CA MET A 558 16.79 -8.92 16.24
C MET A 558 16.41 -7.73 17.08
N ARG A 559 17.38 -6.87 17.46
CA ARG A 559 17.10 -5.64 18.22
C ARG A 559 17.44 -4.37 17.46
N ASP A 560 18.72 -4.03 17.37
CA ASP A 560 19.12 -2.70 16.89
C ASP A 560 18.82 -2.50 15.39
N GLY A 561 19.07 -3.55 14.61
CA GLY A 561 18.81 -3.55 13.19
C GLY A 561 17.48 -2.92 12.78
N HIS A 562 16.38 -3.45 13.32
CA HIS A 562 15.02 -3.06 12.90
C HIS A 562 14.57 -1.87 13.71
N GLN A 563 15.27 -1.66 14.83
CA GLN A 563 15.08 -0.44 15.63
C GLN A 563 15.49 0.75 14.76
N SER A 564 16.63 0.60 14.10
CA SER A 564 17.23 1.68 13.38
C SER A 564 16.63 1.85 12.01
N LEU A 565 16.16 0.76 11.38
CA LEU A 565 15.60 0.89 10.02
C LEU A 565 14.11 0.76 9.93
N LEU A 566 13.46 0.10 10.90
CA LEU A 566 12.01 -0.24 10.73
C LEU A 566 11.14 0.25 11.87
N ALA A 567 11.69 1.15 12.69
CA ALA A 567 11.00 1.72 13.84
C ALA A 567 10.67 0.60 14.79
N THR A 568 11.65 -0.26 15.05
CA THR A 568 11.49 -1.29 16.10
C THR A 568 10.20 -2.09 15.93
N ARG A 569 9.62 -2.08 14.74
CA ARG A 569 8.32 -2.71 14.55
C ARG A 569 8.37 -4.20 14.23
N MET A 570 9.56 -4.79 14.12
CA MET A 570 9.68 -6.23 13.89
C MET A 570 9.00 -7.07 14.96
N ARG A 571 8.29 -8.12 14.53
CA ARG A 571 7.41 -8.90 15.44
C ARG A 571 8.01 -10.22 15.91
N THR A 572 7.55 -10.66 17.07
CA THR A 572 8.01 -11.90 17.63
C THR A 572 7.93 -13.02 16.61
N TYR A 573 6.86 -12.99 15.82
CA TYR A 573 6.56 -14.09 14.92
C TYR A 573 7.71 -14.34 13.99
N ASP A 574 8.16 -13.29 13.30
CA ASP A 574 9.33 -13.36 12.44
C ASP A 574 10.66 -13.59 13.20
N ILE A 575 10.75 -13.08 14.42
CA ILE A 575 11.98 -13.21 15.20
C ILE A 575 12.16 -14.57 15.89
N ALA A 576 11.10 -15.11 16.47
CA ALA A 576 11.24 -16.42 17.08
C ALA A 576 11.65 -17.52 16.08
N ARG A 577 11.00 -17.52 14.92
CA ARG A 577 11.28 -18.51 13.88
C ARG A 577 12.72 -18.62 13.35
N ILE A 578 13.56 -17.65 13.65
CA ILE A 578 14.87 -17.74 13.08
C ILE A 578 15.90 -18.12 14.18
N ALA A 579 15.44 -18.12 15.43
CA ALA A 579 16.31 -18.57 16.52
C ALA A 579 16.94 -19.95 16.28
N GLY A 580 16.21 -20.92 15.80
CA GLY A 580 16.81 -22.23 15.69
C GLY A 580 17.82 -22.35 14.55
N THR A 581 17.65 -21.56 13.48
CA THR A 581 18.61 -21.59 12.41
C THR A 581 19.91 -20.98 12.92
N TYR A 582 19.78 -19.84 13.58
CA TYR A 582 20.92 -19.20 14.16
C TYR A 582 21.64 -20.22 15.01
N SER A 583 20.85 -21.09 15.62
CA SER A 583 21.32 -21.97 16.67
C SER A 583 22.14 -23.05 16.04
N HIS A 584 21.70 -23.51 14.88
CA HIS A 584 22.41 -24.59 14.21
C HIS A 584 23.45 -24.10 13.25
N ALA A 585 23.13 -23.07 12.49
CA ALA A 585 23.99 -22.60 11.44
C ALA A 585 25.17 -21.72 11.89
N LEU A 586 25.00 -20.95 12.95
CA LEU A 586 26.01 -19.99 13.32
C LEU A 586 26.37 -20.17 14.77
N PRO A 587 26.72 -21.39 15.18
CA PRO A 587 26.99 -21.55 16.60
C PRO A 587 28.22 -20.80 17.16
N ASN A 588 29.08 -20.23 16.31
CA ASN A 588 30.25 -19.48 16.79
C ASN A 588 29.97 -18.05 17.24
N LEU A 589 28.70 -17.65 17.15
CA LEU A 589 28.33 -16.30 17.46
C LEU A 589 28.52 -16.07 18.95
N LEU A 590 29.08 -14.92 19.30
CA LEU A 590 29.15 -14.51 20.69
C LEU A 590 27.72 -14.30 21.28
N SER A 591 26.85 -13.57 20.60
CA SER A 591 25.55 -13.27 21.22
C SER A 591 24.54 -12.76 20.21
N LEU A 592 23.26 -12.89 20.55
CA LEU A 592 22.20 -12.27 19.80
C LEU A 592 21.68 -11.10 20.60
N GLU A 593 21.90 -9.90 20.08
CA GLU A 593 21.30 -8.77 20.73
C GLU A 593 19.82 -8.84 20.34
N CYS A 594 18.92 -9.08 21.28
CA CYS A 594 17.59 -9.37 20.85
C CYS A 594 16.51 -8.87 21.79
N TRP A 595 16.89 -8.01 22.71
CA TRP A 595 15.98 -7.54 23.69
C TRP A 595 16.41 -6.19 24.16
N GLY A 596 15.56 -5.50 24.93
CA GLY A 596 15.91 -4.16 25.44
C GLY A 596 15.81 -3.08 24.37
N GLY A 597 16.35 -1.89 24.67
CA GLY A 597 16.22 -0.73 23.74
C GLY A 597 14.75 -0.36 23.63
N ALA A 598 14.30 0.05 22.44
CA ALA A 598 12.87 0.37 22.24
C ALA A 598 11.95 -0.87 22.17
N THR A 599 12.50 -2.08 22.10
CA THR A 599 11.63 -3.22 21.84
C THR A 599 10.68 -3.54 22.98
N PHE A 600 11.06 -3.18 24.22
CA PHE A 600 10.24 -3.50 25.38
C PHE A 600 8.85 -2.87 25.30
N ASP A 601 8.79 -1.56 25.08
CA ASP A 601 7.47 -0.99 25.07
C ASP A 601 6.82 -0.98 23.70
N VAL A 602 7.64 -1.03 22.65
CA VAL A 602 7.06 -1.04 21.30
C VAL A 602 6.17 -2.28 21.02
N SER A 603 6.74 -3.47 21.21
CA SER A 603 6.02 -4.71 21.22
C SER A 603 4.64 -4.59 21.87
N MET A 604 4.62 -4.02 23.07
CA MET A 604 3.36 -3.94 23.83
C MET A 604 2.50 -2.87 23.23
N ARG A 605 3.01 -1.64 23.26
CA ARG A 605 2.30 -0.47 22.75
C ARG A 605 1.79 -0.57 21.31
N PHE A 606 2.58 -1.09 20.39
CA PHE A 606 2.26 -1.04 18.97
C PHE A 606 2.07 -2.39 18.28
N LEU A 607 2.70 -3.42 18.81
CA LEU A 607 2.64 -4.73 18.20
C LEU A 607 1.66 -5.67 18.90
N THR A 608 1.10 -5.21 20.05
CA THR A 608 0.17 -5.98 20.90
C THR A 608 0.77 -7.30 21.36
N GLU A 609 2.00 -7.24 21.86
CA GLU A 609 2.66 -8.48 22.21
C GLU A 609 3.68 -8.38 23.34
N ASP A 610 3.68 -9.43 24.17
CA ASP A 610 4.51 -9.57 25.36
C ASP A 610 5.98 -9.73 24.99
N PRO A 611 6.86 -8.80 25.42
CA PRO A 611 8.29 -9.00 25.19
C PRO A 611 8.91 -10.08 26.04
N TRP A 612 8.24 -10.53 27.10
CA TRP A 612 8.76 -11.63 27.87
C TRP A 612 8.55 -12.90 27.11
N GLU A 613 7.45 -12.98 26.36
CA GLU A 613 7.17 -14.17 25.56
C GLU A 613 8.08 -14.20 24.33
N ARG A 614 8.47 -13.03 23.85
CA ARG A 614 9.42 -12.97 22.77
C ARG A 614 10.71 -13.56 23.28
N LEU A 615 11.16 -13.07 24.46
CA LEU A 615 12.47 -13.46 25.02
C LEU A 615 12.52 -14.97 25.30
N ALA A 616 11.39 -15.49 25.78
CA ALA A 616 11.27 -16.89 26.07
C ALA A 616 11.40 -17.68 24.80
N LEU A 617 10.80 -17.17 23.73
CA LEU A 617 10.81 -17.93 22.52
C LEU A 617 12.20 -17.99 21.93
N ILE A 618 12.95 -16.89 21.97
CA ILE A 618 14.30 -16.91 21.42
C ILE A 618 15.15 -17.75 22.32
N ARG A 619 14.86 -17.73 23.62
CA ARG A 619 15.65 -18.56 24.54
C ARG A 619 15.47 -20.06 24.23
N GLU A 620 14.30 -20.46 23.79
CA GLU A 620 14.21 -21.89 23.61
C GLU A 620 14.65 -22.29 22.25
N GLY A 621 14.83 -21.31 21.37
CA GLY A 621 15.23 -21.56 20.02
C GLY A 621 16.72 -21.66 19.86
N ALA A 622 17.48 -21.04 20.78
CA ALA A 622 18.93 -20.88 20.69
C ALA A 622 19.52 -21.08 22.06
N PRO A 623 19.41 -22.32 22.56
CA PRO A 623 19.92 -22.60 23.91
C PRO A 623 21.41 -22.62 23.97
N ASN A 624 22.10 -22.17 22.92
CA ASN A 624 23.52 -22.32 22.93
C ASN A 624 24.21 -21.05 22.78
N LEU A 625 23.49 -19.98 22.43
CA LEU A 625 24.11 -18.64 22.35
C LEU A 625 23.75 -17.74 23.52
N LEU A 626 24.59 -16.74 23.75
CA LEU A 626 24.24 -15.71 24.69
C LEU A 626 23.15 -14.81 24.11
N LEU A 627 22.26 -14.36 24.98
CA LEU A 627 21.19 -13.47 24.58
C LEU A 627 21.49 -12.14 25.23
N GLN A 628 21.40 -11.05 24.44
CA GLN A 628 21.93 -9.76 24.90
C GLN A 628 20.83 -8.74 24.91
N MET A 629 20.73 -7.94 25.97
CA MET A 629 19.82 -6.79 25.93
C MET A 629 20.60 -5.49 26.08
N LEU A 630 20.09 -4.41 25.48
CA LEU A 630 20.62 -3.09 25.81
C LEU A 630 19.82 -2.62 27.03
N LEU A 631 20.53 -2.18 28.06
CA LEU A 631 19.89 -1.69 29.26
C LEU A 631 20.45 -0.28 29.55
N ARG A 632 19.56 0.69 29.78
CA ARG A 632 19.99 2.03 30.20
C ARG A 632 20.05 2.20 31.72
N GLY A 633 21.16 1.82 32.33
CA GLY A 633 21.33 1.89 33.79
C GLY A 633 20.17 2.51 34.53
N ALA A 634 20.34 3.77 34.94
CA ALA A 634 19.33 4.56 35.62
C ALA A 634 17.91 4.09 35.42
N ASN A 635 17.56 3.71 34.20
CA ASN A 635 16.15 3.42 33.93
C ASN A 635 15.80 2.07 33.30
N GLY A 636 16.80 1.24 33.01
CA GLY A 636 16.53 -0.07 32.46
C GLY A 636 15.96 0.07 31.07
N VAL A 637 14.67 -0.17 30.92
CA VAL A 637 13.95 0.07 29.66
C VAL A 637 13.30 1.45 29.72
N GLY A 638 13.24 1.97 30.95
CA GLY A 638 13.14 3.40 31.25
C GLY A 638 12.58 4.46 30.33
N TYR A 639 11.29 4.67 30.45
CA TYR A 639 10.71 5.91 29.97
C TYR A 639 10.94 7.04 30.99
N THR A 640 11.31 6.69 32.22
CA THR A 640 11.66 7.72 33.20
C THR A 640 12.78 7.34 34.16
N ASN A 641 12.57 7.62 35.44
CA ASN A 641 13.51 7.30 36.52
C ASN A 641 12.78 6.57 37.62
N TYR A 642 13.40 5.48 38.08
CA TYR A 642 12.73 4.55 39.00
C TYR A 642 13.54 4.37 40.29
N PRO A 643 12.85 4.13 41.41
CA PRO A 643 13.63 3.93 42.63
C PRO A 643 14.59 2.79 42.40
N ASP A 644 15.69 2.75 43.14
CA ASP A 644 16.68 1.70 42.92
C ASP A 644 16.04 0.34 42.94
N ASN A 645 15.11 0.11 43.88
CA ASN A 645 14.57 -1.22 44.02
C ASN A 645 13.77 -1.66 42.81
N VAL A 646 13.37 -0.70 41.98
CA VAL A 646 12.62 -1.03 40.75
C VAL A 646 13.55 -1.43 39.61
N VAL A 647 14.65 -0.68 39.48
CA VAL A 647 15.75 -1.10 38.62
C VAL A 647 16.29 -2.46 39.05
N LYS A 648 16.46 -2.65 40.36
CA LYS A 648 16.95 -3.94 40.87
C LYS A 648 16.03 -5.07 40.50
N TYR A 649 14.75 -4.90 40.78
CA TYR A 649 13.71 -5.86 40.45
C TYR A 649 13.62 -6.17 39.00
N PHE A 650 13.74 -5.15 38.18
CA PHE A 650 13.71 -5.37 36.76
C PHE A 650 14.85 -6.29 36.25
N VAL A 651 16.09 -5.98 36.61
CA VAL A 651 17.24 -6.78 36.21
C VAL A 651 17.04 -8.24 36.67
N ARG A 652 16.38 -8.43 37.80
CA ARG A 652 16.28 -9.78 38.30
C ARG A 652 15.38 -10.58 37.36
N GLN A 653 14.29 -9.98 36.94
CA GLN A 653 13.37 -10.69 36.09
C GLN A 653 14.03 -10.90 34.71
N ALA A 654 14.74 -9.90 34.22
CA ALA A 654 15.41 -10.03 32.95
C ALA A 654 16.38 -11.22 32.99
N ALA A 655 17.13 -11.38 34.08
CA ALA A 655 17.96 -12.58 34.22
C ALA A 655 17.11 -13.87 34.31
N LYS A 656 16.00 -13.85 35.05
CA LYS A 656 15.10 -15.02 35.00
C LYS A 656 14.64 -15.27 33.54
N GLY A 657 14.29 -14.19 32.84
CA GLY A 657 13.63 -14.27 31.56
C GLY A 657 14.48 -14.89 30.46
N GLY A 658 15.79 -14.84 30.61
CA GLY A 658 16.64 -15.41 29.58
C GLY A 658 17.86 -14.60 29.18
N ILE A 659 18.12 -13.50 29.88
CA ILE A 659 19.21 -12.62 29.44
C ILE A 659 20.49 -13.09 30.08
N ASP A 660 21.58 -13.12 29.31
CA ASP A 660 22.91 -13.49 29.86
C ASP A 660 23.86 -12.32 29.79
N LEU A 661 23.69 -11.47 28.80
CA LEU A 661 24.64 -10.40 28.56
C LEU A 661 23.89 -9.10 28.61
N PHE A 662 24.06 -8.31 29.66
CA PHE A 662 23.46 -6.98 29.70
C PHE A 662 24.43 -5.86 29.28
N ARG A 663 24.16 -5.15 28.21
CA ARG A 663 25.05 -4.03 27.90
C ARG A 663 24.38 -2.83 28.52
N VAL A 664 25.02 -2.27 29.52
CA VAL A 664 24.38 -1.23 30.29
C VAL A 664 25.05 0.07 29.95
N PHE A 665 24.28 1.14 29.72
CA PHE A 665 24.86 2.45 29.43
C PHE A 665 24.11 3.53 30.18
N ASP A 666 24.70 4.72 30.20
CA ASP A 666 24.13 5.88 30.86
C ASP A 666 24.21 7.07 29.91
N CYS A 667 23.09 7.73 29.65
CA CYS A 667 23.03 8.67 28.54
C CYS A 667 23.94 9.89 28.72
N LEU A 668 24.46 10.08 29.92
CA LEU A 668 25.47 11.13 30.07
C LEU A 668 26.87 10.58 30.29
N ASN A 669 27.00 9.25 30.34
CA ASN A 669 28.26 8.57 30.66
C ASN A 669 28.62 8.83 32.10
N TRP A 670 27.62 8.97 32.96
CA TRP A 670 27.85 9.24 34.38
C TRP A 670 27.92 7.95 35.11
N VAL A 671 29.14 7.51 35.46
CA VAL A 671 29.34 6.16 35.99
C VAL A 671 28.49 5.95 37.20
N GLU A 672 28.34 7.02 37.95
CA GLU A 672 27.67 7.00 39.21
C GLU A 672 26.28 6.46 39.03
N ASN A 673 25.68 6.82 37.91
CA ASN A 673 24.31 6.47 37.58
C ASN A 673 24.20 5.07 37.00
N MET A 674 25.29 4.32 37.03
CA MET A 674 25.30 2.98 36.51
C MET A 674 25.60 1.94 37.61
N ARG A 675 25.94 2.42 38.81
CA ARG A 675 26.41 1.51 39.87
C ARG A 675 25.32 0.56 40.31
N VAL A 676 24.11 1.08 40.55
CA VAL A 676 22.96 0.25 40.86
C VAL A 676 22.83 -0.93 39.88
N SER A 677 22.63 -0.62 38.60
CA SER A 677 22.40 -1.63 37.57
C SER A 677 23.52 -2.63 37.53
N MET A 678 24.76 -2.13 37.52
CA MET A 678 25.88 -3.04 37.45
C MET A 678 25.83 -4.02 38.63
N ASP A 679 25.67 -3.49 39.83
CA ASP A 679 25.58 -4.36 40.98
C ASP A 679 24.44 -5.37 40.80
N ALA A 680 23.26 -4.94 40.41
CA ALA A 680 22.21 -5.91 40.14
C ALA A 680 22.66 -7.02 39.17
N ILE A 681 23.15 -6.64 38.00
CA ILE A 681 23.53 -7.64 37.01
C ILE A 681 24.49 -8.63 37.63
N ALA A 682 25.48 -8.12 38.38
CA ALA A 682 26.52 -8.98 38.95
C ALA A 682 25.85 -9.91 39.99
N GLU A 683 25.15 -9.32 40.93
CA GLU A 683 24.31 -10.08 41.83
C GLU A 683 23.62 -11.30 41.18
N GLU A 684 23.10 -11.14 39.97
CA GLU A 684 22.36 -12.23 39.33
C GLU A 684 23.28 -13.22 38.63
N ASN A 685 24.59 -13.01 38.74
CA ASN A 685 25.57 -13.88 38.11
C ASN A 685 25.61 -13.87 36.58
N LYS A 686 25.37 -12.71 36.00
CA LYS A 686 25.26 -12.54 34.56
C LYS A 686 26.29 -11.56 34.09
N LEU A 687 26.48 -11.46 32.79
CA LEU A 687 27.51 -10.60 32.22
C LEU A 687 27.13 -9.15 32.30
N CYS A 688 28.00 -8.36 32.91
CA CYS A 688 27.82 -6.91 32.95
C CYS A 688 28.77 -6.29 31.98
N GLU A 689 28.27 -5.77 30.86
CA GLU A 689 29.10 -5.07 29.87
C GLU A 689 28.82 -3.58 30.02
N ALA A 690 29.71 -2.84 30.67
CA ALA A 690 29.46 -1.43 30.87
C ALA A 690 29.91 -0.69 29.65
N ALA A 691 29.09 0.17 29.13
CA ALA A 691 29.43 0.76 27.86
C ALA A 691 29.85 2.24 28.00
N ILE A 692 30.86 2.65 27.24
CA ILE A 692 31.22 4.05 27.15
C ILE A 692 30.64 4.54 25.81
N CYS A 693 29.89 5.65 25.89
CA CYS A 693 29.20 6.16 24.72
C CYS A 693 30.19 6.94 23.97
N TYR A 694 30.33 6.75 22.67
CA TYR A 694 31.32 7.55 21.98
C TYR A 694 30.76 8.81 21.34
N THR A 695 31.41 9.94 21.55
CA THR A 695 31.03 11.17 20.84
C THR A 695 32.26 12.05 20.48
N GLY A 696 32.10 12.97 19.52
CA GLY A 696 33.19 13.84 19.12
C GLY A 696 34.20 13.18 18.19
N ASP A 697 35.45 13.59 18.29
CA ASP A 697 36.53 13.03 17.47
C ASP A 697 37.74 13.04 18.37
N ILE A 698 38.23 11.87 18.80
CA ILE A 698 39.37 11.85 19.73
C ILE A 698 40.57 12.43 19.04
N LEU A 699 40.58 12.48 17.70
CA LEU A 699 41.75 13.02 17.01
C LEU A 699 41.65 14.48 16.60
N ASN A 700 40.65 15.16 17.12
CA ASN A 700 40.44 16.54 16.76
C ASN A 700 40.77 17.50 17.89
N SER A 701 42.00 17.98 17.91
CA SER A 701 42.44 18.80 19.02
C SER A 701 41.44 19.89 19.33
N ALA A 702 40.70 20.36 18.31
CA ALA A 702 39.70 21.42 18.45
C ALA A 702 38.64 21.15 19.53
N ARG A 703 38.20 19.90 19.69
CA ARG A 703 37.12 19.62 20.62
C ARG A 703 37.64 18.73 21.75
N PRO A 704 38.34 19.35 22.71
CA PRO A 704 39.22 18.73 23.68
C PRO A 704 38.47 18.03 24.78
N LYS A 705 37.16 18.28 24.86
CA LYS A 705 36.38 17.78 25.97
C LYS A 705 36.24 16.30 25.82
N TYR A 706 36.16 15.79 24.59
CA TYR A 706 36.01 14.35 24.45
C TYR A 706 37.26 13.71 23.89
N ASP A 707 38.32 13.74 24.68
CA ASP A 707 39.59 13.25 24.19
C ASP A 707 39.82 11.78 24.52
N LEU A 708 41.05 11.34 24.36
CA LEU A 708 41.35 9.95 24.59
C LEU A 708 41.34 9.65 26.08
N LYS A 709 41.91 10.55 26.89
CA LYS A 709 41.91 10.31 28.34
C LYS A 709 40.48 10.13 28.85
N TYR A 710 39.57 10.94 28.30
CA TYR A 710 38.14 10.80 28.58
C TYR A 710 37.66 9.36 28.56
N TYR A 711 37.86 8.67 27.45
CA TYR A 711 37.50 7.27 27.35
C TYR A 711 38.34 6.27 28.19
N THR A 712 39.67 6.40 28.17
CA THR A 712 40.51 5.48 28.95
C THR A 712 40.23 5.53 30.47
N ASN A 713 40.18 6.75 31.03
CA ASN A 713 39.72 6.95 32.42
C ASN A 713 38.40 6.28 32.71
N LEU A 714 37.43 6.49 31.82
CA LEU A 714 36.13 5.92 31.96
C LEU A 714 36.22 4.38 32.01
N ALA A 715 36.97 3.80 31.07
CA ALA A 715 37.22 2.38 31.10
C ALA A 715 37.68 1.85 32.53
N VAL A 716 38.59 2.58 33.14
CA VAL A 716 39.22 2.20 34.39
C VAL A 716 38.16 2.34 35.47
N GLU A 717 37.40 3.41 35.42
CA GLU A 717 36.36 3.54 36.42
C GLU A 717 35.32 2.44 36.23
N LEU A 718 34.92 2.15 34.99
CA LEU A 718 33.96 1.08 34.80
C LEU A 718 34.50 -0.28 35.29
N GLU A 719 35.79 -0.51 35.07
CA GLU A 719 36.44 -1.71 35.65
C GLU A 719 36.30 -1.73 37.20
N LYS A 720 36.66 -0.66 37.90
CA LYS A 720 36.48 -0.63 39.36
C LYS A 720 35.01 -0.84 39.75
N ALA A 721 34.08 -0.31 38.98
CA ALA A 721 32.66 -0.52 39.28
C ALA A 721 32.19 -1.98 39.11
N GLY A 722 33.03 -2.85 38.59
CA GLY A 722 32.72 -4.29 38.51
C GLY A 722 32.33 -4.85 37.15
N ALA A 723 32.56 -4.08 36.07
CA ALA A 723 32.19 -4.59 34.74
C ALA A 723 32.93 -5.92 34.44
N HIS A 724 32.22 -6.89 33.88
CA HIS A 724 32.95 -8.00 33.26
C HIS A 724 33.47 -7.70 31.87
N ILE A 725 32.94 -6.69 31.18
CA ILE A 725 33.38 -6.34 29.82
C ILE A 725 33.14 -4.82 29.66
N ILE A 726 33.98 -4.15 28.85
CA ILE A 726 33.74 -2.76 28.49
C ILE A 726 33.23 -2.73 27.06
N ALA A 727 32.17 -1.99 26.81
CA ALA A 727 31.72 -1.79 25.45
C ALA A 727 32.02 -0.37 25.05
N VAL A 728 32.29 -0.16 23.75
CA VAL A 728 32.26 1.19 23.16
C VAL A 728 30.95 1.38 22.33
N ASP A 730 29.23 3.40 20.04
CA ASP A 730 29.25 4.50 19.11
C ASP A 730 27.84 4.70 18.52
N MET A 731 26.96 5.32 19.32
CA MET A 731 25.54 5.36 18.94
C MET A 731 25.24 6.11 17.64
N ALA A 732 26.09 7.08 17.27
CA ALA A 732 25.78 7.85 16.02
C ALA A 732 26.68 7.48 14.84
N GLY A 733 27.45 6.42 15.03
CA GLY A 733 28.49 6.00 14.12
C GLY A 733 29.54 7.07 13.87
N LEU A 734 30.10 7.64 14.94
CA LEU A 734 31.00 8.77 14.82
C LEU A 734 32.46 8.40 14.79
N LEU A 735 32.80 7.24 15.36
CA LEU A 735 34.18 6.73 15.29
C LEU A 735 34.66 6.61 13.85
N LYS A 736 35.87 7.05 13.62
CA LYS A 736 36.41 7.02 12.29
C LYS A 736 37.48 6.00 12.38
N PRO A 737 37.92 5.45 11.24
CA PRO A 737 38.87 4.32 11.33
C PRO A 737 40.24 4.66 11.97
N ALA A 738 40.84 5.77 11.59
CA ALA A 738 42.12 6.21 12.16
C ALA A 738 42.09 6.27 13.67
N ALA A 739 40.90 6.53 14.23
CA ALA A 739 40.74 6.70 15.66
C ALA A 739 40.47 5.35 16.35
N ALA A 740 39.75 4.51 15.63
CA ALA A 740 39.52 3.17 16.09
C ALA A 740 40.86 2.56 16.43
N LYS A 741 41.84 2.72 15.52
CA LYS A 741 43.25 2.27 15.70
C LYS A 741 43.93 2.82 16.95
N VAL A 742 43.87 4.13 17.16
CA VAL A 742 44.35 4.75 18.38
C VAL A 742 43.57 4.24 19.61
N LEU A 743 42.24 4.50 19.63
CA LEU A 743 41.36 4.22 20.78
C LEU A 743 41.42 2.77 21.31
N PHE A 744 41.29 1.80 20.40
CA PHE A 744 41.21 0.45 20.89
C PHE A 744 42.54 -0.08 21.39
N LYS A 745 43.64 0.39 20.77
CA LYS A 745 44.94 0.13 21.34
C LYS A 745 45.00 0.66 22.79
N ALA A 746 44.48 1.89 22.97
CA ALA A 746 44.63 2.62 24.22
C ALA A 746 43.83 1.94 25.28
N LEU A 747 42.60 1.55 24.95
CA LEU A 747 41.69 0.97 25.92
C LEU A 747 42.25 -0.35 26.45
N ARG A 748 42.88 -1.10 25.56
CA ARG A 748 43.33 -2.42 25.92
C ARG A 748 44.60 -2.36 26.69
N GLU A 749 45.31 -1.26 26.56
CA GLU A 749 46.41 -1.00 27.44
C GLU A 749 45.90 -0.46 28.77
N ALA A 750 44.68 0.06 28.82
CA ALA A 750 44.22 0.80 30.01
C ALA A 750 43.45 -0.07 30.98
N THR A 751 42.74 -1.07 30.46
CA THR A 751 42.06 -2.09 31.24
C THR A 751 42.30 -3.48 30.64
N GLY A 752 42.44 -4.48 31.51
CA GLY A 752 42.61 -5.86 31.07
C GLY A 752 41.36 -6.60 30.65
N LEU A 753 40.20 -5.97 30.88
CA LEU A 753 38.90 -6.55 30.45
C LEU A 753 38.80 -6.64 28.91
N PRO A 754 37.84 -7.43 28.40
CA PRO A 754 37.68 -7.48 26.94
C PRO A 754 36.91 -6.24 26.49
N ILE A 755 37.11 -5.80 25.25
CA ILE A 755 36.44 -4.61 24.74
C ILE A 755 35.52 -5.06 23.62
N HIS A 756 34.32 -4.50 23.58
CA HIS A 756 33.25 -4.88 22.61
C HIS A 756 32.91 -3.57 21.99
N PHE A 757 32.82 -3.54 20.65
CA PHE A 757 32.58 -2.30 19.88
C PHE A 757 31.22 -2.29 19.17
N HIS A 758 30.40 -1.28 19.41
CA HIS A 758 29.10 -1.16 18.74
C HIS A 758 29.06 0.11 17.93
N THR A 759 28.56 0.05 16.70
CA THR A 759 28.52 1.23 15.88
C THR A 759 27.43 1.14 14.81
N HIS A 760 27.24 2.24 14.07
CA HIS A 760 26.21 2.37 13.09
C HIS A 760 26.83 2.90 11.89
N ASP A 761 26.22 2.59 10.76
CA ASP A 761 26.84 2.82 9.49
C ASP A 761 26.26 4.03 8.80
N THR A 762 25.88 5.06 9.55
CA THR A 762 25.29 6.28 8.95
C THR A 762 26.18 7.05 7.94
N SER A 763 27.50 7.02 8.15
CA SER A 763 28.51 7.63 7.25
C SER A 763 28.84 6.72 6.07
N GLY A 764 28.45 5.46 6.20
CA GLY A 764 28.66 4.50 5.15
C GLY A 764 30.11 4.14 5.14
N ILE A 765 30.73 4.24 6.32
CA ILE A 765 32.13 3.78 6.50
C ILE A 765 32.34 3.04 7.84
N ALA A 766 31.27 2.68 8.52
CA ALA A 766 31.43 1.94 9.76
C ALA A 766 32.19 0.60 9.55
N ALA A 767 31.94 -0.06 8.43
CA ALA A 767 32.62 -1.31 8.13
C ALA A 767 34.13 -1.11 8.18
N ALA A 768 34.65 -0.04 7.60
CA ALA A 768 36.06 0.29 7.75
C ALA A 768 36.39 0.38 9.21
N THR A 769 35.58 1.11 9.98
CA THR A 769 35.98 1.34 11.36
C THR A 769 36.04 0.04 12.09
N VAL A 770 35.08 -0.81 11.80
CA VAL A 770 35.02 -2.13 12.42
C VAL A 770 36.32 -2.85 12.09
N LEU A 771 36.72 -2.82 10.82
CA LEU A 771 37.93 -3.57 10.36
C LEU A 771 39.19 -2.98 10.99
N ALA A 772 39.24 -1.67 11.06
CA ALA A 772 40.29 -0.99 11.76
C ALA A 772 40.29 -1.51 13.20
N ALA A 773 39.14 -1.50 13.87
CA ALA A 773 39.09 -1.92 15.27
C ALA A 773 39.62 -3.34 15.50
N VAL A 774 39.23 -4.26 14.62
CA VAL A 774 39.65 -5.66 14.66
C VAL A 774 41.14 -5.85 14.58
N GLU A 775 41.79 -5.04 13.75
CA GLU A 775 43.21 -5.15 13.53
C GLU A 775 43.80 -4.69 14.83
N ALA A 776 43.06 -3.81 15.51
CA ALA A 776 43.62 -3.03 16.59
C ALA A 776 43.60 -3.87 17.81
N GLY A 777 43.00 -5.04 17.68
CA GLY A 777 42.86 -5.90 18.82
C GLY A 777 41.49 -6.02 19.43
N VAL A 778 40.51 -5.24 19.01
CA VAL A 778 39.21 -5.39 19.72
C VAL A 778 38.66 -6.82 19.74
N ASP A 779 38.08 -7.15 20.89
CA ASP A 779 37.66 -8.48 21.29
C ASP A 779 36.33 -8.93 20.69
N ALA A 780 35.36 -8.03 20.57
CA ALA A 780 34.10 -8.41 19.92
C ALA A 780 33.47 -7.25 19.12
N VAL A 781 32.67 -7.55 18.12
CA VAL A 781 32.07 -6.46 17.39
C VAL A 781 30.65 -6.79 17.07
N ASP A 782 29.78 -5.78 16.94
CA ASP A 782 28.42 -6.00 16.51
C ASP A 782 28.32 -5.84 14.99
N ALA A 783 27.33 -6.48 14.39
CA ALA A 783 26.97 -6.24 12.99
C ALA A 783 25.56 -6.76 12.85
N ALA A 784 24.89 -6.37 11.76
CA ALA A 784 23.57 -6.86 11.48
C ALA A 784 23.60 -7.69 10.24
N MET A 785 22.81 -8.75 10.18
CA MET A 785 22.54 -9.44 8.91
C MET A 785 22.35 -8.47 7.74
N ASP A 786 22.76 -8.89 6.55
CA ASP A 786 22.96 -7.93 5.48
C ASP A 786 21.66 -7.20 5.16
N ALA A 787 20.55 -7.93 5.21
CA ALA A 787 19.26 -7.40 4.80
C ALA A 787 18.73 -6.31 5.72
N LEU A 788 19.31 -6.15 6.91
CA LEU A 788 18.91 -5.08 7.80
C LEU A 788 20.13 -4.36 8.28
N SER A 789 21.16 -4.24 7.45
CA SER A 789 22.35 -3.48 7.80
C SER A 789 22.48 -2.23 6.96
N GLY A 790 23.53 -1.46 7.24
CA GLY A 790 23.77 -0.26 6.49
C GLY A 790 22.91 0.84 7.03
N ASN A 791 23.02 2.00 6.41
CA ASN A 791 22.34 3.20 6.86
C ASN A 791 22.38 3.28 8.36
N THR A 792 21.25 3.56 8.98
CA THR A 792 21.38 3.90 10.39
C THR A 792 21.52 2.63 11.22
N SER A 793 21.53 1.49 10.57
CA SER A 793 21.73 0.24 11.26
C SER A 793 23.24 0.00 11.46
N GLN A 794 23.62 -1.20 11.88
CA GLN A 794 24.98 -1.59 11.92
C GLN A 794 25.57 -1.87 10.54
N PRO A 795 26.92 -1.92 10.47
CA PRO A 795 27.59 -2.34 9.24
C PRO A 795 27.21 -3.76 8.92
N CYS A 796 27.33 -4.14 7.66
CA CYS A 796 26.94 -5.45 7.16
C CYS A 796 27.78 -6.65 7.66
N LEU A 797 27.09 -7.63 8.28
CA LEU A 797 27.74 -8.73 8.95
C LEU A 797 28.37 -9.69 7.94
N GLY A 798 27.65 -10.01 6.88
CA GLY A 798 28.16 -10.94 5.88
C GLY A 798 29.51 -10.50 5.34
N SER A 799 29.58 -9.19 5.06
CA SER A 799 30.69 -8.56 4.35
C SER A 799 31.90 -8.29 5.27
N ILE A 800 31.63 -8.04 6.54
CA ILE A 800 32.70 -7.94 7.49
C ILE A 800 33.31 -9.30 7.70
N VAL A 801 32.50 -10.34 7.72
CA VAL A 801 33.00 -11.72 7.88
C VAL A 801 33.85 -12.13 6.66
N GLU A 802 33.40 -11.75 5.48
CA GLU A 802 34.11 -12.11 4.26
C GLU A 802 35.45 -11.37 4.17
N ALA A 803 35.45 -10.14 4.61
CA ALA A 803 36.68 -9.39 4.62
C ALA A 803 37.70 -10.02 5.59
N LEU A 804 37.22 -10.58 6.71
CA LEU A 804 38.09 -11.18 7.74
C LEU A 804 38.59 -12.61 7.39
N SER A 805 37.82 -13.24 6.54
CA SER A 805 37.96 -14.61 6.18
C SER A 805 39.40 -14.93 5.67
N GLY A 806 40.09 -15.85 6.37
CA GLY A 806 41.45 -16.27 6.06
C GLY A 806 42.50 -15.48 6.79
N SER A 807 42.09 -14.44 7.50
CA SER A 807 43.00 -13.68 8.32
C SER A 807 43.22 -14.37 9.67
N GLU A 808 44.28 -13.95 10.37
CA GLU A 808 44.61 -14.43 11.70
C GLU A 808 43.45 -14.33 12.65
N ARG A 809 42.57 -13.32 12.50
CA ARG A 809 41.49 -13.14 13.50
C ARG A 809 40.17 -13.53 12.96
N ASP A 810 40.22 -14.37 11.94
CA ASP A 810 39.05 -14.90 11.26
C ASP A 810 37.95 -15.39 12.23
N PRO A 811 36.77 -14.79 12.18
CA PRO A 811 35.74 -15.29 13.10
C PRO A 811 35.20 -16.72 12.84
N GLY A 812 35.44 -17.33 11.69
CA GLY A 812 34.88 -18.67 11.44
C GLY A 812 33.35 -18.74 11.44
N LEU A 813 32.72 -17.86 10.70
CA LEU A 813 31.31 -17.95 10.51
C LEU A 813 31.13 -18.30 9.06
N ASP A 814 30.16 -19.18 8.82
CA ASP A 814 29.93 -19.80 7.54
C ASP A 814 29.15 -18.83 6.69
N PRO A 815 29.83 -18.28 5.68
CA PRO A 815 29.18 -17.21 4.92
C PRO A 815 27.99 -17.70 4.05
N ALA A 816 27.96 -18.98 3.70
CA ALA A 816 26.80 -19.53 3.02
C ALA A 816 25.55 -19.38 3.89
N TRP A 817 25.71 -19.66 5.17
CA TRP A 817 24.59 -19.56 6.11
C TRP A 817 24.22 -18.14 6.37
N ILE A 818 25.21 -17.28 6.57
CA ILE A 818 24.92 -15.86 6.74
C ILE A 818 24.00 -15.41 5.62
N ARG A 819 24.31 -15.83 4.41
CA ARG A 819 23.55 -15.44 3.25
C ARG A 819 22.13 -15.96 3.32
N ARG A 820 21.99 -17.23 3.73
CA ARG A 820 20.68 -17.87 3.80
CA ARG A 820 20.69 -17.85 3.78
C ARG A 820 19.83 -17.12 4.78
N ILE A 821 20.36 -16.93 5.97
CA ILE A 821 19.64 -16.19 6.96
C ILE A 821 19.38 -14.79 6.45
N SER A 822 20.37 -14.15 5.85
CA SER A 822 20.13 -12.79 5.44
C SER A 822 18.89 -12.75 4.57
N PHE A 823 18.81 -13.68 3.63
CA PHE A 823 17.72 -13.74 2.67
C PHE A 823 16.37 -13.89 3.38
N TYR A 824 16.35 -14.65 4.47
CA TYR A 824 15.14 -14.81 5.25
C TYR A 824 14.75 -13.46 5.81
N TRP A 825 15.69 -12.71 6.38
CA TRP A 825 15.35 -11.39 6.88
C TRP A 825 14.79 -10.49 5.77
N GLU A 826 15.49 -10.46 4.64
CA GLU A 826 15.08 -9.67 3.51
C GLU A 826 13.61 -9.83 3.14
N ALA A 827 13.18 -11.09 3.12
CA ALA A 827 11.78 -11.44 2.94
C ALA A 827 10.99 -10.85 4.10
N VAL A 828 11.37 -11.20 5.33
CA VAL A 828 10.71 -10.65 6.51
C VAL A 828 10.58 -9.11 6.41
N ARG A 829 11.63 -8.44 5.92
CA ARG A 829 11.59 -7.00 5.89
C ARG A 829 10.59 -6.46 4.90
N ASN A 830 10.32 -7.19 3.83
CA ASN A 830 9.32 -6.71 2.85
C ASN A 830 7.95 -6.57 3.43
N GLN A 831 7.66 -7.31 4.50
CA GLN A 831 6.35 -7.27 5.15
C GLN A 831 6.07 -5.91 5.82
N TYR A 832 7.14 -5.24 6.23
CA TYR A 832 7.07 -4.05 7.08
C TYR A 832 7.34 -2.82 6.23
N ALA A 833 7.00 -2.92 4.94
CA ALA A 833 7.02 -1.77 4.05
C ALA A 833 6.57 -0.47 4.72
N ALA A 834 5.47 -0.46 5.45
CA ALA A 834 4.99 0.84 5.97
C ALA A 834 5.93 1.56 6.98
N PHE A 835 6.90 0.87 7.55
CA PHE A 835 7.71 1.53 8.54
C PHE A 835 9.08 1.91 7.98
N GLU A 836 9.22 1.75 6.67
CA GLU A 836 10.44 2.13 5.97
C GLU A 836 10.55 3.67 5.92
N SER A 837 11.75 4.18 6.11
CA SER A 837 11.96 5.62 6.10
C SER A 837 12.43 6.09 4.73
N ASP A 838 12.41 7.41 4.54
CA ASP A 838 12.79 8.04 3.26
C ASP A 838 14.33 8.23 3.07
N LEU A 839 15.12 7.62 3.95
CA LEU A 839 16.56 7.84 3.94
C LEU A 839 17.16 7.03 2.81
N LYS A 840 18.01 7.66 2.00
CA LYS A 840 18.49 7.06 0.77
C LYS A 840 19.94 6.55 0.71
N GLY A 841 20.70 6.63 1.81
CA GLY A 841 22.06 6.05 1.85
C GLY A 841 23.05 6.95 2.56
N PRO A 842 24.37 6.64 2.50
CA PRO A 842 25.42 7.27 3.34
C PRO A 842 25.28 8.77 3.49
N ALA A 843 25.46 9.28 4.71
CA ALA A 843 25.28 10.68 5.01
C ALA A 843 26.42 11.15 5.88
N SER A 844 27.40 11.85 5.31
CA SER A 844 28.50 12.35 6.12
C SER A 844 28.13 13.57 6.98
N GLU A 845 26.87 14.01 6.91
CA GLU A 845 26.34 15.06 7.78
C GLU A 845 26.34 14.57 9.22
N VAL A 846 26.44 13.26 9.40
CA VAL A 846 26.39 12.67 10.73
C VAL A 846 27.47 13.27 11.62
N TYR A 847 28.58 13.67 11.02
CA TYR A 847 29.71 14.23 11.79
C TYR A 847 29.38 15.61 12.24
N LEU A 848 28.46 16.24 11.51
CA LEU A 848 28.03 17.58 11.86
C LEU A 848 26.94 17.51 12.95
N HIS A 849 25.85 16.78 12.75
CA HIS A 849 24.77 16.85 13.72
C HIS A 849 24.85 15.88 14.85
N GLU A 850 25.25 14.67 14.55
CA GLU A 850 25.48 13.64 15.55
C GLU A 850 24.23 12.96 16.04
N MET A 851 23.21 12.83 15.19
CA MET A 851 21.97 12.18 15.65
C MET A 851 22.22 10.68 15.67
N PRO A 852 21.89 9.99 16.78
CA PRO A 852 22.12 8.54 16.84
C PRO A 852 21.32 7.82 15.78
N GLY A 853 21.76 6.62 15.37
CA GLY A 853 21.02 5.82 14.37
C GLY A 853 19.58 5.42 14.72
N GLY A 854 19.37 4.98 15.97
CA GLY A 854 18.05 4.71 16.54
C GLY A 854 17.15 5.92 16.77
N GLN A 855 17.57 7.11 16.28
CA GLN A 855 16.87 8.40 16.43
C GLN A 855 17.17 9.29 15.18
N PHE A 856 17.34 8.64 14.03
CA PHE A 856 17.46 9.40 12.78
C PHE A 856 16.24 9.08 11.95
N THR A 857 15.54 8.04 12.40
CA THR A 857 14.30 7.60 11.75
C THR A 857 13.07 8.41 12.28
N ASN A 858 12.76 8.21 13.56
CA ASN A 858 11.64 8.85 14.26
C ASN A 858 11.55 10.36 14.07
N LEU A 859 12.68 11.03 14.24
CA LEU A 859 12.78 12.48 14.18
C LEU A 859 12.43 13.17 12.87
N LYS A 860 13.00 12.76 11.74
CA LYS A 860 12.69 13.47 10.47
C LYS A 860 11.26 13.16 9.92
N GLU A 861 10.59 12.18 10.53
CA GLU A 861 9.20 11.76 10.24
C GLU A 861 8.25 12.31 11.30
N GLN A 862 8.83 12.73 12.44
CA GLN A 862 8.13 13.58 13.40
C GLN A 862 8.10 15.01 12.85
N ALA A 863 9.21 15.43 12.21
CA ALA A 863 9.33 16.76 11.57
C ALA A 863 8.43 16.95 10.34
N ARG A 864 8.23 15.90 9.54
CA ARG A 864 7.12 15.84 8.61
C ARG A 864 5.83 16.16 9.39
N SER A 865 5.42 15.25 10.27
CA SER A 865 4.13 15.36 10.99
C SER A 865 3.86 16.74 11.63
N LEU A 866 4.91 17.55 11.75
CA LEU A 866 4.82 18.93 12.30
C LEU A 866 4.69 20.06 11.25
N GLY A 867 4.87 19.74 9.97
CA GLY A 867 4.93 20.77 8.92
C GLY A 867 6.32 21.38 8.80
N LEU A 868 7.32 20.50 8.68
CA LEU A 868 8.73 20.89 8.59
C LEU A 868 9.49 19.76 7.90
N GLU A 869 8.87 19.28 6.82
CA GLU A 869 9.44 18.27 5.95
C GLU A 869 10.53 18.87 5.02
N THR A 870 10.34 20.11 4.57
CA THR A 870 11.31 20.76 3.67
C THR A 870 12.49 21.40 4.42
N ARG A 871 12.34 21.64 5.72
CA ARG A 871 13.38 22.30 6.45
C ARG A 871 13.96 21.41 7.54
N TRP A 872 14.47 20.24 7.14
CA TRP A 872 15.15 19.34 8.05
C TRP A 872 16.66 19.52 7.94
N HIS A 873 17.10 20.23 6.90
CA HIS A 873 18.52 20.58 6.75
C HIS A 873 18.96 21.60 7.74
N GLN A 874 18.17 22.69 7.85
CA GLN A 874 18.36 23.70 8.91
C GLN A 874 18.36 23.06 10.37
N VAL A 875 17.31 22.28 10.65
CA VAL A 875 17.12 21.57 11.92
C VAL A 875 18.45 21.01 12.40
N ALA A 876 19.08 20.20 11.54
CA ALA A 876 20.39 19.58 11.78
C ALA A 876 21.46 20.54 12.36
N GLN A 877 21.60 21.72 11.74
CA GLN A 877 22.54 22.75 12.20
C GLN A 877 22.30 23.24 13.65
N ALA A 878 21.03 23.39 14.02
CA ALA A 878 20.66 23.83 15.37
C ALA A 878 20.82 22.68 16.36
N TYR A 879 20.42 21.48 15.95
CA TYR A 879 20.61 20.28 16.75
C TYR A 879 22.11 20.18 17.02
N ALA A 880 22.94 20.47 16.03
CA ALA A 880 24.37 20.66 16.30
C ALA A 880 24.60 21.80 17.32
N ASP A 881 24.04 22.99 17.04
CA ASP A 881 24.17 24.17 17.92
C ASP A 881 23.65 23.91 19.34
N ALA A 882 22.37 23.56 19.46
CA ALA A 882 21.78 23.09 20.72
C ALA A 882 22.80 22.35 21.56
N ASN A 883 23.24 21.18 21.07
CA ASN A 883 24.27 20.39 21.74
C ASN A 883 25.30 21.28 22.39
N GLN A 884 25.84 22.22 21.61
CA GLN A 884 26.88 23.12 22.09
C GLN A 884 26.36 24.06 23.19
N MET A 885 25.10 24.46 23.06
CA MET A 885 24.45 25.35 24.00
C MET A 885 24.12 24.67 25.33
N PHE A 886 23.67 23.42 25.28
CA PHE A 886 23.57 22.60 26.48
C PHE A 886 24.95 22.29 26.99
N GLY A 887 26.00 22.60 26.25
CA GLY A 887 27.35 22.34 26.76
C GLY A 887 28.07 21.13 26.18
N ASP A 888 27.67 20.70 24.97
CA ASP A 888 28.28 19.55 24.28
C ASP A 888 28.18 18.28 25.08
N ILE A 889 27.03 17.62 24.95
CA ILE A 889 26.68 16.48 25.80
C ILE A 889 26.57 15.20 24.96
N VAL A 890 26.80 14.06 25.59
CA VAL A 890 26.54 12.78 24.99
C VAL A 890 25.08 12.74 24.59
N LYS A 891 24.76 12.18 23.43
CA LYS A 891 23.38 12.20 22.90
C LYS A 891 23.06 10.81 22.42
N VAL A 892 22.33 10.11 23.25
CA VAL A 892 21.89 8.75 23.08
C VAL A 892 20.54 8.75 23.86
N ALA A 893 19.64 7.80 23.59
CA ALA A 893 18.31 7.74 24.27
C ALA A 893 18.47 7.75 25.78
N PRO A 894 17.84 8.75 26.45
CA PRO A 894 16.97 9.84 25.96
C PRO A 894 17.55 11.25 25.80
N SER A 895 18.82 11.48 26.13
CA SER A 895 19.40 12.82 26.00
C SER A 895 19.14 13.35 24.63
N SER A 896 19.35 12.46 23.67
CA SER A 896 19.14 12.66 22.23
C SER A 896 17.79 13.30 21.87
N LYS A 897 16.69 12.69 22.33
CA LYS A 897 15.35 13.32 22.26
C LYS A 897 15.38 14.80 22.70
N VAL A 898 15.68 14.98 23.99
CA VAL A 898 15.68 16.30 24.59
C VAL A 898 16.36 17.27 23.62
N VAL A 899 17.37 16.80 22.89
CA VAL A 899 18.12 17.69 22.02
C VAL A 899 17.36 18.00 20.74
N GLY A 900 16.72 16.96 20.19
CA GLY A 900 15.86 17.11 19.00
C GLY A 900 14.90 18.26 19.18
N ASP A 901 14.25 18.25 20.35
CA ASP A 901 13.21 19.19 20.70
C ASP A 901 13.63 20.64 20.58
N MET A 902 14.88 20.93 20.93
CA MET A 902 15.37 22.32 20.88
C MET A 902 15.47 22.94 19.45
N ALA A 903 16.05 22.16 18.52
CA ALA A 903 16.13 22.48 17.07
C ALA A 903 14.75 22.49 16.41
N LEU A 904 13.94 21.47 16.69
CA LEU A 904 12.50 21.46 16.37
C LEU A 904 11.83 22.85 16.52
N MET A 905 12.09 23.51 17.64
CA MET A 905 11.43 24.75 17.97
C MET A 905 12.27 25.98 17.62
N MET A 906 13.60 25.86 17.64
CA MET A 906 14.49 26.97 17.24
C MET A 906 14.25 27.29 15.77
N VAL A 907 13.61 26.34 15.10
CA VAL A 907 13.15 26.44 13.72
C VAL A 907 11.63 26.76 13.64
N SER A 908 10.80 26.06 14.44
CA SER A 908 9.33 26.33 14.53
C SER A 908 9.06 27.76 14.98
N GLN A 909 9.89 28.26 15.90
CA GLN A 909 9.81 29.64 16.36
C GLN A 909 10.87 30.52 15.70
N ASP A 910 11.65 29.92 14.80
CA ASP A 910 12.72 30.65 14.11
C ASP A 910 13.62 31.40 15.09
N LEU A 911 14.22 30.66 16.01
CA LEU A 911 15.07 31.26 17.04
C LEU A 911 16.51 30.79 16.93
N THR A 912 17.43 31.69 17.30
CA THR A 912 18.86 31.38 17.38
C THR A 912 19.25 31.21 18.85
N VAL A 913 20.54 30.96 19.16
CA VAL A 913 20.91 30.56 20.54
C VAL A 913 20.96 31.68 21.59
N ALA A 914 21.39 32.87 21.18
CA ALA A 914 21.27 34.04 22.06
C ALA A 914 19.79 34.42 22.19
N ASP A 915 18.99 34.02 21.19
CA ASP A 915 17.53 34.20 21.18
C ASP A 915 16.78 33.20 22.09
N VAL A 916 17.24 31.95 22.10
CA VAL A 916 16.79 30.92 23.05
C VAL A 916 17.07 31.27 24.51
N VAL A 917 18.23 31.88 24.74
CA VAL A 917 18.63 32.41 26.05
C VAL A 917 18.40 33.94 26.19
N SER A 918 17.26 34.42 25.67
CA SER A 918 16.97 35.86 25.61
CA SER A 918 16.97 35.86 25.61
C SER A 918 15.90 36.32 26.60
C SER A 918 15.90 36.32 26.60
N PRO A 919 16.30 37.16 27.58
CA PRO A 919 15.42 37.79 28.58
C PRO A 919 14.17 38.45 28.02
N ASP A 920 14.23 38.89 26.75
CA ASP A 920 13.07 39.46 26.08
C ASP A 920 12.48 38.53 25.01
N ARG A 921 12.62 37.21 25.20
CA ARG A 921 11.95 36.25 24.30
C ARG A 921 11.35 35.04 24.99
N GLU A 922 10.03 35.10 25.22
CA GLU A 922 9.27 34.02 25.88
C GLU A 922 9.22 32.71 25.10
N VAL A 923 10.27 31.88 25.27
CA VAL A 923 10.29 30.52 24.73
C VAL A 923 9.58 29.56 25.66
N SER A 924 8.64 28.79 25.12
CA SER A 924 7.94 27.76 25.89
C SER A 924 8.67 26.42 25.73
N PHE A 925 9.78 26.27 26.46
CA PHE A 925 10.67 25.09 26.36
C PHE A 925 9.95 23.77 26.51
N PRO A 926 10.22 22.82 25.61
CA PRO A 926 9.64 21.48 25.72
C PRO A 926 9.79 20.90 27.16
N GLU A 927 8.81 20.12 27.60
CA GLU A 927 8.92 19.33 28.84
C GLU A 927 10.30 18.62 28.97
N SER A 928 10.60 17.72 28.05
CA SER A 928 11.89 17.01 28.06
C SER A 928 13.11 17.90 28.37
N VAL A 929 13.19 19.08 27.76
CA VAL A 929 14.29 19.99 28.07
C VAL A 929 14.19 20.44 29.52
N VAL A 930 12.99 20.89 29.93
CA VAL A 930 12.75 21.27 31.33
C VAL A 930 13.27 20.16 32.24
N SER A 931 12.85 18.94 31.94
CA SER A 931 13.20 17.83 32.77
C SER A 931 14.73 17.56 32.85
N MET A 932 15.38 17.30 31.72
CA MET A 932 16.81 16.99 31.74
C MET A 932 17.62 18.03 32.49
N LEU A 933 17.30 19.30 32.28
CA LEU A 933 18.03 20.43 32.85
C LEU A 933 17.83 20.53 34.34
N LYS A 934 16.86 19.78 34.83
CA LYS A 934 16.52 19.86 36.23
C LYS A 934 17.32 18.82 36.98
N GLY A 935 17.54 17.67 36.36
CA GLY A 935 18.38 16.68 37.00
C GLY A 935 17.99 15.27 36.66
N ASP A 936 16.85 15.09 36.00
CA ASP A 936 16.31 13.74 35.80
C ASP A 936 17.12 12.83 34.87
N LEU A 937 17.98 13.39 34.04
CA LEU A 937 18.82 12.51 33.27
C LEU A 937 20.16 12.33 33.93
N GLY A 938 20.41 13.14 34.95
CA GLY A 938 21.65 13.10 35.72
C GLY A 938 22.53 14.29 35.36
N GLN A 939 23.84 14.15 35.60
CA GLN A 939 24.78 15.25 35.43
C GLN A 939 25.88 15.01 34.37
N PRO A 940 26.06 15.94 33.44
CA PRO A 940 27.28 15.88 32.67
C PRO A 940 28.40 16.40 33.58
N PRO A 941 29.66 15.97 33.36
CA PRO A 941 30.71 16.30 34.32
C PRO A 941 30.85 17.78 34.57
N SER A 942 30.53 18.60 33.57
CA SER A 942 30.62 20.05 33.68
C SER A 942 29.43 20.63 34.36
N GLY A 943 28.44 19.80 34.70
CA GLY A 943 27.11 20.28 35.12
C GLY A 943 26.28 20.84 33.97
N TRP A 944 25.20 21.54 34.28
CA TRP A 944 24.36 22.22 33.26
C TRP A 944 24.71 23.68 33.16
N PRO A 945 24.47 24.29 31.97
CA PRO A 945 24.73 25.73 31.80
C PRO A 945 23.77 26.57 32.63
N GLU A 946 24.28 27.32 33.61
CA GLU A 946 23.38 27.98 34.57
C GLU A 946 22.24 28.72 33.87
N ALA A 947 22.58 29.77 33.09
CA ALA A 947 21.59 30.74 32.58
C ALA A 947 20.45 30.11 31.78
N LEU A 948 20.79 29.27 30.81
CA LEU A 948 19.76 28.59 30.03
C LEU A 948 18.76 27.94 31.00
N GLN A 949 19.27 27.09 31.90
CA GLN A 949 18.51 26.40 32.96
C GLN A 949 17.79 27.33 33.95
N LYS A 950 18.47 28.38 34.38
CA LYS A 950 17.83 29.35 35.23
C LYS A 950 16.57 29.87 34.52
N LYS A 951 16.70 30.29 33.26
CA LYS A 951 15.56 30.69 32.41
C LYS A 951 14.65 29.51 32.00
N ALA A 952 15.21 28.49 31.37
CA ALA A 952 14.44 27.27 31.08
C ALA A 952 13.42 26.91 32.17
N LEU A 953 13.90 26.79 33.42
CA LEU A 953 13.21 26.01 34.47
C LEU A 953 12.16 26.78 35.27
N LYS A 954 12.16 28.12 35.09
CA LYS A 954 11.05 29.02 35.45
C LYS A 954 10.64 29.06 36.94
N GLY A 955 11.64 29.03 37.82
CA GLY A 955 11.41 29.13 39.27
C GLY A 955 11.47 27.79 39.98
N GLU A 956 11.10 26.75 39.26
CA GLU A 956 11.25 25.39 39.71
C GLU A 956 12.74 25.05 39.96
N LYS A 957 12.98 24.27 41.00
CA LYS A 957 14.32 24.20 41.54
C LYS A 957 14.99 22.91 41.11
N PRO A 958 16.24 23.01 40.62
CA PRO A 958 17.05 21.92 40.16
C PRO A 958 17.84 21.19 41.23
N TYR A 959 18.33 20.01 40.86
CA TYR A 959 19.17 19.23 41.72
C TYR A 959 20.31 18.64 40.93
N THR A 960 21.27 18.04 41.65
CA THR A 960 22.56 17.66 41.07
C THR A 960 23.03 16.28 41.55
N VAL A 961 22.21 15.62 42.34
CA VAL A 961 22.51 14.29 42.85
C VAL A 961 21.94 13.23 41.90
N ARG A 962 22.18 11.96 42.19
CA ARG A 962 21.65 10.89 41.36
C ARG A 962 20.14 10.85 41.56
N PRO A 963 19.38 11.07 40.46
CA PRO A 963 17.89 11.02 40.56
C PRO A 963 17.43 9.77 41.29
N GLY A 964 17.99 8.61 40.93
CA GLY A 964 17.75 7.37 41.69
C GLY A 964 17.73 7.57 43.20
N SER A 965 18.61 8.43 43.72
CA SER A 965 18.86 8.42 45.15
C SER A 965 17.91 9.27 45.95
N LEU A 966 17.00 9.95 45.27
CA LEU A 966 16.09 10.86 45.93
C LEU A 966 14.74 10.20 46.05
N LEU A 967 14.55 9.19 45.21
CA LEU A 967 13.26 8.51 45.06
C LEU A 967 12.94 7.64 46.27
N LYS A 968 11.68 7.65 46.70
CA LYS A 968 11.21 6.72 47.72
C LYS A 968 11.23 5.32 47.10
N GLU A 969 11.77 4.34 47.82
CA GLU A 969 11.81 2.94 47.35
C GLU A 969 10.40 2.45 47.20
N ALA A 970 10.15 1.84 46.05
CA ALA A 970 8.82 1.38 45.65
C ALA A 970 8.24 0.35 46.62
N ASP A 971 7.02 0.61 47.14
CA ASP A 971 6.32 -0.44 47.88
C ASP A 971 5.80 -1.52 46.94
N LEU A 972 6.66 -2.49 46.69
CA LEU A 972 6.38 -3.55 45.72
C LEU A 972 5.09 -4.31 46.03
N ASP A 973 4.94 -4.85 47.24
CA ASP A 973 3.71 -5.58 47.63
C ASP A 973 2.41 -4.77 47.37
N ALA A 974 2.40 -3.51 47.79
CA ALA A 974 1.35 -2.53 47.47
C ALA A 974 1.18 -2.37 45.95
N GLU A 975 2.23 -1.89 45.27
CA GLU A 975 2.15 -1.66 43.84
C GLU A 975 1.64 -2.88 43.05
N ARG A 976 2.19 -4.05 43.37
CA ARG A 976 1.65 -5.33 42.90
C ARG A 976 0.14 -5.40 43.13
N LYS A 977 -0.32 -4.99 44.31
CA LYS A 977 -1.74 -5.10 44.67
C LYS A 977 -2.59 -4.21 43.76
N VAL A 978 -2.07 -3.03 43.47
CA VAL A 978 -2.75 -2.05 42.62
C VAL A 978 -3.07 -2.73 41.29
N ILE A 979 -2.04 -3.27 40.63
CA ILE A 979 -2.17 -3.88 39.30
C ILE A 979 -3.01 -5.17 39.30
N GLU A 980 -2.83 -6.00 40.33
CA GLU A 980 -3.57 -7.25 40.44
C GLU A 980 -5.06 -6.96 40.57
N LYS A 981 -5.44 -6.08 41.50
CA LYS A 981 -6.84 -5.65 41.60
C LYS A 981 -7.34 -5.12 40.27
N LYS A 982 -6.50 -4.37 39.57
CA LYS A 982 -6.92 -3.71 38.34
C LYS A 982 -7.25 -4.69 37.18
N LEU A 983 -6.38 -5.67 36.93
CA LEU A 983 -6.66 -6.72 35.94
C LEU A 983 -7.69 -7.71 36.48
N GLU A 984 -7.78 -7.81 37.81
CA GLU A 984 -8.74 -8.69 38.46
C GLU A 984 -8.26 -10.13 38.39
N ARG A 985 -6.93 -10.27 38.29
CA ARG A 985 -6.29 -11.56 38.33
C ARG A 985 -4.89 -11.37 38.87
N GLU A 986 -4.27 -12.45 39.33
CA GLU A 986 -2.88 -12.37 39.72
C GLU A 986 -2.07 -12.17 38.43
N VAL A 987 -0.89 -11.57 38.58
CA VAL A 987 0.02 -11.36 37.46
C VAL A 987 1.31 -12.06 37.81
N SER A 988 2.15 -12.27 36.80
CA SER A 988 3.43 -12.93 37.02
C SER A 988 4.47 -11.89 37.36
N ASP A 989 5.49 -12.30 38.09
CA ASP A 989 6.64 -11.42 38.37
C ASP A 989 7.03 -10.65 37.10
N PHE A 990 7.18 -11.36 35.97
CA PHE A 990 7.44 -10.72 34.69
C PHE A 990 6.45 -9.63 34.32
N GLU A 991 5.18 -9.98 34.35
CA GLU A 991 4.13 -9.06 33.98
C GLU A 991 4.17 -7.89 34.94
N PHE A 992 4.35 -8.19 36.23
CA PHE A 992 4.52 -7.15 37.21
C PHE A 992 5.72 -6.25 36.85
N ALA A 993 6.84 -6.83 36.41
CA ALA A 993 8.04 -6.05 36.05
C ALA A 993 7.72 -5.05 34.98
N SER A 994 6.91 -5.50 34.02
CA SER A 994 6.45 -4.71 32.89
C SER A 994 5.65 -3.50 33.36
N TYR A 995 4.76 -3.76 34.32
CA TYR A 995 3.93 -2.72 34.92
C TYR A 995 4.75 -1.66 35.63
N LEU A 996 5.81 -2.03 36.36
CA LEU A 996 6.66 -1.04 37.03
C LEU A 996 7.34 -0.16 35.99
N MET A 997 7.89 -0.75 34.93
CA MET A 997 8.46 0.06 33.85
C MET A 997 7.48 0.99 33.10
N TYR A 998 6.26 0.48 32.82
CA TYR A 998 5.26 1.13 31.95
C TYR A 998 3.82 0.84 32.37
N PRO A 999 3.37 1.43 33.49
CA PRO A 999 2.06 1.03 34.07
C PRO A 999 0.91 1.09 33.07
N LYS A 1000 0.81 2.26 32.41
CA LYS A 1000 -0.28 2.60 31.48
C LYS A 1000 -0.19 1.75 30.25
N VAL A 1001 1.01 1.66 29.69
CA VAL A 1001 1.19 0.82 28.51
C VAL A 1001 0.91 -0.63 28.79
N PHE A 1002 1.38 -1.14 29.94
CA PHE A 1002 1.11 -2.52 30.31
C PHE A 1002 -0.37 -2.74 30.55
N THR A 1003 -0.98 -1.83 31.29
CA THR A 1003 -2.42 -2.02 31.60
C THR A 1003 -3.18 -2.31 30.32
N ASP A 1004 -2.90 -1.50 29.30
CA ASP A 1004 -3.61 -1.53 28.04
C ASP A 1004 -3.36 -2.81 27.29
N PHE A 1005 -2.08 -3.19 27.17
CA PHE A 1005 -1.75 -4.46 26.52
C PHE A 1005 -2.44 -5.63 27.18
N ALA A 1006 -2.49 -5.60 28.51
CA ALA A 1006 -3.12 -6.65 29.31
C ALA A 1006 -4.58 -6.81 28.93
N LEU A 1007 -5.24 -5.68 28.70
CA LEU A 1007 -6.64 -5.69 28.40
C LEU A 1007 -6.83 -5.95 26.90
N ALA A 1008 -5.94 -5.42 26.08
CA ALA A 1008 -6.00 -5.77 24.66
C ALA A 1008 -5.78 -7.26 24.45
N SER A 1009 -4.93 -7.87 25.28
CA SER A 1009 -4.73 -9.32 25.26
C SER A 1009 -6.01 -10.08 25.67
N ASP A 1010 -6.66 -9.64 26.74
CA ASP A 1010 -7.88 -10.29 27.20
C ASP A 1010 -8.97 -10.29 26.11
N THR A 1011 -8.89 -9.34 25.20
CA THR A 1011 -9.88 -9.25 24.13
C THR A 1011 -9.51 -10.08 22.90
N TYR A 1012 -8.23 -10.14 22.58
CA TYR A 1012 -7.84 -10.66 21.29
C TYR A 1012 -7.09 -11.95 21.26
N GLY A 1013 -6.82 -12.51 22.43
CA GLY A 1013 -6.13 -13.76 22.46
C GLY A 1013 -4.72 -13.49 22.01
N PRO A 1014 -3.99 -14.57 21.73
CA PRO A 1014 -2.57 -14.43 21.49
C PRO A 1014 -2.32 -14.04 20.04
N VAL A 1015 -2.72 -12.83 19.66
CA VAL A 1015 -2.37 -12.32 18.32
C VAL A 1015 -0.85 -12.39 17.95
N SER A 1016 0.05 -12.45 18.93
CA SER A 1016 1.43 -12.64 18.54
C SER A 1016 1.55 -13.85 17.62
N VAL A 1017 0.67 -14.85 17.78
CA VAL A 1017 0.80 -16.05 16.98
C VAL A 1017 0.46 -15.87 15.50
N LEU A 1018 0.09 -14.66 15.11
CA LEU A 1018 -0.35 -14.47 13.74
C LEU A 1018 0.80 -14.06 12.85
N PRO A 1019 0.81 -14.56 11.60
CA PRO A 1019 1.77 -14.14 10.60
C PRO A 1019 1.62 -12.65 10.35
N THR A 1020 2.74 -11.96 10.12
CA THR A 1020 2.76 -10.50 10.07
C THR A 1020 1.69 -9.89 9.15
N PRO A 1021 1.58 -10.40 7.91
CA PRO A 1021 0.55 -9.89 7.02
C PRO A 1021 -0.85 -9.98 7.60
N ALA A 1022 -1.18 -11.08 8.28
CA ALA A 1022 -2.50 -11.16 8.88
C ALA A 1022 -2.63 -10.19 10.02
N TYR A 1023 -1.53 -9.93 10.74
CA TYR A 1023 -1.59 -9.09 11.95
C TYR A 1023 -1.86 -7.64 11.60
N PHE A 1024 -1.21 -7.20 10.53
CA PHE A 1024 -1.34 -5.83 10.10
C PHE A 1024 -2.51 -5.64 9.16
N TYR A 1025 -2.99 -6.71 8.53
CA TYR A 1025 -3.98 -6.58 7.45
C TYR A 1025 -5.16 -7.56 7.43
N GLY A 1026 -5.28 -8.41 8.46
CA GLY A 1026 -6.36 -9.40 8.48
C GLY A 1026 -6.27 -10.29 7.25
N LEU A 1027 -7.43 -10.65 6.70
CA LEU A 1027 -7.46 -11.64 5.64
C LEU A 1027 -8.12 -11.09 4.39
N ALA A 1028 -7.59 -11.42 3.21
CA ALA A 1028 -8.33 -11.19 1.95
C ALA A 1028 -9.58 -12.05 1.88
N ASP A 1029 -10.34 -11.90 0.80
CA ASP A 1029 -11.51 -12.73 0.59
C ASP A 1029 -11.16 -14.13 0.07
N GLY A 1030 -11.80 -15.15 0.64
CA GLY A 1030 -11.45 -16.54 0.36
C GLY A 1030 -10.08 -16.98 0.89
N GLU A 1031 -9.29 -16.08 1.47
CA GLU A 1031 -7.95 -16.41 1.93
C GLU A 1031 -7.98 -17.31 3.15
N GLU A 1032 -7.03 -18.24 3.22
CA GLU A 1032 -6.95 -19.25 4.27
C GLU A 1032 -5.67 -19.07 5.01
N LEU A 1033 -5.71 -19.38 6.30
CA LEU A 1033 -4.58 -19.11 7.18
C LEU A 1033 -4.43 -20.23 8.20
N PHE A 1034 -3.23 -20.81 8.30
CA PHE A 1034 -2.91 -21.67 9.42
C PHE A 1034 -2.42 -20.73 10.49
N ALA A 1035 -2.96 -20.85 11.69
CA ALA A 1035 -2.51 -20.09 12.86
C ALA A 1035 -2.37 -21.06 14.05
N ASP A 1036 -1.16 -21.08 14.66
CA ASP A 1036 -0.87 -21.95 15.80
C ASP A 1036 -1.20 -21.23 17.09
N ILE A 1037 -2.06 -21.84 17.89
CA ILE A 1037 -2.28 -21.41 19.26
C ILE A 1037 -1.14 -21.88 20.20
N GLU A 1038 -0.64 -23.11 19.99
CA GLU A 1038 0.38 -23.80 20.80
C GLU A 1038 1.20 -24.65 19.84
N LYS A 1039 2.42 -25.03 20.23
CA LYS A 1039 3.17 -26.08 19.46
C LYS A 1039 2.37 -27.43 19.46
N GLY A 1040 1.21 -27.41 18.82
CA GLY A 1040 0.21 -28.49 18.96
C GLY A 1040 -0.46 -29.11 17.71
N LYS A 1041 -1.61 -28.62 17.25
CA LYS A 1041 -2.42 -27.45 17.75
C LYS A 1041 -2.54 -26.26 16.75
N THR A 1042 -2.63 -26.60 15.47
CA THR A 1042 -2.82 -25.67 14.35
C THR A 1042 -4.33 -25.36 14.03
N LEU A 1043 -4.71 -24.08 14.06
CA LEU A 1043 -6.07 -23.66 13.59
C LEU A 1043 -6.09 -23.35 12.11
N VAL A 1044 -6.97 -24.03 11.39
CA VAL A 1044 -7.22 -23.69 9.98
C VAL A 1044 -8.32 -22.60 9.90
N ILE A 1045 -7.98 -21.43 9.38
CA ILE A 1045 -8.94 -20.32 9.33
C ILE A 1045 -9.16 -19.74 7.93
N VAL A 1046 -10.41 -19.76 7.49
CA VAL A 1046 -10.75 -19.23 6.19
C VAL A 1046 -11.79 -18.14 6.31
N ASN A 1047 -11.46 -17.00 5.72
CA ASN A 1047 -12.37 -15.91 5.57
C ASN A 1047 -13.27 -16.22 4.39
N GLN A 1048 -14.51 -16.59 4.70
CA GLN A 1048 -15.53 -16.98 3.74
C GLN A 1048 -16.12 -15.76 3.10
N ALA A 1049 -16.50 -14.81 3.94
CA ALA A 1049 -17.35 -13.66 3.55
C ALA A 1049 -17.49 -12.60 4.64
N VAL A 1050 -17.57 -11.35 4.19
CA VAL A 1050 -17.83 -10.22 5.07
C VAL A 1050 -19.22 -9.62 4.79
N SER A 1051 -20.07 -9.55 5.82
CA SER A 1051 -21.42 -8.97 5.72
C SER A 1051 -21.43 -7.45 5.44
N ALA A 1052 -22.52 -6.80 5.85
CA ALA A 1052 -22.54 -5.35 6.08
C ALA A 1052 -23.01 -5.23 7.53
N THR A 1053 -22.90 -4.04 8.14
CA THR A 1053 -23.02 -3.89 9.63
C THR A 1053 -24.45 -3.76 10.30
N ASP A 1054 -24.56 -4.30 11.55
CA ASP A 1054 -25.83 -4.59 12.23
C ASP A 1054 -26.18 -3.68 13.45
N SER A 1055 -26.56 -4.29 14.60
CA SER A 1055 -27.26 -3.60 15.72
C SER A 1055 -26.75 -3.80 17.18
N GLN A 1056 -25.49 -3.38 17.38
CA GLN A 1056 -24.75 -3.32 18.65
C GLN A 1056 -23.45 -2.61 18.25
N GLY A 1057 -23.40 -2.27 16.96
CA GLY A 1057 -22.26 -1.63 16.29
C GLY A 1057 -21.62 -2.48 15.18
N MET A 1058 -22.00 -3.76 15.13
CA MET A 1058 -21.09 -4.81 14.66
C MET A 1058 -21.23 -5.27 13.18
N VAL A 1059 -20.12 -5.74 12.58
CA VAL A 1059 -20.12 -6.35 11.24
C VAL A 1059 -19.88 -7.86 11.36
N THR A 1060 -20.65 -8.63 10.58
CA THR A 1060 -20.43 -10.08 10.49
C THR A 1060 -19.34 -10.45 9.46
N VAL A 1061 -18.39 -11.26 9.90
CA VAL A 1061 -17.56 -11.97 8.97
C VAL A 1061 -17.88 -13.41 9.29
N PHE A 1062 -17.99 -14.22 8.24
CA PHE A 1062 -18.15 -15.64 8.43
C PHE A 1062 -16.81 -16.32 8.09
N PHE A 1063 -16.27 -17.07 9.03
CA PHE A 1063 -15.05 -17.76 8.81
C PHE A 1063 -15.34 -19.26 8.68
N GLU A 1064 -14.34 -20.01 8.24
CA GLU A 1064 -14.32 -21.44 8.45
C GLU A 1064 -13.16 -21.70 9.41
N LEU A 1065 -13.50 -22.15 10.62
CA LEU A 1065 -12.55 -22.53 11.64
C LEU A 1065 -12.55 -24.05 11.77
N ASN A 1066 -11.43 -24.68 11.38
CA ASN A 1066 -11.29 -26.14 11.42
C ASN A 1066 -12.48 -26.83 10.75
N GLY A 1067 -12.84 -26.27 9.60
CA GLY A 1067 -13.87 -26.80 8.72
C GLY A 1067 -15.29 -26.58 9.20
N GLN A 1068 -15.42 -26.05 10.41
CA GLN A 1068 -16.72 -25.82 11.00
C GLN A 1068 -17.02 -24.34 10.87
N PRO A 1069 -18.27 -23.97 10.62
CA PRO A 1069 -18.61 -22.58 10.38
C PRO A 1069 -18.81 -21.74 11.64
N ARG A 1070 -18.02 -20.67 11.77
CA ARG A 1070 -18.17 -19.73 12.88
C ARG A 1070 -18.60 -18.38 12.31
N ARG A 1071 -19.36 -17.61 13.08
CA ARG A 1071 -19.90 -16.33 12.63
C ARG A 1071 -19.58 -15.21 13.60
N ILE A 1072 -18.63 -14.36 13.24
CA ILE A 1072 -18.13 -13.33 14.17
C ILE A 1072 -18.63 -11.94 13.83
N LYS A 1073 -19.34 -11.35 14.79
CA LYS A 1073 -19.89 -9.98 14.74
C LYS A 1073 -18.94 -9.00 15.44
N VAL A 1074 -18.47 -7.99 14.70
CA VAL A 1074 -17.40 -7.08 15.17
C VAL A 1074 -17.73 -5.58 14.92
N PRO A 1075 -17.38 -4.70 15.88
CA PRO A 1075 -17.76 -3.28 15.79
C PRO A 1075 -17.06 -2.53 14.65
N ASP A 1076 -17.81 -2.16 13.61
CA ASP A 1076 -17.27 -1.27 12.57
C ASP A 1076 -16.66 -0.02 13.19
N ARG A 1077 -15.33 -0.03 13.35
CA ARG A 1077 -14.56 1.10 13.91
C ARG A 1077 -14.20 2.13 12.83
N PRO B 13 -50.33 50.35 -27.02
CA PRO B 13 -48.95 50.02 -27.39
C PRO B 13 -48.60 48.57 -27.04
N ILE B 14 -47.43 48.10 -27.50
CA ILE B 14 -47.00 46.73 -27.22
C ILE B 14 -46.45 46.58 -25.80
N SER B 15 -46.56 45.37 -25.27
CA SER B 15 -46.11 45.07 -23.92
C SER B 15 -45.64 43.60 -23.79
N LYS B 16 -45.43 42.94 -24.93
CA LYS B 16 -44.81 41.59 -24.92
C LYS B 16 -44.21 41.16 -26.26
N ILE B 17 -42.89 41.01 -26.28
CA ILE B 17 -42.16 40.56 -27.46
C ILE B 17 -41.51 39.18 -27.25
N LEU B 18 -41.97 38.23 -28.07
CA LEU B 18 -41.28 36.95 -28.27
C LEU B 18 -40.10 37.17 -29.23
N VAL B 19 -38.88 36.81 -28.82
CA VAL B 19 -37.78 36.96 -29.75
C VAL B 19 -37.55 35.69 -30.55
N ALA B 20 -38.04 35.70 -31.79
CA ALA B 20 -38.00 34.56 -32.72
C ALA B 20 -36.62 34.13 -33.26
N ASN B 21 -35.56 34.35 -32.48
CA ASN B 21 -34.19 33.97 -32.86
C ASN B 21 -33.48 33.34 -31.65
N ARG B 22 -32.13 33.39 -31.68
CA ARG B 22 -31.21 32.92 -30.60
C ARG B 22 -29.86 33.69 -30.56
N SER B 23 -28.79 33.03 -30.11
CA SER B 23 -27.45 33.64 -29.96
C SER B 23 -27.51 35.14 -29.57
N GLU B 24 -26.71 35.97 -30.26
CA GLU B 24 -26.46 37.37 -29.88
C GLU B 24 -27.62 38.35 -30.03
N ILE B 25 -28.37 38.23 -31.13
CA ILE B 25 -29.38 39.24 -31.48
C ILE B 25 -30.62 39.13 -30.58
N ALA B 26 -30.94 37.89 -30.19
CA ALA B 26 -31.98 37.60 -29.19
C ALA B 26 -31.77 38.50 -27.98
N ILE B 27 -30.52 38.56 -27.53
CA ILE B 27 -30.13 39.38 -26.42
C ILE B 27 -30.27 40.83 -26.83
N ARG B 28 -30.03 41.13 -28.11
CA ARG B 28 -30.07 42.53 -28.54
C ARG B 28 -31.50 43.04 -28.49
N VAL B 29 -32.46 42.17 -28.79
CA VAL B 29 -33.87 42.55 -28.73
C VAL B 29 -34.34 42.57 -27.26
N PHE B 30 -33.67 41.79 -26.42
CA PHE B 30 -34.14 41.60 -25.05
C PHE B 30 -34.01 42.88 -24.26
N ARG B 31 -32.83 43.46 -24.40
CA ARG B 31 -32.35 44.52 -23.57
C ARG B 31 -33.08 45.76 -23.96
N ALA B 32 -33.01 46.07 -25.25
CA ALA B 32 -33.73 47.19 -25.87
C ALA B 32 -35.24 47.06 -25.68
N ALA B 33 -35.66 45.87 -25.24
CA ALA B 33 -37.06 45.57 -24.90
C ALA B 33 -37.33 45.67 -23.39
N ASN B 34 -36.38 45.21 -22.60
CA ASN B 34 -36.46 45.38 -21.17
C ASN B 34 -36.38 46.88 -20.81
N GLU B 35 -35.49 47.59 -21.51
CA GLU B 35 -35.21 49.04 -21.41
C GLU B 35 -36.33 50.01 -21.86
N LEU B 36 -37.49 49.45 -22.23
CA LEU B 36 -38.64 50.23 -22.67
C LEU B 36 -39.90 49.69 -22.04
N GLY B 37 -39.75 48.91 -20.96
CA GLY B 37 -40.88 48.43 -20.17
C GLY B 37 -41.64 47.21 -20.71
N ILE B 38 -41.27 46.77 -21.92
CA ILE B 38 -41.93 45.68 -22.72
C ILE B 38 -41.46 44.26 -22.34
N LYS B 39 -42.41 43.33 -22.14
CA LYS B 39 -42.12 42.02 -21.49
C LYS B 39 -41.65 40.91 -22.45
N THR B 40 -40.51 40.30 -22.11
CA THR B 40 -39.77 39.39 -23.03
C THR B 40 -40.01 37.88 -22.92
N VAL B 41 -40.38 37.35 -24.08
CA VAL B 41 -40.45 35.92 -24.32
C VAL B 41 -39.16 35.49 -25.03
N ALA B 42 -38.70 34.29 -24.68
CA ALA B 42 -37.56 33.63 -25.32
C ALA B 42 -37.93 32.24 -25.79
N ILE B 43 -37.57 31.94 -27.05
CA ILE B 43 -37.66 30.57 -27.60
C ILE B 43 -36.28 29.85 -27.62
N TRP B 44 -36.34 28.54 -27.32
CA TRP B 44 -35.11 27.70 -27.36
C TRP B 44 -35.34 26.31 -27.82
N ALA B 45 -34.43 25.85 -28.68
CA ALA B 45 -34.47 24.48 -29.15
C ALA B 45 -33.94 23.65 -28.00
N GLU B 46 -34.23 22.35 -28.01
CA GLU B 46 -33.70 21.50 -26.96
C GLU B 46 -32.20 21.78 -26.93
N GLU B 47 -31.58 21.96 -28.11
CA GLU B 47 -30.12 22.06 -28.18
C GLU B 47 -29.52 23.35 -27.61
N ASP B 48 -30.37 24.35 -27.36
CA ASP B 48 -29.97 25.62 -26.74
C ASP B 48 -30.52 25.71 -25.31
N LYS B 49 -30.84 24.55 -24.72
CA LYS B 49 -31.34 24.48 -23.35
C LYS B 49 -30.31 24.94 -22.32
N LEU B 50 -29.05 25.02 -22.75
CA LEU B 50 -27.97 25.51 -21.89
C LEU B 50 -27.41 26.88 -22.30
N ALA B 51 -27.91 27.41 -23.42
CA ALA B 51 -27.67 28.78 -23.91
C ALA B 51 -28.20 29.87 -22.98
N LEU B 52 -27.70 31.09 -23.15
CA LEU B 52 -27.96 32.15 -22.19
C LEU B 52 -29.05 33.02 -22.73
N HIS B 53 -29.11 33.14 -24.06
CA HIS B 53 -30.17 33.90 -24.67
C HIS B 53 -31.44 33.50 -23.93
N ARG B 54 -31.62 32.20 -23.74
CA ARG B 54 -32.76 31.63 -23.05
C ARG B 54 -32.87 31.94 -21.53
N PHE B 55 -31.83 32.48 -20.92
CA PHE B 55 -31.94 32.83 -19.51
C PHE B 55 -32.22 34.29 -19.33
N LYS B 56 -32.23 35.02 -20.43
CA LYS B 56 -32.24 36.49 -20.42
C LYS B 56 -33.58 37.13 -20.80
N ALA B 57 -34.61 36.32 -20.88
CA ALA B 57 -35.93 36.88 -20.96
C ALA B 57 -36.63 36.71 -19.59
N ASP B 58 -37.93 37.04 -19.56
CA ASP B 58 -38.80 36.82 -18.39
C ASP B 58 -39.23 35.33 -18.40
N GLU B 59 -39.17 34.78 -19.60
CA GLU B 59 -39.75 33.50 -19.89
C GLU B 59 -39.17 32.87 -21.16
N SER B 60 -39.24 31.54 -21.14
CA SER B 60 -38.69 30.67 -22.14
C SER B 60 -39.48 29.35 -22.13
N TYR B 61 -39.76 28.83 -23.31
CA TYR B 61 -40.62 27.66 -23.46
C TYR B 61 -40.02 26.96 -24.65
N GLN B 62 -39.57 25.70 -24.45
CA GLN B 62 -38.91 25.03 -25.54
C GLN B 62 -39.84 24.93 -26.80
N VAL B 63 -39.18 24.90 -27.97
CA VAL B 63 -39.86 24.69 -29.23
C VAL B 63 -39.09 23.61 -30.01
N GLY B 64 -39.76 22.90 -30.92
CA GLY B 64 -39.05 22.01 -31.87
C GLY B 64 -39.27 20.53 -31.53
N ARG B 65 -39.99 20.35 -30.40
CA ARG B 65 -40.14 19.03 -29.79
C ARG B 65 -41.32 18.97 -28.86
N GLY B 66 -42.29 18.08 -29.21
CA GLY B 66 -43.51 17.85 -28.41
C GLY B 66 -44.55 16.92 -29.05
N PRO B 67 -45.80 16.95 -28.50
CA PRO B 67 -46.95 16.16 -28.96
C PRO B 67 -47.58 16.65 -30.27
N HIS B 68 -47.23 17.87 -30.71
CA HIS B 68 -47.78 18.44 -31.95
C HIS B 68 -46.90 18.11 -33.13
N LEU B 69 -45.71 17.52 -32.84
CA LEU B 69 -44.74 17.09 -33.85
C LEU B 69 -45.39 16.15 -34.88
N ARG B 71 -42.73 14.51 -36.04
CA ARG B 71 -41.37 14.27 -35.56
C ARG B 71 -40.71 15.55 -35.04
N ASP B 72 -39.51 15.40 -34.47
CA ASP B 72 -38.68 16.47 -33.87
C ASP B 72 -38.14 17.48 -34.88
N LEU B 73 -38.34 18.79 -34.66
CA LEU B 73 -37.66 19.77 -35.52
C LEU B 73 -36.18 20.04 -35.11
N GLY B 74 -35.25 19.54 -35.94
CA GLY B 74 -33.81 19.60 -35.65
C GLY B 74 -33.35 20.92 -35.07
N PRO B 75 -32.02 21.04 -34.78
CA PRO B 75 -31.48 22.21 -34.06
C PRO B 75 -31.89 23.50 -34.73
N ILE B 76 -31.82 23.50 -36.06
CA ILE B 76 -32.05 24.71 -36.85
C ILE B 76 -33.52 24.82 -37.09
N GLU B 77 -34.06 23.76 -37.66
CA GLU B 77 -35.48 23.61 -38.08
C GLU B 77 -36.54 24.14 -37.10
N SER B 78 -36.14 24.33 -35.85
CA SER B 78 -37.02 24.69 -34.74
C SER B 78 -37.13 26.20 -34.70
N TYR B 79 -36.30 26.82 -35.50
CA TYR B 79 -36.09 28.25 -35.45
C TYR B 79 -36.58 28.93 -36.78
N LEU B 80 -36.77 28.07 -37.77
CA LEU B 80 -37.33 28.42 -39.06
C LEU B 80 -38.78 27.94 -39.21
N SER B 81 -39.37 27.39 -38.13
CA SER B 81 -40.75 26.91 -38.20
C SER B 81 -41.80 27.95 -37.78
N ILE B 82 -42.36 28.64 -38.78
CA ILE B 82 -43.43 29.61 -38.57
C ILE B 82 -44.47 29.10 -37.54
N ASP B 83 -45.02 27.89 -37.80
CA ASP B 83 -45.99 27.27 -36.91
C ASP B 83 -45.54 27.33 -35.44
N GLU B 84 -44.48 26.58 -35.12
CA GLU B 84 -43.92 26.52 -33.77
C GLU B 84 -43.66 27.87 -33.11
N VAL B 85 -43.07 28.80 -33.88
CA VAL B 85 -42.85 30.19 -33.49
C VAL B 85 -44.16 30.92 -33.19
N ILE B 86 -45.15 30.76 -34.06
CA ILE B 86 -46.48 31.26 -33.78
C ILE B 86 -47.04 30.54 -32.55
N ARG B 87 -46.90 29.22 -32.46
CA ARG B 87 -47.42 28.50 -31.29
C ARG B 87 -47.01 29.15 -29.98
N VAL B 88 -45.72 29.44 -29.86
CA VAL B 88 -45.16 29.84 -28.58
C VAL B 88 -45.42 31.29 -28.28
N ALA B 89 -45.71 32.05 -29.35
CA ALA B 89 -46.15 33.42 -29.21
C ALA B 89 -47.48 33.46 -28.48
N LYS B 90 -48.44 32.69 -28.98
CA LYS B 90 -49.81 32.68 -28.42
C LYS B 90 -49.86 32.00 -27.05
N LEU B 91 -48.86 31.17 -26.78
CA LEU B 91 -48.82 30.43 -25.53
C LEU B 91 -48.57 31.34 -24.33
N SER B 92 -47.51 32.13 -24.41
CA SER B 92 -47.29 33.26 -23.51
C SER B 92 -48.32 34.38 -23.75
N GLY B 93 -48.36 34.92 -24.97
CA GLY B 93 -49.28 36.01 -25.27
C GLY B 93 -48.61 37.34 -25.59
N ALA B 94 -47.79 37.35 -26.65
CA ALA B 94 -47.23 38.58 -27.23
C ALA B 94 -48.28 39.36 -28.05
N ASP B 95 -48.19 40.69 -28.05
CA ASP B 95 -48.85 41.43 -29.12
C ASP B 95 -47.80 42.00 -30.08
N ALA B 96 -46.58 41.42 -30.03
CA ALA B 96 -45.57 41.58 -31.08
C ALA B 96 -44.36 40.57 -31.10
N ILE B 97 -43.84 40.36 -32.31
CA ILE B 97 -42.66 39.51 -32.59
C ILE B 97 -41.61 40.34 -33.35
N HIS B 98 -40.32 40.14 -32.98
CA HIS B 98 -39.14 40.61 -33.70
C HIS B 98 -38.44 39.36 -34.19
N PRO B 99 -38.16 39.21 -35.51
CA PRO B 99 -37.56 37.97 -36.04
C PRO B 99 -36.01 37.93 -36.08
N GLY B 100 -35.35 38.89 -35.44
CA GLY B 100 -33.88 39.01 -35.40
C GLY B 100 -33.38 39.21 -36.82
N TYR B 101 -32.23 38.61 -37.12
CA TYR B 101 -31.76 38.54 -38.51
C TYR B 101 -31.59 37.11 -39.06
N GLY B 102 -31.51 37.00 -40.39
CA GLY B 102 -31.45 35.71 -41.06
C GLY B 102 -32.70 34.86 -40.83
N LEU B 103 -32.48 33.68 -40.23
CA LEU B 103 -33.49 32.64 -40.01
C LEU B 103 -34.86 32.91 -40.71
N LEU B 104 -35.86 33.37 -39.98
CA LEU B 104 -37.15 33.67 -40.60
C LEU B 104 -37.44 35.17 -40.82
N SER B 105 -36.43 36.02 -40.55
CA SER B 105 -36.58 37.48 -40.64
C SER B 105 -36.95 38.10 -42.02
N GLU B 106 -36.58 37.47 -43.13
CA GLU B 106 -37.01 37.97 -44.45
C GLU B 106 -38.15 37.24 -45.22
N SER B 107 -38.78 36.26 -44.57
CA SER B 107 -39.89 35.49 -45.16
C SER B 107 -41.21 36.30 -45.27
N PRO B 108 -41.69 36.60 -46.51
CA PRO B 108 -42.97 37.32 -46.63
C PRO B 108 -44.10 36.44 -46.10
N GLU B 109 -43.82 35.15 -46.09
CA GLU B 109 -44.78 34.15 -45.66
CA GLU B 109 -44.75 34.13 -45.66
C GLU B 109 -45.03 34.21 -44.16
N PHE B 110 -43.97 34.43 -43.38
CA PHE B 110 -44.13 34.60 -41.94
C PHE B 110 -44.87 35.90 -41.63
N VAL B 111 -44.44 36.99 -42.28
CA VAL B 111 -45.05 38.29 -42.06
C VAL B 111 -46.54 38.03 -42.09
N ASP B 112 -46.95 37.11 -42.98
CA ASP B 112 -48.39 36.83 -43.29
C ASP B 112 -49.12 35.94 -42.28
N ALA B 113 -48.40 35.09 -41.56
CA ALA B 113 -48.96 34.34 -40.43
C ALA B 113 -49.10 35.18 -39.13
N CYS B 114 -48.16 36.10 -38.90
CA CYS B 114 -48.31 37.15 -37.88
C CYS B 114 -49.49 38.08 -38.22
N ASN B 115 -49.55 38.52 -39.48
CA ASN B 115 -50.69 39.24 -40.04
C ASN B 115 -52.00 38.54 -39.69
N LYS B 116 -51.89 37.22 -39.55
CA LYS B 116 -53.06 36.33 -39.43
C LYS B 116 -53.56 36.18 -37.99
N ALA B 117 -52.78 36.66 -37.03
CA ALA B 117 -53.09 36.54 -35.60
C ALA B 117 -53.48 37.87 -34.95
N GLY B 118 -53.03 38.97 -35.53
CA GLY B 118 -53.02 40.25 -34.84
C GLY B 118 -51.80 40.25 -33.95
N ILE B 119 -50.74 39.60 -34.43
CA ILE B 119 -49.40 39.72 -33.85
C ILE B 119 -48.55 40.63 -34.72
N ILE B 120 -47.98 41.64 -34.07
CA ILE B 120 -47.22 42.70 -34.74
C ILE B 120 -45.80 42.28 -35.15
N PHE B 121 -45.70 41.81 -36.40
CA PHE B 121 -44.43 41.53 -37.05
C PHE B 121 -43.54 42.78 -36.98
N ILE B 122 -42.47 42.73 -36.17
CA ILE B 122 -41.48 43.79 -36.23
C ILE B 122 -40.53 43.58 -37.44
N GLY B 123 -40.97 44.16 -38.56
CA GLY B 123 -40.35 44.02 -39.87
C GLY B 123 -41.17 44.92 -40.75
N PRO B 124 -41.28 44.61 -42.07
CA PRO B 124 -42.03 45.46 -43.01
C PRO B 124 -43.36 44.87 -43.48
N LYS B 125 -44.24 45.72 -44.01
CA LYS B 125 -45.41 45.21 -44.73
C LYS B 125 -44.94 44.05 -45.62
N ALA B 126 -45.80 43.05 -45.80
CA ALA B 126 -45.45 41.90 -46.63
C ALA B 126 -45.20 42.24 -48.11
N ASP B 127 -45.68 43.41 -48.55
N ASP B 127 -45.72 43.39 -48.56
CA ASP B 127 -45.46 43.89 -49.93
CA ASP B 127 -45.45 43.91 -49.91
C ASP B 127 -44.02 44.41 -50.18
C ASP B 127 -43.96 44.19 -50.12
N THR B 128 -43.32 44.79 -49.11
CA THR B 128 -41.93 45.20 -49.22
C THR B 128 -41.06 43.96 -49.37
N MET B 129 -41.54 42.84 -48.82
CA MET B 129 -40.75 41.61 -48.71
C MET B 129 -40.68 40.75 -49.96
N ARG B 130 -41.35 41.21 -51.03
CA ARG B 130 -41.31 40.46 -52.29
C ARG B 130 -40.68 41.30 -53.41
N GLN B 131 -40.87 42.62 -53.32
CA GLN B 131 -40.19 43.59 -54.18
C GLN B 131 -38.71 43.73 -53.80
N LEU B 132 -38.34 43.27 -52.61
CA LEU B 132 -36.96 43.43 -52.14
C LEU B 132 -36.27 42.13 -51.76
N GLY B 133 -36.75 41.03 -52.33
CA GLY B 133 -36.11 39.72 -52.23
C GLY B 133 -35.70 39.25 -53.62
N ASN B 134 -36.68 39.20 -54.52
CA ASN B 134 -36.45 38.95 -55.94
C ASN B 134 -35.65 40.14 -56.52
N LYS B 135 -34.35 39.92 -56.72
CA LYS B 135 -33.49 40.93 -57.39
C LYS B 135 -33.44 40.69 -58.89
N VAL B 136 -34.57 40.21 -59.42
CA VAL B 136 -34.95 40.37 -60.82
C VAL B 136 -36.10 41.40 -60.81
N ALA B 137 -36.49 41.80 -59.60
CA ALA B 137 -37.54 42.81 -59.38
C ALA B 137 -37.25 43.81 -58.24
N ALA B 138 -36.06 44.42 -58.29
CA ALA B 138 -35.71 45.55 -57.40
C ALA B 138 -34.74 46.49 -58.13
N ARG B 139 -34.05 45.94 -59.12
CA ARG B 139 -32.96 46.61 -59.85
C ARG B 139 -33.44 47.76 -60.74
N ASN B 140 -34.59 47.60 -61.39
CA ASN B 140 -35.14 48.66 -62.24
C ASN B 140 -35.73 49.82 -61.43
N LEU B 141 -36.15 49.50 -60.20
CA LEU B 141 -36.61 50.49 -59.22
C LEU B 141 -35.51 51.51 -58.91
N ALA B 142 -34.26 51.03 -58.90
CA ALA B 142 -33.07 51.90 -58.75
C ALA B 142 -32.85 52.81 -59.96
N ILE B 143 -33.07 52.28 -61.17
CA ILE B 143 -32.95 53.08 -62.41
C ILE B 143 -34.07 54.13 -62.49
N SER B 144 -35.17 53.87 -61.77
CA SER B 144 -36.35 54.73 -61.82
C SER B 144 -36.18 56.08 -61.10
N VAL B 145 -35.79 56.03 -59.81
CA VAL B 145 -35.60 57.26 -59.02
C VAL B 145 -34.25 57.98 -59.25
N GLY B 146 -33.31 57.29 -59.92
CA GLY B 146 -32.03 57.90 -60.32
C GLY B 146 -30.77 57.13 -59.94
N VAL B 147 -30.91 56.13 -59.08
CA VAL B 147 -29.77 55.33 -58.57
C VAL B 147 -29.20 54.42 -59.65
N PRO B 148 -27.88 54.49 -59.84
CA PRO B 148 -27.28 53.53 -60.76
C PRO B 148 -27.37 52.07 -60.28
N VAL B 149 -27.23 51.15 -61.23
CA VAL B 149 -27.01 49.72 -60.99
C VAL B 149 -25.88 49.30 -61.95
N VAL B 150 -25.21 48.17 -61.70
CA VAL B 150 -24.09 47.73 -62.56
C VAL B 150 -24.57 47.17 -63.92
N PRO B 151 -24.06 47.72 -65.06
CA PRO B 151 -24.66 47.51 -66.41
C PRO B 151 -24.86 46.03 -66.79
N ALA B 152 -26.11 45.65 -67.08
CA ALA B 152 -26.47 44.23 -67.29
C ALA B 152 -27.63 43.99 -68.28
N THR B 153 -28.17 42.77 -68.25
CA THR B 153 -29.36 42.36 -69.05
C THR B 153 -30.31 41.45 -68.22
N GLU B 154 -31.55 41.31 -68.71
CA GLU B 154 -32.63 40.58 -68.00
C GLU B 154 -32.40 39.06 -67.81
N PRO B 155 -32.98 38.47 -66.71
CA PRO B 155 -32.67 37.14 -66.13
C PRO B 155 -32.59 35.98 -67.13
N LEU B 156 -31.43 35.87 -67.79
CA LEU B 156 -31.18 35.01 -68.97
C LEU B 156 -32.24 34.89 -70.09
N PRO B 157 -31.83 35.22 -71.34
CA PRO B 157 -32.65 35.00 -72.54
C PRO B 157 -32.88 33.49 -72.84
N PRO B 173 -17.27 38.32 -68.54
CA PRO B 173 -17.53 39.70 -68.12
C PRO B 173 -18.61 39.76 -67.05
N VAL B 174 -18.69 38.72 -66.21
CA VAL B 174 -19.87 38.50 -65.38
C VAL B 174 -19.66 37.95 -63.97
N MET B 175 -20.78 37.64 -63.31
CA MET B 175 -20.89 36.94 -62.01
C MET B 175 -22.34 36.44 -61.94
N LEU B 176 -22.57 35.23 -61.40
CA LEU B 176 -23.92 34.61 -61.38
C LEU B 176 -24.61 34.62 -60.01
N LYS B 177 -25.66 35.45 -59.89
CA LYS B 177 -26.43 35.59 -58.65
C LYS B 177 -27.78 34.87 -58.74
N ALA B 178 -28.19 34.20 -57.66
CA ALA B 178 -29.51 33.57 -57.54
C ALA B 178 -30.59 34.54 -56.99
N SER B 179 -31.57 34.89 -57.81
CA SER B 179 -32.61 35.88 -57.45
C SER B 179 -33.03 35.91 -55.97
CA MET B 187 -22.79 32.62 -56.25
C MET B 187 -21.37 32.33 -56.76
N ARG B 188 -21.23 32.14 -58.07
CA ARG B 188 -19.94 31.87 -58.73
C ARG B 188 -19.63 32.95 -59.77
N VAL B 189 -18.83 32.60 -60.77
CA VAL B 189 -18.39 33.56 -61.80
C VAL B 189 -18.65 33.04 -63.24
N ILE B 190 -18.72 33.93 -64.23
CA ILE B 190 -18.83 33.53 -65.66
C ILE B 190 -17.78 34.18 -66.59
N ARG B 191 -17.02 33.35 -67.29
CA ARG B 191 -16.03 33.81 -68.29
C ARG B 191 -16.20 33.14 -69.67
N VAL B 216 -29.70 31.98 -61.30
CA VAL B 216 -30.48 33.21 -61.26
C VAL B 216 -30.19 34.09 -62.48
N TYR B 217 -29.61 35.27 -62.25
CA TYR B 217 -29.25 36.19 -63.33
C TYR B 217 -27.73 36.43 -63.38
N LEU B 218 -27.30 37.34 -64.24
CA LEU B 218 -25.87 37.63 -64.43
C LEU B 218 -25.61 39.14 -64.34
N GLU B 219 -24.61 39.53 -63.54
CA GLU B 219 -24.27 40.95 -63.41
C GLU B 219 -22.80 41.24 -63.75
N LYS B 220 -22.61 42.23 -64.63
CA LYS B 220 -21.28 42.73 -65.00
C LYS B 220 -20.41 42.73 -63.74
N LEU B 221 -19.54 41.72 -63.65
CA LEU B 221 -18.72 41.47 -62.46
C LEU B 221 -17.66 42.54 -62.32
N VAL B 222 -17.78 43.35 -61.29
CA VAL B 222 -16.82 44.42 -61.01
C VAL B 222 -15.46 43.82 -60.64
N GLU B 223 -14.39 44.32 -61.26
CA GLU B 223 -13.07 43.75 -61.03
C GLU B 223 -12.60 43.98 -59.57
N ARG B 224 -12.31 45.23 -59.22
CA ARG B 224 -12.00 45.59 -57.83
C ARG B 224 -13.11 46.47 -57.23
N ALA B 225 -14.00 45.87 -56.44
CA ALA B 225 -15.17 46.60 -55.90
C ALA B 225 -15.11 46.86 -54.39
N ARG B 226 -15.91 47.83 -53.93
CA ARG B 226 -15.99 48.21 -52.51
C ARG B 226 -17.45 48.23 -52.05
N HIS B 227 -17.83 47.24 -51.22
CA HIS B 227 -19.22 47.04 -50.73
C HIS B 227 -19.61 48.05 -49.68
N VAL B 228 -20.37 49.06 -50.10
CA VAL B 228 -20.84 50.16 -49.25
C VAL B 228 -22.38 50.29 -49.33
N GLU B 229 -23.00 50.85 -48.29
CA GLU B 229 -24.47 50.70 -48.10
C GLU B 229 -25.16 51.75 -47.20
N SER B 230 -26.38 52.14 -47.58
CA SER B 230 -27.20 53.05 -46.75
C SER B 230 -28.17 52.29 -45.84
N GLN B 231 -28.11 52.58 -44.55
CA GLN B 231 -29.07 52.05 -43.59
C GLN B 231 -30.21 53.01 -43.47
N ILE B 232 -31.41 52.49 -43.56
CA ILE B 232 -32.60 53.33 -43.47
C ILE B 232 -33.58 52.84 -42.40
N LEU B 233 -34.39 53.77 -41.90
CA LEU B 233 -35.50 53.51 -40.97
C LEU B 233 -36.75 54.20 -41.52
N GLY B 234 -37.91 53.57 -41.34
CA GLY B 234 -39.16 54.09 -41.91
C GLY B 234 -40.43 53.83 -41.13
N ASP B 235 -41.23 54.86 -40.90
CA ASP B 235 -42.44 54.76 -40.09
C ASP B 235 -43.70 54.46 -40.93
N THR B 236 -44.83 54.43 -40.24
CA THR B 236 -46.11 54.16 -40.88
C THR B 236 -46.74 55.42 -41.56
N HIS B 237 -46.19 56.59 -41.28
CA HIS B 237 -46.69 57.85 -41.86
C HIS B 237 -46.08 58.08 -43.24
N GLY B 238 -45.06 57.27 -43.56
CA GLY B 238 -44.45 57.19 -44.90
C GLY B 238 -43.13 57.92 -45.09
N ASN B 239 -42.39 58.09 -44.00
CA ASN B 239 -41.22 58.96 -43.99
C ASN B 239 -39.90 58.18 -44.00
N VAL B 240 -38.87 58.79 -44.59
CA VAL B 240 -37.54 58.18 -44.68
C VAL B 240 -36.42 59.20 -44.47
N VAL B 241 -35.34 58.68 -43.87
CA VAL B 241 -34.09 59.40 -43.59
C VAL B 241 -32.96 58.36 -43.42
N HIS B 242 -31.78 58.62 -44.01
CA HIS B 242 -30.65 57.67 -43.91
C HIS B 242 -29.95 57.69 -42.58
N LEU B 243 -29.44 56.52 -42.16
CA LEU B 243 -28.60 56.46 -40.96
C LEU B 243 -27.12 56.44 -41.34
N PHE B 244 -26.85 56.97 -42.52
CA PHE B 244 -25.53 56.98 -43.14
C PHE B 244 -25.08 55.56 -43.53
N GLU B 245 -24.07 55.49 -44.39
CA GLU B 245 -23.64 54.24 -44.98
C GLU B 245 -22.84 53.37 -44.03
N ARG B 246 -22.38 52.24 -44.57
CA ARG B 246 -21.48 51.33 -43.91
C ARG B 246 -20.54 50.77 -44.96
N ASP B 247 -19.28 50.53 -44.59
CA ASP B 247 -18.36 49.72 -45.41
C ASP B 247 -18.36 48.25 -44.98
N CYS B 248 -18.47 47.37 -45.98
CA CYS B 248 -18.36 45.92 -45.77
C CYS B 248 -17.54 45.28 -46.90
N SER B 249 -16.43 45.94 -47.24
CA SER B 249 -15.50 45.47 -48.26
C SER B 249 -14.89 44.14 -47.83
N VAL B 250 -14.42 44.08 -46.59
CA VAL B 250 -13.72 42.88 -46.11
C VAL B 250 -14.68 41.68 -45.96
N GLN B 251 -14.37 40.64 -46.75
CA GLN B 251 -15.19 39.44 -46.95
C GLN B 251 -14.29 38.19 -47.13
N ARG B 252 -14.59 37.12 -46.38
CA ARG B 252 -14.05 35.76 -46.65
C ARG B 252 -15.09 34.97 -47.46
N ARG B 253 -14.71 34.55 -48.68
CA ARG B 253 -15.57 33.75 -49.59
C ARG B 253 -16.87 34.50 -49.95
N ASN B 254 -16.79 35.83 -50.00
CA ASN B 254 -17.88 36.74 -50.42
C ASN B 254 -18.80 37.28 -49.30
N GLN B 255 -18.51 36.92 -48.06
CA GLN B 255 -19.40 37.33 -46.96
C GLN B 255 -18.76 38.42 -46.11
N LYS B 256 -19.62 39.25 -45.48
CA LYS B 256 -19.19 40.27 -44.52
C LYS B 256 -18.34 39.70 -43.37
N VAL B 257 -17.10 40.21 -43.23
CA VAL B 257 -16.24 39.86 -42.08
C VAL B 257 -15.86 41.10 -41.25
N VAL B 258 -15.47 42.18 -41.92
CA VAL B 258 -15.32 43.47 -41.25
C VAL B 258 -16.37 44.42 -41.77
N GLU B 259 -17.04 45.06 -40.82
CA GLU B 259 -18.12 45.99 -41.08
C GLU B 259 -17.90 47.36 -40.42
N ARG B 260 -17.67 48.37 -41.27
CA ARG B 260 -17.35 49.76 -40.86
C ARG B 260 -18.55 50.71 -40.97
N ALA B 261 -18.34 51.95 -40.55
CA ALA B 261 -19.36 53.00 -40.51
C ALA B 261 -18.81 54.21 -39.74
N PRO B 262 -18.69 55.41 -40.39
CA PRO B 262 -18.86 55.78 -41.82
C PRO B 262 -18.05 54.95 -42.83
N ALA B 263 -18.00 55.39 -44.09
CA ALA B 263 -17.12 54.79 -45.10
C ALA B 263 -15.87 55.65 -45.29
N PRO B 264 -14.74 55.23 -44.70
CA PRO B 264 -13.48 55.99 -44.71
C PRO B 264 -12.83 56.19 -46.08
N TYR B 265 -13.21 55.40 -47.08
CA TYR B 265 -12.68 55.63 -48.43
C TYR B 265 -13.43 56.75 -49.16
N LEU B 266 -14.60 57.11 -48.63
CA LEU B 266 -15.42 58.21 -49.13
C LEU B 266 -14.99 59.59 -48.60
N SER B 267 -14.78 60.53 -49.51
CA SER B 267 -14.79 61.93 -49.12
C SER B 267 -16.25 62.29 -48.81
N GLU B 268 -16.45 63.35 -48.05
CA GLU B 268 -17.80 63.82 -47.69
C GLU B 268 -18.72 63.97 -48.92
N ALA B 269 -18.13 64.37 -50.06
CA ALA B 269 -18.87 64.70 -51.31
C ALA B 269 -19.53 63.52 -52.06
N GLN B 270 -18.97 62.31 -51.90
CA GLN B 270 -19.52 61.09 -52.50
C GLN B 270 -20.53 60.44 -51.56
N ARG B 271 -20.46 60.83 -50.28
CA ARG B 271 -21.29 60.29 -49.18
C ARG B 271 -22.74 60.75 -49.27
N GLN B 272 -22.95 62.07 -49.42
CA GLN B 272 -24.28 62.66 -49.68
C GLN B 272 -24.74 62.48 -51.13
N GLU B 273 -23.80 62.20 -52.03
CA GLU B 273 -24.10 61.63 -53.36
C GLU B 273 -24.74 60.24 -53.20
N LEU B 274 -24.11 59.39 -52.36
CA LEU B 274 -24.60 58.05 -52.07
CA LEU B 274 -24.60 58.04 -52.10
C LEU B 274 -25.90 58.06 -51.28
N ALA B 275 -25.97 58.96 -50.31
CA ALA B 275 -27.11 59.08 -49.40
C ALA B 275 -28.33 59.83 -50.01
N ALA B 276 -28.21 60.26 -51.27
CA ALA B 276 -29.34 60.83 -52.02
C ALA B 276 -30.03 59.77 -52.89
N TYR B 277 -29.21 58.98 -53.61
CA TYR B 277 -29.68 57.77 -54.29
C TYR B 277 -30.59 57.01 -53.33
N SER B 278 -30.02 56.65 -52.17
CA SER B 278 -30.67 55.82 -51.14
C SER B 278 -31.92 56.42 -50.49
N LEU B 279 -31.90 57.72 -50.21
CA LEU B 279 -33.09 58.40 -49.68
C LEU B 279 -34.31 58.04 -50.53
N LYS B 280 -34.16 58.13 -51.86
CA LYS B 280 -35.25 57.94 -52.85
C LYS B 280 -35.85 56.52 -53.05
N ILE B 281 -35.00 55.49 -53.16
CA ILE B 281 -35.44 54.07 -53.24
C ILE B 281 -36.26 53.70 -52.01
N ALA B 282 -35.77 54.14 -50.84
CA ALA B 282 -36.42 53.93 -49.56
C ALA B 282 -37.84 54.49 -49.57
N GLY B 283 -38.03 55.58 -50.31
CA GLY B 283 -39.34 56.11 -50.58
C GLY B 283 -40.09 55.17 -51.50
N ALA B 284 -39.45 54.80 -52.60
CA ALA B 284 -40.07 54.01 -53.68
C ALA B 284 -40.66 52.66 -53.24
N THR B 285 -40.67 52.41 -51.93
CA THR B 285 -41.13 51.13 -51.35
C THR B 285 -42.03 51.26 -50.09
N ASN B 286 -42.32 52.50 -49.67
CA ASN B 286 -43.12 52.83 -48.46
C ASN B 286 -42.75 52.05 -47.20
N TYR B 287 -41.45 52.07 -46.91
CA TYR B 287 -40.77 51.11 -46.05
C TYR B 287 -40.91 51.30 -44.54
N ILE B 288 -41.13 50.18 -43.83
CA ILE B 288 -41.42 50.23 -42.40
C ILE B 288 -40.33 49.54 -41.54
N GLY B 289 -39.59 50.31 -40.74
CA GLY B 289 -38.62 49.72 -39.81
C GLY B 289 -37.23 49.62 -40.39
N ALA B 290 -36.42 48.69 -39.89
CA ALA B 290 -35.03 48.57 -40.36
C ALA B 290 -34.88 47.78 -41.65
N GLY B 291 -33.87 48.19 -42.42
CA GLY B 291 -33.63 47.75 -43.80
C GLY B 291 -32.48 48.56 -44.40
N THR B 292 -31.65 47.87 -45.20
CA THR B 292 -30.45 48.45 -45.81
C THR B 292 -30.59 48.45 -47.34
N VAL B 293 -30.27 49.57 -47.99
CA VAL B 293 -29.96 49.57 -49.42
C VAL B 293 -28.47 49.30 -49.56
N GLU B 294 -28.09 48.43 -50.48
CA GLU B 294 -26.68 48.00 -50.64
C GLU B 294 -26.13 48.38 -52.04
N TYR B 295 -24.79 48.53 -52.14
CA TYR B 295 -24.10 49.05 -53.35
C TYR B 295 -22.75 48.35 -53.66
N LEU B 296 -22.07 48.82 -54.71
CA LEU B 296 -20.74 48.30 -55.09
C LEU B 296 -19.87 49.31 -55.84
N MET B 297 -18.87 49.89 -55.16
CA MET B 297 -17.99 50.92 -55.74
C MET B 297 -16.79 50.33 -56.52
N ASP B 298 -16.65 50.74 -57.79
CA ASP B 298 -15.54 50.30 -58.65
C ASP B 298 -14.25 51.08 -58.35
N ALA B 299 -13.30 50.40 -57.69
CA ALA B 299 -12.00 50.98 -57.38
C ALA B 299 -11.48 51.72 -58.60
N ASP B 300 -11.60 51.05 -59.75
CA ASP B 300 -11.09 51.54 -61.04
C ASP B 300 -11.59 52.94 -61.39
N THR B 301 -12.88 53.19 -61.10
CA THR B 301 -13.55 54.43 -61.47
C THR B 301 -14.04 55.27 -60.28
N GLY B 302 -14.19 54.66 -59.10
CA GLY B 302 -14.66 55.38 -57.89
C GLY B 302 -16.13 55.79 -57.93
N LYS B 303 -16.90 55.16 -58.82
CA LYS B 303 -18.33 55.40 -58.99
C LYS B 303 -19.16 54.36 -58.24
N PHE B 304 -20.47 54.57 -58.12
CA PHE B 304 -21.37 53.60 -57.46
C PHE B 304 -22.31 52.90 -58.45
N TYR B 305 -22.72 51.67 -58.12
CA TYR B 305 -23.65 50.85 -58.93
C TYR B 305 -24.46 49.89 -58.04
N PHE B 306 -25.75 50.18 -57.82
CA PHE B 306 -26.60 49.48 -56.82
C PHE B 306 -26.75 47.95 -56.99
N ILE B 307 -26.83 47.24 -55.86
CA ILE B 307 -26.87 45.78 -55.84
CA ILE B 307 -26.90 45.78 -55.87
C ILE B 307 -28.21 45.20 -55.35
N GLU B 308 -28.45 45.25 -54.04
CA GLU B 308 -29.65 44.63 -53.47
C GLU B 308 -30.26 45.46 -52.32
N VAL B 309 -31.35 44.96 -51.72
CA VAL B 309 -31.84 45.47 -50.42
C VAL B 309 -32.00 44.35 -49.37
N ASN B 310 -31.38 44.55 -48.21
CA ASN B 310 -31.61 43.72 -47.04
C ASN B 310 -32.75 44.32 -46.24
N PRO B 311 -33.91 43.64 -46.21
CA PRO B 311 -35.16 44.14 -45.65
C PRO B 311 -35.44 43.72 -44.19
N ARG B 312 -34.63 44.25 -43.27
CA ARG B 312 -34.61 43.82 -41.86
C ARG B 312 -33.41 44.45 -41.12
N ILE B 313 -33.12 43.94 -39.90
CA ILE B 313 -31.89 44.33 -39.17
C ILE B 313 -30.75 43.40 -39.56
N GLN B 314 -29.54 43.93 -39.55
CA GLN B 314 -28.34 43.18 -39.94
C GLN B 314 -27.41 42.97 -38.75
N VAL B 315 -26.39 42.14 -38.97
CA VAL B 315 -25.32 41.90 -37.99
C VAL B 315 -24.52 43.18 -37.76
N GLU B 316 -24.33 43.96 -38.82
CA GLU B 316 -23.49 45.14 -38.73
C GLU B 316 -24.25 46.38 -38.27
N HIS B 317 -25.40 46.17 -37.66
CA HIS B 317 -26.25 47.29 -37.31
C HIS B 317 -25.64 48.13 -36.22
N THR B 318 -24.79 47.54 -35.40
CA THR B 318 -24.34 48.20 -34.19
C THR B 318 -23.32 49.33 -34.44
N VAL B 319 -22.54 49.23 -35.52
CA VAL B 319 -21.60 50.29 -35.92
C VAL B 319 -22.28 51.63 -36.28
N THR B 320 -23.61 51.60 -36.41
CA THR B 320 -24.41 52.79 -36.73
C THR B 320 -24.98 53.48 -35.48
N GLU B 321 -25.67 52.74 -34.61
CA GLU B 321 -26.19 53.24 -33.34
C GLU B 321 -25.21 54.05 -32.51
N VAL B 322 -24.04 53.47 -32.26
CA VAL B 322 -22.97 54.12 -31.49
C VAL B 322 -22.45 55.43 -32.15
N VAL B 323 -22.11 55.37 -33.43
CA VAL B 323 -21.53 56.50 -34.13
C VAL B 323 -22.60 57.54 -34.55
N THR B 324 -23.87 57.12 -34.56
CA THR B 324 -24.99 58.03 -34.88
C THR B 324 -25.92 58.41 -33.70
N GLY B 325 -25.66 57.85 -32.52
CA GLY B 325 -26.38 58.22 -31.28
C GLY B 325 -27.81 57.70 -31.15
N ILE B 326 -28.31 57.05 -32.20
CA ILE B 326 -29.71 56.65 -32.30
C ILE B 326 -29.84 55.11 -32.15
N ASP B 327 -30.69 54.67 -31.21
CA ASP B 327 -30.89 53.21 -30.91
C ASP B 327 -31.80 52.50 -31.92
N ILE B 328 -31.21 51.80 -32.90
CA ILE B 328 -31.94 51.25 -34.07
C ILE B 328 -32.99 50.18 -33.72
N VAL B 329 -32.66 49.24 -32.84
CA VAL B 329 -33.57 48.12 -32.48
C VAL B 329 -34.83 48.60 -31.71
N LYS B 330 -34.63 49.46 -30.72
CA LYS B 330 -35.69 50.26 -30.06
C LYS B 330 -36.56 51.06 -31.06
N ALA B 331 -35.90 51.62 -32.09
CA ALA B 331 -36.53 52.51 -33.10
C ALA B 331 -37.46 51.82 -34.07
N GLN B 332 -37.10 50.61 -34.51
CA GLN B 332 -38.06 49.69 -35.16
C GLN B 332 -39.21 49.31 -34.21
N ILE B 333 -38.98 49.41 -32.90
CA ILE B 333 -40.02 49.09 -31.91
C ILE B 333 -41.06 50.24 -31.79
N HIS B 334 -40.57 51.46 -31.59
CA HIS B 334 -41.40 52.66 -31.59
C HIS B 334 -41.86 52.97 -33.00
N ILE B 335 -41.04 52.64 -34.01
CA ILE B 335 -41.40 52.87 -35.44
C ILE B 335 -42.60 52.04 -35.88
N LEU B 336 -42.72 50.87 -35.27
CA LEU B 336 -43.88 50.03 -35.46
CA LEU B 336 -43.86 49.98 -35.43
C LEU B 336 -44.91 50.22 -34.33
N ASP B 337 -44.51 50.93 -33.26
CA ASP B 337 -45.45 51.31 -32.20
C ASP B 337 -46.43 52.41 -32.68
N GLY B 338 -45.98 53.23 -33.65
CA GLY B 338 -46.79 54.25 -34.36
C GLY B 338 -46.40 55.69 -34.15
N ALA B 339 -45.15 56.07 -34.49
CA ALA B 339 -44.63 57.41 -34.16
C ALA B 339 -43.71 58.07 -35.20
N ALA B 340 -43.92 59.36 -35.39
CA ALA B 340 -43.28 60.15 -36.46
C ALA B 340 -41.80 60.41 -36.27
N ILE B 341 -41.02 60.12 -37.32
CA ILE B 341 -39.59 60.43 -37.33
C ILE B 341 -39.40 61.86 -36.82
N GLY B 342 -38.49 62.03 -35.85
CA GLY B 342 -38.18 63.36 -35.30
C GLY B 342 -39.18 63.91 -34.28
N THR B 343 -39.90 62.99 -33.63
CA THR B 343 -40.82 63.31 -32.52
C THR B 343 -40.48 62.42 -31.31
N PRO B 344 -40.39 63.02 -30.09
CA PRO B 344 -39.89 62.37 -28.86
C PRO B 344 -40.30 60.90 -28.60
N GLN B 345 -41.34 60.43 -29.28
CA GLN B 345 -41.87 59.05 -29.10
C GLN B 345 -41.38 57.99 -30.11
N SER B 346 -40.61 58.40 -31.13
CA SER B 346 -40.06 57.45 -32.11
C SER B 346 -38.64 56.91 -31.78
N GLY B 347 -37.87 57.66 -30.99
CA GLY B 347 -36.45 57.39 -30.81
C GLY B 347 -35.73 57.47 -32.15
N VAL B 348 -36.03 58.53 -32.91
CA VAL B 348 -35.40 58.86 -34.19
C VAL B 348 -35.44 60.40 -34.39
N PRO B 349 -34.27 61.07 -34.34
CA PRO B 349 -34.15 62.51 -34.61
C PRO B 349 -34.68 62.92 -35.99
N ASN B 350 -34.55 64.20 -36.34
CA ASN B 350 -34.79 64.70 -37.69
C ASN B 350 -33.47 64.75 -38.48
N GLN B 351 -33.53 64.96 -39.81
CA GLN B 351 -32.35 64.81 -40.69
C GLN B 351 -30.98 65.39 -40.20
N GLU B 352 -30.88 66.72 -40.02
CA GLU B 352 -29.61 67.33 -39.58
CA GLU B 352 -29.63 67.35 -39.57
C GLU B 352 -29.36 67.13 -38.08
N ASP B 353 -30.34 66.58 -37.38
CA ASP B 353 -30.17 66.13 -35.98
C ASP B 353 -29.43 64.79 -35.93
N ILE B 354 -29.21 64.18 -37.10
CA ILE B 354 -28.45 62.94 -37.23
C ILE B 354 -26.97 63.20 -37.59
N ARG B 355 -26.11 63.28 -36.57
CA ARG B 355 -24.68 63.60 -36.80
C ARG B 355 -23.72 62.44 -36.53
N LEU B 356 -22.91 62.12 -37.54
CA LEU B 356 -21.87 61.12 -37.46
C LEU B 356 -20.75 61.55 -36.51
N ASN B 357 -20.62 60.85 -35.37
CA ASN B 357 -19.50 61.04 -34.44
C ASN B 357 -18.51 59.90 -34.57
N GLY B 358 -17.29 60.26 -35.00
CA GLY B 358 -16.20 59.31 -35.15
C GLY B 358 -16.52 58.09 -36.00
N HIS B 359 -15.63 57.10 -35.93
CA HIS B 359 -15.69 55.96 -36.82
C HIS B 359 -15.68 54.66 -36.06
N ALA B 360 -16.48 53.71 -36.54
CA ALA B 360 -16.72 52.48 -35.84
C ALA B 360 -16.57 51.29 -36.77
N LEU B 361 -15.98 50.21 -36.25
CA LEU B 361 -15.84 48.92 -36.96
C LEU B 361 -16.49 47.76 -36.18
N GLN B 362 -16.71 46.62 -36.83
CA GLN B 362 -17.07 45.42 -36.07
CA GLN B 362 -17.14 45.41 -36.10
C GLN B 362 -16.62 44.09 -36.62
N CYS B 363 -15.88 43.40 -35.74
CA CYS B 363 -15.32 42.08 -35.95
CA CYS B 363 -15.41 42.06 -36.01
C CYS B 363 -16.08 41.09 -35.07
N ARG B 364 -16.35 39.91 -35.61
CA ARG B 364 -17.08 38.89 -34.91
C ARG B 364 -16.03 37.92 -34.35
N VAL B 365 -16.05 37.67 -33.02
CA VAL B 365 -15.22 36.61 -32.37
C VAL B 365 -15.92 35.25 -32.39
N THR B 366 -15.25 34.30 -33.04
CA THR B 366 -15.82 33.01 -33.38
C THR B 366 -14.88 31.88 -33.00
N THR B 367 -15.46 30.75 -32.61
CA THR B 367 -14.70 29.53 -32.36
C THR B 367 -13.93 28.99 -33.58
N GLU B 368 -13.93 29.75 -34.68
CA GLU B 368 -13.03 29.46 -35.80
C GLU B 368 -11.54 29.65 -35.43
N ASP B 369 -10.80 28.57 -35.62
CA ASP B 369 -9.40 28.48 -35.29
C ASP B 369 -8.60 28.58 -36.57
N PRO B 370 -7.80 29.67 -36.68
CA PRO B 370 -6.95 29.95 -37.82
C PRO B 370 -5.85 28.90 -38.08
N GLU B 371 -5.55 28.07 -37.08
CA GLU B 371 -4.65 26.93 -37.28
C GLU B 371 -5.32 25.56 -37.58
N HIS B 372 -6.61 25.60 -37.88
CA HIS B 372 -7.37 24.43 -38.29
C HIS B 372 -8.35 24.97 -39.31
N ASN B 373 -7.86 25.17 -40.54
CA ASN B 373 -8.51 25.95 -41.60
C ASN B 373 -9.83 26.59 -41.16
N PHE B 374 -9.76 27.36 -40.07
CA PHE B 374 -10.91 28.08 -39.48
C PHE B 374 -12.11 27.29 -38.99
N ILE B 375 -12.00 25.96 -38.96
CA ILE B 375 -13.03 25.08 -38.37
C ILE B 375 -13.54 25.68 -37.06
N PRO B 376 -14.85 25.65 -36.81
CA PRO B 376 -15.18 26.23 -35.52
C PRO B 376 -15.09 25.20 -34.40
N ASP B 377 -14.62 25.66 -33.23
CA ASP B 377 -14.40 24.85 -32.04
C ASP B 377 -15.64 24.83 -31.13
N TYR B 378 -16.08 23.63 -30.77
CA TYR B 378 -17.12 23.42 -29.74
C TYR B 378 -16.43 23.05 -28.40
N GLY B 379 -17.12 23.24 -27.27
CA GLY B 379 -16.56 22.87 -25.97
C GLY B 379 -17.05 23.68 -24.79
N ARG B 380 -16.50 23.40 -23.62
CA ARG B 380 -16.81 24.17 -22.42
C ARG B 380 -15.75 25.21 -22.09
N ILE B 381 -16.23 26.41 -21.77
CA ILE B 381 -15.39 27.60 -21.58
C ILE B 381 -15.06 27.75 -20.11
N THR B 382 -13.87 27.34 -19.73
CA THR B 382 -13.54 27.20 -18.30
C THR B 382 -13.14 28.54 -17.66
N ALA B 383 -12.87 29.55 -18.48
CA ALA B 383 -12.69 30.91 -17.96
C ALA B 383 -12.68 31.98 -19.03
N TYR B 384 -13.58 32.95 -18.86
CA TYR B 384 -13.78 34.04 -19.81
C TYR B 384 -13.54 35.41 -19.17
N ARG B 385 -12.79 36.26 -19.87
CA ARG B 385 -12.49 37.63 -19.43
CA ARG B 385 -12.52 37.63 -19.43
C ARG B 385 -12.33 38.60 -20.61
N SER B 386 -13.40 39.30 -20.97
CA SER B 386 -13.42 40.23 -22.10
C SER B 386 -12.83 41.59 -21.80
N ALA B 387 -12.58 42.37 -22.85
CA ALA B 387 -12.05 43.72 -22.65
C ALA B 387 -13.08 44.80 -23.00
N SER B 388 -13.37 45.70 -22.05
CA SER B 388 -14.32 46.79 -22.31
C SER B 388 -13.67 48.19 -22.23
N GLY B 389 -14.37 49.14 -21.63
CA GLY B 389 -13.78 50.45 -21.35
C GLY B 389 -14.29 51.58 -22.24
N PHE B 390 -13.58 52.72 -22.20
CA PHE B 390 -13.97 53.85 -23.05
C PHE B 390 -13.88 53.54 -24.54
N GLY B 391 -15.06 53.61 -25.21
CA GLY B 391 -15.16 53.58 -26.67
C GLY B 391 -15.50 52.22 -27.21
N ILE B 392 -15.38 51.19 -26.37
CA ILE B 392 -15.72 49.85 -26.80
C ILE B 392 -17.13 49.43 -26.36
N ARG B 393 -17.80 48.74 -27.27
CA ARG B 393 -19.07 48.12 -27.02
C ARG B 393 -18.86 46.63 -27.23
N LEU B 394 -19.64 45.81 -26.51
CA LEU B 394 -19.64 44.35 -26.69
C LEU B 394 -21.07 43.86 -26.74
N ASP B 395 -21.45 43.25 -27.86
CA ASP B 395 -22.70 42.53 -27.84
C ASP B 395 -22.40 41.15 -27.29
N GLY B 396 -22.71 40.96 -26.00
CA GLY B 396 -22.45 39.73 -25.27
C GLY B 396 -23.49 38.65 -25.53
N GLY B 397 -23.83 37.90 -24.47
CA GLY B 397 -24.94 36.92 -24.47
C GLY B 397 -24.72 35.43 -24.16
N THR B 398 -23.68 34.82 -24.74
CA THR B 398 -23.49 33.37 -24.74
C THR B 398 -22.21 32.98 -24.04
N SER B 399 -21.27 33.91 -23.98
CA SER B 399 -19.97 33.61 -23.44
C SER B 399 -19.88 33.96 -21.95
N TYR B 400 -19.53 32.96 -21.15
CA TYR B 400 -19.19 33.11 -19.72
C TYR B 400 -18.35 31.91 -19.22
N SER B 401 -18.04 31.86 -17.93
CA SER B 401 -17.37 30.68 -17.37
C SER B 401 -18.37 29.62 -17.00
N GLY B 402 -18.35 28.50 -17.71
CA GLY B 402 -19.35 27.48 -17.52
C GLY B 402 -20.03 27.27 -18.85
N ALA B 403 -19.93 28.26 -19.74
CA ALA B 403 -20.59 28.22 -21.05
C ALA B 403 -20.44 26.89 -21.84
N ILE B 404 -21.49 26.47 -22.55
CA ILE B 404 -21.38 25.27 -23.38
C ILE B 404 -21.47 25.59 -24.87
N ILE B 405 -20.37 25.39 -25.58
CA ILE B 405 -20.30 25.79 -26.97
C ILE B 405 -20.54 24.61 -27.92
N THR B 406 -21.58 24.74 -28.74
CA THR B 406 -22.09 23.64 -29.55
C THR B 406 -21.93 23.88 -31.05
N ARG B 407 -21.49 22.86 -31.77
CA ARG B 407 -21.35 22.92 -33.23
C ARG B 407 -22.67 22.73 -34.01
N TYR B 408 -23.78 23.32 -33.55
CA TYR B 408 -25.05 23.24 -34.31
C TYR B 408 -25.35 24.58 -34.96
N TYR B 409 -24.64 25.60 -34.48
CA TYR B 409 -25.02 27.01 -34.76
C TYR B 409 -23.84 27.88 -35.25
N ASP B 410 -24.17 29.04 -35.79
CA ASP B 410 -23.18 30.07 -36.13
C ASP B 410 -22.17 30.17 -34.96
N PRO B 411 -20.86 30.21 -35.29
CA PRO B 411 -19.83 30.17 -34.22
C PRO B 411 -19.60 31.48 -33.44
N LEU B 412 -20.62 32.29 -33.25
CA LEU B 412 -20.45 33.59 -32.64
C LEU B 412 -20.35 33.65 -31.11
N LEU B 413 -19.13 33.62 -30.61
CA LEU B 413 -18.86 33.88 -29.19
C LEU B 413 -19.26 35.31 -28.72
N VAL B 414 -18.45 36.34 -29.05
CA VAL B 414 -18.84 37.74 -28.76
C VAL B 414 -18.50 38.83 -29.84
N LYS B 415 -19.55 39.47 -30.37
CA LYS B 415 -19.42 40.54 -31.36
CA LYS B 415 -19.42 40.55 -31.35
C LYS B 415 -18.81 41.80 -30.71
N VAL B 416 -17.83 42.39 -31.36
CA VAL B 416 -17.16 43.56 -30.78
C VAL B 416 -17.17 44.72 -31.75
N THR B 417 -17.37 45.91 -31.19
CA THR B 417 -17.46 47.14 -31.95
C THR B 417 -16.63 48.18 -31.24
N ALA B 418 -15.74 48.83 -31.99
CA ALA B 418 -14.83 49.86 -31.47
C ALA B 418 -15.31 51.22 -31.91
N TRP B 419 -15.16 52.20 -31.02
CA TRP B 419 -15.47 53.58 -31.35
C TRP B 419 -14.29 54.51 -31.05
N ALA B 420 -14.02 55.44 -31.95
CA ALA B 420 -12.98 56.47 -31.76
C ALA B 420 -13.33 57.76 -32.52
N PRO B 421 -12.84 58.92 -32.05
CA PRO B 421 -13.12 60.04 -32.93
C PRO B 421 -12.31 60.00 -34.24
N ASN B 422 -11.52 58.94 -34.47
CA ASN B 422 -10.81 58.74 -35.75
CA ASN B 422 -10.83 58.75 -35.76
C ASN B 422 -10.89 57.31 -36.28
N PRO B 423 -10.80 57.12 -37.63
CA PRO B 423 -10.81 55.73 -38.13
C PRO B 423 -9.46 54.96 -37.99
N LEU B 424 -8.41 55.65 -37.52
CA LEU B 424 -7.11 55.02 -37.24
C LEU B 424 -6.85 54.77 -35.73
N GLU B 425 -7.79 55.21 -34.88
CA GLU B 425 -7.83 54.93 -33.41
C GLU B 425 -8.92 53.90 -33.08
N ALA B 426 -9.93 53.89 -33.93
CA ALA B 426 -10.86 52.81 -33.99
C ALA B 426 -10.01 51.54 -34.04
N ILE B 427 -9.12 51.47 -35.03
CA ILE B 427 -8.24 50.32 -35.30
C ILE B 427 -7.36 49.90 -34.10
N SER B 428 -6.85 50.89 -33.37
CA SER B 428 -6.09 50.58 -32.14
C SER B 428 -7.02 50.37 -30.92
N ARG B 429 -8.16 51.04 -30.92
CA ARG B 429 -9.16 50.71 -29.90
C ARG B 429 -9.81 49.31 -30.07
N MET B 430 -9.84 48.81 -31.33
CA MET B 430 -10.25 47.43 -31.64
C MET B 430 -9.08 46.47 -31.52
N ASP B 431 -7.87 46.97 -31.81
CA ASP B 431 -6.69 46.13 -31.65
C ASP B 431 -6.54 45.80 -30.18
N ARG B 432 -6.50 46.84 -29.34
CA ARG B 432 -6.37 46.75 -27.88
C ARG B 432 -7.32 45.76 -27.17
N ALA B 433 -8.64 45.93 -27.34
CA ALA B 433 -9.64 45.02 -26.72
C ALA B 433 -9.45 43.54 -27.08
N LEU B 434 -9.41 43.26 -28.39
CA LEU B 434 -9.05 41.95 -28.98
C LEU B 434 -7.76 41.25 -28.40
N ARG B 435 -6.72 42.04 -28.18
CA ARG B 435 -5.52 41.57 -27.50
C ARG B 435 -5.69 41.37 -26.00
N GLU B 436 -6.81 41.85 -25.45
CA GLU B 436 -7.05 41.81 -24.02
C GLU B 436 -7.92 40.60 -23.65
N PHE B 437 -8.69 40.12 -24.62
CA PHE B 437 -9.51 38.96 -24.37
C PHE B 437 -8.65 37.81 -23.87
N ARG B 438 -9.26 36.96 -23.04
CA ARG B 438 -8.68 35.72 -22.48
C ARG B 438 -9.75 34.60 -22.38
N ILE B 439 -9.84 33.79 -23.44
CA ILE B 439 -10.83 32.73 -23.55
C ILE B 439 -10.14 31.38 -23.47
N ARG B 440 -10.52 30.60 -22.47
CA ARG B 440 -9.95 29.28 -22.15
C ARG B 440 -10.97 28.15 -22.31
N GLY B 441 -10.61 27.13 -23.09
CA GLY B 441 -11.56 26.06 -23.39
C GLY B 441 -11.79 25.91 -24.87
N VAL B 442 -12.08 27.03 -25.54
CA VAL B 442 -12.19 27.07 -27.00
C VAL B 442 -11.19 28.02 -27.63
N ALA B 443 -10.73 27.66 -28.82
CA ALA B 443 -9.92 28.52 -29.67
C ALA B 443 -10.74 29.73 -30.08
N THR B 444 -10.12 30.65 -30.82
CA THR B 444 -10.82 31.75 -31.52
C THR B 444 -10.01 32.31 -32.70
N ASN B 445 -10.65 33.19 -33.47
CA ASN B 445 -9.99 33.94 -34.55
C ASN B 445 -9.53 35.36 -34.17
N LEU B 446 -9.13 35.59 -32.92
CA LEU B 446 -8.58 36.90 -32.51
C LEU B 446 -7.24 37.25 -33.19
N THR B 447 -6.34 36.25 -33.28
CA THR B 447 -5.11 36.31 -34.11
C THR B 447 -5.42 36.70 -35.58
N PHE B 448 -6.43 36.09 -36.21
CA PHE B 448 -6.89 36.54 -37.54
C PHE B 448 -7.65 37.87 -37.48
N LEU B 449 -8.30 38.18 -36.37
CA LEU B 449 -9.07 39.41 -36.27
C LEU B 449 -8.21 40.63 -36.09
N GLU B 450 -7.13 40.47 -35.33
CA GLU B 450 -6.14 41.55 -35.25
C GLU B 450 -5.38 41.68 -36.57
N ALA B 451 -5.10 40.52 -37.20
CA ALA B 451 -4.28 40.37 -38.43
C ALA B 451 -4.72 41.21 -39.60
N ILE B 452 -6.04 41.24 -39.82
CA ILE B 452 -6.67 42.07 -40.86
C ILE B 452 -6.57 43.56 -40.54
N ILE B 453 -6.69 43.95 -39.27
CA ILE B 453 -6.67 45.38 -38.92
C ILE B 453 -5.25 45.91 -38.63
N GLY B 454 -4.27 45.00 -38.63
CA GLY B 454 -2.86 45.38 -38.57
C GLY B 454 -2.20 45.33 -39.94
N HIS B 455 -3.01 45.11 -40.98
CA HIS B 455 -2.53 44.89 -42.36
C HIS B 455 -2.54 46.15 -43.19
N PRO B 456 -1.37 46.47 -43.83
CA PRO B 456 -1.12 47.68 -44.63
C PRO B 456 -2.21 48.06 -45.66
N LYS B 457 -2.81 47.07 -46.32
CA LYS B 457 -3.85 47.34 -47.32
C LYS B 457 -5.11 47.89 -46.65
N PHE B 458 -5.47 47.32 -45.50
CA PHE B 458 -6.66 47.72 -44.78
C PHE B 458 -6.52 49.07 -44.05
N ARG B 459 -5.39 49.29 -43.39
CA ARG B 459 -5.33 50.37 -42.41
C ARG B 459 -5.49 51.74 -43.02
N ASP B 460 -5.39 51.84 -44.35
CA ASP B 460 -5.46 53.14 -45.06
C ASP B 460 -6.53 53.23 -46.14
N ASN B 461 -7.27 52.14 -46.34
CA ASN B 461 -8.43 52.13 -47.23
C ASN B 461 -8.15 51.81 -48.72
N SER B 462 -7.04 51.13 -49.01
CA SER B 462 -6.71 50.71 -50.37
C SER B 462 -7.34 49.36 -50.74
N TYR B 463 -8.38 48.97 -50.01
CA TYR B 463 -8.82 47.60 -50.03
C TYR B 463 -10.12 47.41 -50.78
N THR B 464 -10.33 46.20 -51.29
CA THR B 464 -11.54 45.83 -52.05
C THR B 464 -12.36 44.68 -51.41
N THR B 465 -13.12 43.98 -52.26
CA THR B 465 -13.86 42.80 -51.84
C THR B 465 -13.21 41.50 -52.31
N ARG B 466 -12.10 41.60 -53.04
CA ARG B 466 -11.24 40.44 -53.29
C ARG B 466 -9.98 40.45 -52.41
N PHE B 467 -9.89 41.40 -51.47
CA PHE B 467 -8.74 41.54 -50.56
C PHE B 467 -8.40 40.23 -49.82
N ILE B 468 -9.42 39.64 -49.18
CA ILE B 468 -9.18 38.47 -48.33
C ILE B 468 -8.94 37.18 -49.12
N ASP B 469 -9.81 36.92 -50.10
CA ASP B 469 -9.68 35.76 -51.01
C ASP B 469 -8.28 35.59 -51.60
N THR B 470 -7.66 36.71 -51.96
CA THR B 470 -6.30 36.67 -52.48
C THR B 470 -5.23 36.99 -51.43
N THR B 471 -5.62 37.09 -50.16
CA THR B 471 -4.67 37.07 -49.04
C THR B 471 -4.88 35.80 -48.21
N ALA B 484 9.71 27.44 -28.41
CA ALA B 484 8.57 28.06 -27.66
C ALA B 484 7.25 27.34 -27.90
N THR B 485 6.86 27.29 -29.16
CA THR B 485 5.68 26.61 -29.46
C THR B 485 6.04 25.14 -29.35
N LYS B 486 7.11 24.75 -30.01
CA LYS B 486 7.57 23.37 -29.90
C LYS B 486 7.60 22.98 -28.46
N LEU B 487 7.99 23.93 -27.62
CA LEU B 487 8.15 23.70 -26.21
C LEU B 487 6.83 23.61 -25.43
N LEU B 488 5.80 24.25 -25.96
CA LEU B 488 4.49 24.21 -25.33
C LEU B 488 3.80 22.99 -25.86
N THR B 489 4.37 22.38 -26.89
CA THR B 489 3.72 21.26 -27.52
C THR B 489 4.08 20.10 -26.64
N TYR B 490 5.37 20.04 -26.28
CA TYR B 490 5.87 19.01 -25.38
C TYR B 490 5.04 19.04 -24.09
N LEU B 491 5.10 20.21 -23.43
CA LEU B 491 4.44 20.39 -22.18
C LEU B 491 3.02 19.90 -22.29
N ALA B 492 2.32 20.35 -23.32
CA ALA B 492 0.91 19.97 -23.48
C ALA B 492 0.78 18.48 -23.61
N ASP B 493 1.63 17.90 -24.45
CA ASP B 493 1.56 16.48 -24.77
C ASP B 493 1.78 15.68 -23.50
N VAL B 494 2.79 16.06 -22.75
CA VAL B 494 3.12 15.29 -21.61
C VAL B 494 2.12 15.54 -20.49
N THR B 495 1.51 16.72 -20.41
CA THR B 495 0.52 16.97 -19.36
C THR B 495 -0.73 16.17 -19.61
N VAL B 496 -0.99 15.82 -20.86
CA VAL B 496 -2.23 15.10 -21.17
C VAL B 496 -2.05 13.59 -21.13
N ASN B 497 -0.82 13.15 -21.45
CA ASN B 497 -0.51 11.73 -21.72
C ASN B 497 0.58 11.10 -20.87
N GLY B 498 1.29 11.91 -20.10
CA GLY B 498 2.41 11.44 -19.29
C GLY B 498 3.59 11.20 -20.18
N HIS B 499 4.76 11.05 -19.58
CA HIS B 499 5.95 10.54 -20.21
C HIS B 499 5.95 9.03 -20.06
N PRO B 500 6.38 8.30 -21.10
CA PRO B 500 6.41 6.82 -20.99
C PRO B 500 7.33 6.26 -19.91
N GLU B 501 8.36 6.99 -19.51
CA GLU B 501 9.28 6.43 -18.54
C GLU B 501 8.85 6.64 -17.08
N ALA B 502 7.83 7.47 -16.90
CA ALA B 502 7.43 7.78 -15.54
C ALA B 502 6.03 7.34 -15.33
N LYS B 503 5.32 7.09 -16.41
CA LYS B 503 3.87 6.88 -16.37
C LYS B 503 3.44 5.87 -15.32
N ASP B 504 4.09 4.70 -15.27
CA ASP B 504 3.56 3.71 -14.32
C ASP B 504 4.46 3.33 -13.14
N ARG B 505 5.28 4.29 -12.75
CA ARG B 505 6.20 4.12 -11.67
C ARG B 505 5.92 5.17 -10.58
N PRO B 506 6.41 4.93 -9.34
CA PRO B 506 6.36 5.86 -8.23
C PRO B 506 6.56 7.33 -8.63
N LYS B 507 5.75 8.24 -8.08
CA LYS B 507 5.90 9.72 -8.26
C LYS B 507 6.64 10.37 -7.09
N PRO B 508 7.22 11.56 -7.31
CA PRO B 508 7.86 12.24 -6.19
C PRO B 508 6.91 12.75 -5.09
N LEU B 509 7.45 12.91 -3.87
CA LEU B 509 6.71 13.44 -2.71
C LEU B 509 6.13 14.80 -3.06
N GLU B 510 4.93 15.03 -2.53
CA GLU B 510 3.95 15.94 -3.13
C GLU B 510 4.31 17.42 -3.51
N ASN B 511 5.01 18.28 -2.73
CA ASN B 511 5.56 18.14 -1.34
C ASN B 511 7.10 18.18 -1.21
N ALA B 512 7.78 18.52 -2.31
CA ALA B 512 9.26 18.46 -2.37
C ALA B 512 9.92 19.78 -2.84
N ALA B 513 10.86 20.26 -2.03
CA ALA B 513 11.63 21.48 -2.31
C ALA B 513 12.47 21.32 -3.59
N ARG B 514 12.33 22.28 -4.51
CA ARG B 514 13.14 22.32 -5.75
C ARG B 514 14.65 22.54 -5.47
N PRO B 515 15.54 21.88 -6.24
CA PRO B 515 16.97 22.00 -5.93
C PRO B 515 17.47 23.43 -6.00
N VAL B 516 18.15 23.92 -4.98
CA VAL B 516 18.79 25.22 -5.08
C VAL B 516 20.33 25.12 -5.20
N VAL B 517 20.88 25.62 -6.30
CA VAL B 517 22.31 25.77 -6.43
C VAL B 517 22.90 26.58 -5.26
N PRO B 518 23.94 26.02 -4.57
CA PRO B 518 24.53 26.76 -3.43
C PRO B 518 25.06 28.12 -3.85
N TYR B 519 25.32 28.98 -2.88
CA TYR B 519 25.65 30.39 -3.18
C TYR B 519 26.87 30.59 -4.10
N GLY B 524 36.77 34.85 -9.12
CA GLY B 524 37.04 33.82 -10.12
C GLY B 524 37.61 32.49 -9.58
N VAL B 525 37.96 31.62 -10.53
CA VAL B 525 38.16 30.19 -10.27
C VAL B 525 39.64 29.78 -10.29
N LYS B 526 40.11 29.20 -9.19
CA LYS B 526 41.48 28.66 -9.11
C LYS B 526 41.74 27.63 -10.24
N ASP B 527 42.90 27.74 -10.90
CA ASP B 527 43.34 26.76 -11.91
C ASP B 527 43.39 25.40 -11.28
N GLY B 528 43.07 24.38 -12.06
CA GLY B 528 43.15 23.03 -11.53
C GLY B 528 43.79 22.12 -12.52
N THR B 529 43.67 20.82 -12.28
CA THR B 529 44.24 19.80 -13.13
C THR B 529 43.95 19.99 -14.64
N LYS B 530 42.84 20.63 -15.00
CA LYS B 530 42.67 20.98 -16.42
C LYS B 530 43.80 21.89 -16.91
N GLN B 531 44.13 22.92 -16.15
CA GLN B 531 45.26 23.78 -16.48
C GLN B 531 46.50 22.93 -16.49
N LEU B 532 46.53 21.99 -15.57
CA LEU B 532 47.71 21.22 -15.29
C LEU B 532 47.99 20.27 -16.48
N LEU B 533 46.97 19.57 -16.96
CA LEU B 533 47.07 18.83 -18.23
C LEU B 533 47.47 19.72 -19.40
N ASP B 534 46.80 20.87 -19.57
CA ASP B 534 47.07 21.69 -20.74
C ASP B 534 48.54 22.05 -20.80
N THR B 535 49.17 22.24 -19.65
CA THR B 535 50.56 22.68 -19.67
C THR B 535 51.54 21.52 -19.84
N LEU B 536 51.33 20.40 -19.16
CA LEU B 536 52.28 19.28 -19.12
C LEU B 536 52.13 18.30 -20.26
N GLY B 537 50.90 18.12 -20.73
CA GLY B 537 50.60 17.05 -21.68
C GLY B 537 50.27 15.75 -20.98
N PRO B 538 49.59 14.83 -21.66
CA PRO B 538 49.17 13.60 -20.92
C PRO B 538 50.32 12.83 -20.17
N LYS B 539 51.33 12.34 -20.89
CA LYS B 539 52.41 11.58 -20.23
C LYS B 539 52.94 12.25 -18.93
N LYS B 540 53.48 13.48 -19.04
CA LYS B 540 53.98 14.19 -17.85
C LYS B 540 52.87 14.48 -16.83
N PHE B 541 51.64 14.77 -17.29
CA PHE B 541 50.52 14.90 -16.32
C PHE B 541 50.37 13.64 -15.49
N GLY B 542 50.49 12.46 -16.11
CA GLY B 542 50.30 11.21 -15.40
C GLY B 542 51.38 11.15 -14.35
N GLU B 543 52.62 11.49 -14.76
CA GLU B 543 53.75 11.36 -13.84
C GLU B 543 53.54 12.24 -12.64
N TRP B 544 52.92 13.38 -12.91
CA TRP B 544 52.58 14.26 -11.87
C TRP B 544 51.70 13.56 -10.87
N MET B 545 50.66 12.83 -11.31
CA MET B 545 49.76 12.17 -10.33
C MET B 545 50.65 11.19 -9.54
N ARG B 546 51.50 10.49 -10.27
CA ARG B 546 52.31 9.50 -9.60
C ARG B 546 53.11 10.14 -8.48
N ASN B 547 53.55 11.38 -8.68
CA ASN B 547 54.39 12.02 -7.72
C ASN B 547 53.60 12.64 -6.57
N GLU B 548 52.34 13.06 -6.78
CA GLU B 548 51.63 13.78 -5.70
C GLU B 548 51.58 12.86 -4.50
N LYS B 549 51.73 13.45 -3.30
CA LYS B 549 51.53 12.81 -1.97
C LYS B 549 50.04 12.69 -1.66
N ARG B 550 49.31 13.82 -1.64
CA ARG B 550 47.84 13.75 -1.48
C ARG B 550 47.22 12.68 -2.39
N VAL B 551 46.19 12.02 -1.93
CA VAL B 551 45.46 11.15 -2.81
C VAL B 551 44.55 12.05 -3.65
N LEU B 552 44.33 11.70 -4.92
CA LEU B 552 43.55 12.54 -5.81
C LEU B 552 42.16 11.98 -5.94
N LEU B 553 41.16 12.82 -6.16
CA LEU B 553 39.80 12.32 -6.11
C LEU B 553 39.01 12.51 -7.33
N THR B 554 38.29 11.50 -7.77
CA THR B 554 37.36 11.67 -8.88
C THR B 554 35.94 11.54 -8.41
N ASP B 555 35.13 12.60 -8.58
CA ASP B 555 33.69 12.54 -8.27
C ASP B 555 32.89 11.84 -9.40
N THR B 556 32.14 10.79 -9.09
CA THR B 556 31.45 10.05 -10.13
C THR B 556 29.97 10.36 -10.22
N THR B 557 29.53 11.37 -9.45
CA THR B 557 28.08 11.59 -9.27
C THR B 557 27.38 11.81 -10.60
N MET B 558 27.99 12.64 -11.46
CA MET B 558 27.44 12.95 -12.76
C MET B 558 27.43 11.78 -13.76
N ARG B 559 27.89 10.59 -13.38
CA ARG B 559 27.81 9.43 -14.29
C ARG B 559 27.52 8.11 -13.60
N ASP B 560 28.55 7.51 -13.04
CA ASP B 560 28.35 6.23 -12.39
C ASP B 560 27.29 6.33 -11.28
N GLY B 561 27.28 7.45 -10.58
CA GLY B 561 26.40 7.61 -9.47
C GLY B 561 24.99 7.28 -9.89
N HIS B 562 24.53 7.93 -10.96
CA HIS B 562 23.13 7.82 -11.34
C HIS B 562 22.93 6.66 -12.30
N GLN B 563 24.03 6.31 -12.96
CA GLN B 563 24.04 5.04 -13.65
C GLN B 563 23.69 3.93 -12.69
N SER B 564 24.12 4.00 -11.44
CA SER B 564 23.87 2.87 -10.55
C SER B 564 22.52 2.94 -9.87
N LEU B 565 22.14 4.09 -9.32
CA LEU B 565 20.97 4.15 -8.48
C LEU B 565 19.69 4.57 -9.17
N LEU B 566 19.80 5.17 -10.34
CA LEU B 566 18.67 5.90 -10.94
C LEU B 566 18.50 5.67 -12.43
N ALA B 567 18.95 4.51 -12.92
CA ALA B 567 18.77 4.04 -14.29
C ALA B 567 19.46 4.93 -15.29
N THR B 568 20.48 5.66 -14.87
CA THR B 568 21.15 6.62 -15.79
C THR B 568 20.24 7.79 -16.25
N ARG B 569 19.06 7.92 -15.62
CA ARG B 569 18.05 8.89 -16.05
C ARG B 569 18.30 10.36 -15.69
N MET B 570 19.47 10.66 -15.10
CA MET B 570 19.76 12.00 -14.58
C MET B 570 19.89 13.01 -15.70
N ARG B 571 19.26 14.18 -15.54
CA ARG B 571 19.10 15.13 -16.70
C ARG B 571 20.10 16.27 -16.72
N THR B 572 20.45 16.69 -17.93
CA THR B 572 21.42 17.78 -18.13
C THR B 572 21.06 18.99 -17.29
N TYR B 573 19.77 19.24 -17.17
CA TYR B 573 19.30 20.40 -16.42
C TYR B 573 19.91 20.48 -15.04
N ASP B 574 19.85 19.35 -14.31
CA ASP B 574 20.35 19.22 -12.94
C ASP B 574 21.85 19.13 -12.91
N ILE B 575 22.42 18.40 -13.85
CA ILE B 575 23.85 18.20 -13.94
C ILE B 575 24.64 19.42 -14.31
N ALA B 576 24.27 20.15 -15.37
CA ALA B 576 25.03 21.35 -15.77
C ALA B 576 25.02 22.44 -14.71
N ARG B 577 23.85 22.62 -14.13
CA ARG B 577 23.60 23.65 -13.15
C ARG B 577 24.55 23.67 -11.98
N ILE B 578 25.20 22.54 -11.67
CA ILE B 578 26.05 22.46 -10.49
C ILE B 578 27.55 22.45 -10.83
N ALA B 579 27.90 22.08 -12.06
CA ALA B 579 29.28 22.11 -12.51
C ALA B 579 30.07 23.37 -12.06
N GLY B 580 29.49 24.54 -12.24
CA GLY B 580 30.16 25.77 -11.82
C GLY B 580 30.42 25.83 -10.33
N THR B 581 29.56 25.27 -9.48
CA THR B 581 29.88 25.17 -8.05
C THR B 581 31.08 24.28 -7.84
N TYR B 582 31.12 23.13 -8.48
CA TYR B 582 32.22 22.23 -8.27
C TYR B 582 33.46 23.01 -8.60
N SER B 583 33.37 23.73 -9.71
CA SER B 583 34.46 24.54 -10.23
C SER B 583 35.05 25.46 -9.20
N HIS B 584 34.22 26.17 -8.46
CA HIS B 584 34.75 27.08 -7.45
C HIS B 584 34.90 26.52 -6.07
N ALA B 585 34.08 25.53 -5.71
CA ALA B 585 34.10 25.01 -4.36
C ALA B 585 35.07 23.87 -4.19
N LEU B 586 35.32 23.12 -5.25
CA LEU B 586 36.17 21.95 -5.13
C LEU B 586 37.26 21.98 -6.20
N PRO B 587 38.03 23.07 -6.24
CA PRO B 587 39.01 23.21 -7.27
C PRO B 587 40.12 22.17 -7.22
N ASN B 588 40.20 21.40 -6.14
CA ASN B 588 41.21 20.32 -6.02
C ASN B 588 40.86 18.98 -6.63
N LEU B 589 39.70 18.84 -7.25
CA LEU B 589 39.33 17.54 -7.73
C LEU B 589 40.24 17.13 -8.86
N LEU B 590 40.37 15.83 -9.02
CA LEU B 590 41.14 15.30 -10.12
C LEU B 590 40.26 15.49 -11.33
N SER B 591 39.05 14.91 -11.27
CA SER B 591 38.10 14.95 -12.38
C SER B 591 36.65 14.69 -11.97
N LEU B 592 35.74 15.04 -12.88
CA LEU B 592 34.32 14.77 -12.77
C LEU B 592 33.98 13.70 -13.79
N GLU B 593 33.70 12.47 -13.37
CA GLU B 593 33.25 11.49 -14.35
C GLU B 593 31.84 11.87 -14.72
N CYS B 594 31.65 12.25 -15.98
CA CYS B 594 30.39 12.89 -16.34
C CYS B 594 29.89 12.57 -17.74
N TRP B 595 30.54 11.63 -18.39
CA TRP B 595 30.18 11.29 -19.73
C TRP B 595 30.54 9.85 -20.03
N GLY B 596 30.08 9.30 -21.14
CA GLY B 596 30.38 7.92 -21.46
C GLY B 596 29.51 6.99 -20.66
N GLY B 597 29.76 5.69 -20.78
CA GLY B 597 28.93 4.68 -20.05
C GLY B 597 27.54 4.70 -20.62
N ALA B 598 26.52 4.48 -19.79
CA ALA B 598 25.14 4.42 -20.31
C ALA B 598 24.58 5.81 -20.68
N THR B 599 25.24 6.88 -20.29
CA THR B 599 24.59 8.16 -20.47
C THR B 599 24.41 8.56 -21.93
N PHE B 600 25.29 8.09 -22.81
CA PHE B 600 25.34 8.62 -24.16
C PHE B 600 24.06 8.30 -24.88
N ASP B 601 23.60 7.05 -24.78
CA ASP B 601 22.40 6.65 -25.53
C ASP B 601 21.13 6.88 -24.76
N VAL B 602 21.26 6.93 -23.44
CA VAL B 602 20.13 7.08 -22.57
C VAL B 602 19.64 8.49 -22.68
N SER B 603 20.56 9.45 -22.63
CA SER B 603 20.21 10.86 -22.82
C SER B 603 19.32 11.05 -24.04
N MET B 604 19.68 10.48 -25.18
CA MET B 604 18.81 10.61 -26.35
C MET B 604 17.53 9.77 -26.19
N ARG B 605 17.71 8.51 -25.80
CA ARG B 605 16.67 7.53 -25.95
C ARG B 605 15.50 7.73 -24.96
N PHE B 606 15.80 8.01 -23.70
CA PHE B 606 14.78 8.14 -22.67
C PHE B 606 14.63 9.56 -22.10
N LEU B 607 15.61 10.42 -22.34
CA LEU B 607 15.58 11.79 -21.84
C LEU B 607 15.42 12.86 -22.94
N THR B 608 15.43 12.46 -24.21
CA THR B 608 15.24 13.39 -25.35
C THR B 608 16.23 14.54 -25.29
N GLU B 609 17.48 14.23 -24.98
CA GLU B 609 18.46 15.28 -24.94
C GLU B 609 19.79 14.83 -25.46
N ASP B 610 20.46 15.78 -26.07
CA ASP B 610 21.73 15.60 -26.74
C ASP B 610 22.89 15.51 -25.75
N PRO B 611 23.58 14.37 -25.68
CA PRO B 611 24.74 14.20 -24.80
C PRO B 611 25.88 15.21 -25.02
N TRP B 612 26.03 15.68 -26.26
CA TRP B 612 27.10 16.62 -26.60
C TRP B 612 26.82 17.99 -26.02
N GLU B 613 25.55 18.38 -25.96
CA GLU B 613 25.16 19.62 -25.33
C GLU B 613 25.56 19.51 -23.84
N ARG B 614 25.36 18.33 -23.25
CA ARG B 614 25.53 18.17 -21.82
C ARG B 614 26.98 18.44 -21.55
N LEU B 615 27.86 17.83 -22.35
CA LEU B 615 29.27 17.81 -21.98
C LEU B 615 29.72 19.24 -22.15
N ALA B 616 29.16 19.90 -23.18
CA ALA B 616 29.55 21.25 -23.58
C ALA B 616 29.31 22.18 -22.42
N LEU B 617 28.13 22.05 -21.83
CA LEU B 617 27.73 22.82 -20.68
C LEU B 617 28.60 22.53 -19.44
N ILE B 618 28.85 21.26 -19.14
CA ILE B 618 29.73 20.92 -18.01
C ILE B 618 31.11 21.51 -18.27
N ARG B 619 31.49 21.62 -19.54
CA ARG B 619 32.79 22.20 -19.84
C ARG B 619 32.84 23.72 -19.61
N GLU B 620 31.77 24.48 -19.93
CA GLU B 620 31.75 25.90 -19.56
C GLU B 620 31.77 25.98 -18.03
N GLY B 621 31.15 25.01 -17.37
CA GLY B 621 30.93 25.14 -15.96
C GLY B 621 32.21 25.10 -15.18
N ALA B 622 33.09 24.20 -15.64
CA ALA B 622 34.20 23.76 -14.82
C ALA B 622 35.48 23.87 -15.63
N PRO B 623 35.86 25.09 -16.04
CA PRO B 623 37.03 25.18 -16.89
C PRO B 623 38.32 24.73 -16.20
N ASN B 624 38.28 24.41 -14.90
CA ASN B 624 39.51 24.04 -14.18
C ASN B 624 39.65 22.54 -13.88
N LEU B 625 38.58 21.78 -14.12
CA LEU B 625 38.58 20.34 -13.83
C LEU B 625 38.65 19.43 -15.09
N LEU B 626 39.39 18.33 -14.97
CA LEU B 626 39.41 17.38 -16.04
C LEU B 626 38.06 16.76 -16.10
N LEU B 627 37.52 16.60 -17.30
CA LEU B 627 36.28 15.85 -17.47
C LEU B 627 36.62 14.47 -17.98
N GLN B 628 36.09 13.48 -17.27
CA GLN B 628 36.43 12.10 -17.54
C GLN B 628 35.26 11.29 -18.11
N MET B 629 35.50 10.47 -19.12
CA MET B 629 34.43 9.62 -19.56
C MET B 629 34.82 8.15 -19.46
N LEU B 630 33.82 7.28 -19.49
CA LEU B 630 34.07 5.87 -19.62
C LEU B 630 33.89 5.49 -21.07
N LEU B 631 34.87 4.85 -21.67
CA LEU B 631 34.77 4.45 -23.06
C LEU B 631 35.02 2.95 -23.14
N ARG B 632 34.06 2.17 -23.64
CA ARG B 632 34.33 0.74 -23.90
C ARG B 632 35.29 0.60 -25.11
N GLY B 633 36.51 0.10 -24.91
CA GLY B 633 37.55 0.24 -25.92
C GLY B 633 37.20 -0.13 -27.36
N ALA B 634 36.38 -1.19 -27.51
CA ALA B 634 36.09 -1.78 -28.81
C ALA B 634 35.06 -1.01 -29.57
N ASN B 635 34.20 -0.27 -28.89
CA ASN B 635 33.12 0.37 -29.62
C ASN B 635 32.65 1.72 -29.10
N GLY B 636 33.53 2.39 -28.34
CA GLY B 636 33.30 3.74 -27.90
C GLY B 636 32.28 3.77 -26.79
N VAL B 637 31.03 4.07 -27.14
CA VAL B 637 29.93 4.09 -26.19
C VAL B 637 28.85 3.22 -26.82
N GLY B 638 29.17 2.68 -28.00
CA GLY B 638 28.22 1.95 -28.85
C GLY B 638 27.61 0.68 -28.30
N TYR B 639 26.73 0.09 -29.10
CA TYR B 639 25.98 -1.09 -28.66
C TYR B 639 26.35 -2.29 -29.49
N THR B 640 27.41 -2.17 -30.27
CA THR B 640 27.88 -3.28 -31.13
C THR B 640 29.34 -3.01 -31.52
N ASN B 641 29.90 -3.79 -32.45
CA ASN B 641 31.26 -3.56 -32.93
C ASN B 641 31.28 -2.63 -34.10
N TYR B 642 32.23 -1.70 -34.10
CA TYR B 642 32.27 -0.71 -35.17
C TYR B 642 33.64 -0.74 -35.86
N PRO B 643 33.67 -0.47 -37.17
CA PRO B 643 34.92 -0.39 -37.91
C PRO B 643 35.91 0.50 -37.18
N ASP B 644 37.20 0.32 -37.44
CA ASP B 644 38.23 1.08 -36.70
C ASP B 644 38.09 2.57 -36.92
N ASN B 645 37.82 2.98 -38.16
CA ASN B 645 37.83 4.40 -38.45
C ASN B 645 36.72 5.08 -37.68
N VAL B 646 35.63 4.34 -37.44
CA VAL B 646 34.49 4.85 -36.69
C VAL B 646 34.87 5.07 -35.22
N VAL B 647 35.52 4.10 -34.62
CA VAL B 647 35.96 4.30 -33.22
C VAL B 647 36.94 5.48 -33.13
N LYS B 648 37.80 5.61 -34.14
CA LYS B 648 38.66 6.79 -34.19
C LYS B 648 37.89 8.10 -34.34
N TYR B 649 36.94 8.11 -35.25
CA TYR B 649 36.14 9.30 -35.42
C TYR B 649 35.52 9.70 -34.11
N PHE B 650 35.05 8.71 -33.34
CA PHE B 650 34.32 9.04 -32.10
C PHE B 650 35.22 9.63 -30.99
N VAL B 651 36.45 9.13 -30.92
CA VAL B 651 37.39 9.55 -29.89
C VAL B 651 37.81 10.96 -30.26
N ARG B 652 38.01 11.20 -31.55
CA ARG B 652 38.29 12.55 -32.02
C ARG B 652 37.23 13.54 -31.49
N GLN B 653 35.95 13.27 -31.75
CA GLN B 653 34.90 14.24 -31.49
C GLN B 653 34.75 14.42 -30.00
N ALA B 654 34.91 13.32 -29.29
CA ALA B 654 34.81 13.31 -27.84
C ALA B 654 35.87 14.24 -27.25
N ALA B 655 37.04 14.29 -27.88
CA ALA B 655 38.10 15.10 -27.36
C ALA B 655 37.83 16.55 -27.74
N LYS B 656 37.37 16.76 -28.97
CA LYS B 656 36.96 18.10 -29.40
C LYS B 656 35.95 18.61 -28.38
N GLY B 657 35.04 17.74 -27.98
CA GLY B 657 33.86 18.13 -27.26
C GLY B 657 34.17 18.59 -25.86
N GLY B 658 35.28 18.15 -25.32
CA GLY B 658 35.60 18.50 -23.94
C GLY B 658 36.06 17.42 -22.95
N ILE B 659 36.15 16.16 -23.41
CA ILE B 659 36.74 15.11 -22.58
C ILE B 659 38.24 15.22 -22.52
N ASP B 660 38.82 15.13 -21.31
CA ASP B 660 40.26 15.20 -21.13
C ASP B 660 40.83 13.85 -20.74
N LEU B 661 40.14 13.11 -19.87
CA LEU B 661 40.68 11.87 -19.32
C LEU B 661 39.76 10.75 -19.78
N PHE B 662 40.28 9.79 -20.53
CA PHE B 662 39.42 8.76 -21.12
C PHE B 662 39.68 7.44 -20.38
N ARG B 663 38.78 6.96 -19.53
CA ARG B 663 39.11 5.65 -18.90
C ARG B 663 38.68 4.55 -19.81
N VAL B 664 39.63 3.81 -20.38
CA VAL B 664 39.24 2.87 -21.42
C VAL B 664 39.41 1.47 -20.92
N PHE B 665 38.37 0.65 -21.07
CA PHE B 665 38.41 -0.69 -20.56
C PHE B 665 37.89 -1.68 -21.59
N ASP B 666 38.17 -2.96 -21.40
CA ASP B 666 37.64 -4.00 -22.28
C ASP B 666 37.00 -5.13 -21.46
N CYS B 667 35.79 -5.55 -21.85
CA CYS B 667 34.94 -6.39 -20.98
C CYS B 667 35.40 -7.84 -20.80
N LEU B 668 36.44 -8.24 -21.52
CA LEU B 668 37.15 -9.44 -21.17
C LEU B 668 38.61 -9.13 -20.91
N ASN B 669 38.94 -7.92 -20.50
CA ASN B 669 40.33 -7.54 -20.29
C ASN B 669 41.34 -7.86 -21.39
N TRP B 670 40.91 -7.85 -22.66
CA TRP B 670 41.75 -8.33 -23.75
C TRP B 670 42.51 -7.16 -24.36
N VAL B 671 43.82 -7.08 -24.09
CA VAL B 671 44.55 -5.88 -24.46
C VAL B 671 44.44 -5.63 -25.96
N GLU B 672 44.49 -6.68 -26.77
CA GLU B 672 44.37 -6.56 -28.21
C GLU B 672 43.18 -5.71 -28.60
N ASN B 673 42.06 -5.92 -27.94
CA ASN B 673 40.87 -5.12 -28.18
C ASN B 673 40.89 -3.63 -27.63
N MET B 674 42.02 -3.18 -27.08
CA MET B 674 42.10 -1.82 -26.53
C MET B 674 42.96 -0.82 -27.33
N ARG B 675 43.75 -1.33 -28.28
CA ARG B 675 44.76 -0.53 -28.93
C ARG B 675 44.19 0.58 -29.82
N VAL B 676 43.24 0.22 -30.68
CA VAL B 676 42.66 1.21 -31.56
C VAL B 676 42.26 2.43 -30.75
N SER B 677 41.61 2.22 -29.61
CA SER B 677 41.15 3.34 -28.82
C SER B 677 42.31 3.99 -28.16
N MET B 678 43.23 3.19 -27.65
CA MET B 678 44.28 3.83 -26.87
C MET B 678 45.12 4.71 -27.83
N ASP B 679 45.47 4.14 -28.98
CA ASP B 679 46.09 4.92 -30.01
C ASP B 679 45.29 6.19 -30.30
N ALA B 680 43.99 6.07 -30.58
CA ALA B 680 43.16 7.26 -30.81
C ALA B 680 43.32 8.35 -29.73
N ILE B 681 43.15 7.95 -28.49
CA ILE B 681 43.25 8.87 -27.38
C ILE B 681 44.57 9.57 -27.49
N ALA B 682 45.64 8.79 -27.50
CA ALA B 682 46.97 9.38 -27.56
C ALA B 682 47.13 10.34 -28.76
N GLU B 683 46.55 10.02 -29.92
CA GLU B 683 46.70 10.90 -31.04
C GLU B 683 46.01 12.25 -30.76
N GLU B 684 44.95 12.25 -29.97
CA GLU B 684 44.22 13.48 -29.65
C GLU B 684 44.91 14.20 -28.52
N ASN B 685 46.05 13.70 -28.11
CA ASN B 685 46.82 14.33 -27.05
C ASN B 685 46.03 14.44 -25.73
N LYS B 686 45.29 13.41 -25.36
CA LYS B 686 44.49 13.45 -24.14
C LYS B 686 44.98 12.34 -23.22
N LEU B 687 44.36 12.20 -22.05
CA LEU B 687 44.81 11.24 -21.08
C LEU B 687 44.19 9.89 -21.33
N CYS B 688 45.03 8.87 -21.41
CA CYS B 688 44.60 7.48 -21.61
C CYS B 688 44.73 6.64 -20.34
N GLU B 689 43.62 6.43 -19.63
CA GLU B 689 43.60 5.60 -18.43
C GLU B 689 43.11 4.22 -18.81
N ALA B 690 44.01 3.27 -18.87
CA ALA B 690 43.63 1.96 -19.33
C ALA B 690 43.21 1.15 -18.15
N ALA B 691 41.99 0.68 -18.16
CA ALA B 691 41.49 -0.01 -17.00
C ALA B 691 41.68 -1.53 -17.05
N ILE B 692 42.10 -2.08 -15.92
CA ILE B 692 42.04 -3.50 -15.74
C ILE B 692 40.79 -3.78 -14.90
N CYS B 693 39.97 -4.72 -15.35
CA CYS B 693 38.77 -5.08 -14.61
C CYS B 693 39.10 -6.07 -13.51
N TYR B 694 38.70 -5.77 -12.29
CA TYR B 694 38.96 -6.72 -11.18
C TYR B 694 37.87 -7.75 -11.06
N THR B 695 38.25 -8.98 -10.70
CA THR B 695 37.30 -10.03 -10.52
C THR B 695 37.92 -11.20 -9.72
N GLY B 696 37.13 -12.14 -9.21
CA GLY B 696 37.68 -13.12 -8.28
C GLY B 696 38.20 -12.55 -6.97
N ASP B 697 39.44 -12.87 -6.61
CA ASP B 697 40.02 -12.60 -5.29
C ASP B 697 41.47 -13.08 -5.38
N ILE B 698 42.41 -12.13 -5.37
CA ILE B 698 43.84 -12.46 -5.51
C ILE B 698 44.33 -13.29 -4.33
N LEU B 699 43.67 -13.18 -3.18
CA LEU B 699 44.13 -13.92 -1.99
C LEU B 699 43.43 -15.25 -1.77
N ASN B 700 42.65 -15.67 -2.75
CA ASN B 700 41.95 -16.94 -2.70
C ASN B 700 42.70 -17.92 -3.57
N SER B 701 43.46 -18.82 -2.95
CA SER B 701 44.35 -19.72 -3.70
C SER B 701 43.56 -20.65 -4.59
N ALA B 702 42.27 -20.67 -4.35
CA ALA B 702 41.39 -21.64 -4.91
C ALA B 702 40.75 -21.22 -6.22
N ARG B 703 41.28 -20.22 -6.90
CA ARG B 703 40.63 -19.69 -8.09
C ARG B 703 41.67 -18.93 -8.85
N PRO B 704 42.63 -19.66 -9.38
CA PRO B 704 43.93 -19.03 -9.52
C PRO B 704 44.07 -18.32 -10.86
N LYS B 705 43.02 -18.38 -11.66
CA LYS B 705 43.03 -17.74 -12.97
C LYS B 705 43.22 -16.24 -12.80
N TYR B 706 42.63 -15.74 -11.71
CA TYR B 706 42.75 -14.32 -11.40
C TYR B 706 43.65 -14.08 -10.21
N ASP B 707 44.92 -14.39 -10.36
CA ASP B 707 45.78 -14.17 -9.27
C ASP B 707 46.39 -12.78 -9.41
N LEU B 708 47.52 -12.54 -8.74
CA LEU B 708 48.09 -11.23 -8.64
C LEU B 708 48.88 -10.98 -9.90
N LYS B 709 49.52 -12.03 -10.43
CA LYS B 709 50.45 -11.94 -11.61
C LYS B 709 49.63 -11.54 -12.77
N TYR B 710 48.36 -12.00 -12.77
CA TYR B 710 47.41 -11.61 -13.79
C TYR B 710 47.26 -10.11 -13.88
N TYR B 711 47.08 -9.43 -12.75
CA TYR B 711 47.01 -7.98 -12.79
C TYR B 711 48.30 -7.29 -13.09
N THR B 712 49.39 -7.65 -12.43
CA THR B 712 50.61 -6.93 -12.64
C THR B 712 51.07 -7.08 -14.09
N ASN B 713 50.81 -8.24 -14.70
CA ASN B 713 51.21 -8.45 -16.10
C ASN B 713 50.49 -7.49 -17.01
N LEU B 714 49.18 -7.39 -16.75
CA LEU B 714 48.29 -6.58 -17.55
C LEU B 714 48.62 -5.14 -17.39
N ALA B 715 49.08 -4.80 -16.19
CA ALA B 715 49.59 -3.50 -15.95
C ALA B 715 50.80 -3.25 -16.86
N VAL B 716 51.70 -4.20 -16.96
CA VAL B 716 52.87 -3.93 -17.77
C VAL B 716 52.53 -3.85 -19.26
N GLU B 717 51.74 -4.82 -19.77
CA GLU B 717 51.26 -4.78 -21.15
C GLU B 717 50.62 -3.47 -21.49
N LEU B 718 49.71 -3.01 -20.62
CA LEU B 718 48.98 -1.77 -20.79
C LEU B 718 49.87 -0.54 -20.86
N GLU B 719 50.94 -0.54 -20.06
CA GLU B 719 51.97 0.49 -20.12
C GLU B 719 52.57 0.44 -21.49
N LYS B 720 53.01 -0.72 -21.91
CA LYS B 720 53.62 -0.85 -23.23
C LYS B 720 52.70 -0.33 -24.32
N ALA B 721 51.41 -0.49 -24.13
CA ALA B 721 50.45 -0.08 -25.14
C ALA B 721 50.24 1.44 -25.12
N GLY B 722 50.80 2.13 -24.13
CA GLY B 722 50.84 3.56 -24.16
C GLY B 722 49.91 4.24 -23.17
N ALA B 723 49.42 3.50 -22.18
CA ALA B 723 48.66 4.12 -21.08
C ALA B 723 49.45 5.27 -20.46
N HIS B 724 48.73 6.34 -20.11
CA HIS B 724 49.27 7.37 -19.21
C HIS B 724 48.98 7.04 -17.75
N ILE B 725 47.90 6.31 -17.50
CA ILE B 725 47.40 6.00 -16.13
C ILE B 725 46.89 4.54 -16.23
N ILE B 726 46.97 3.77 -15.15
CA ILE B 726 46.33 2.47 -15.08
C ILE B 726 45.18 2.61 -14.10
N ALA B 727 44.03 2.04 -14.44
CA ALA B 727 42.91 2.04 -13.54
C ALA B 727 42.59 0.63 -13.13
N VAL B 728 42.27 0.44 -11.87
CA VAL B 728 41.64 -0.79 -11.46
C VAL B 728 40.13 -0.56 -11.48
N ASP B 730 37.02 -1.87 -10.49
CA ASP B 730 36.34 -2.88 -9.72
C ASP B 730 34.84 -2.74 -9.86
N MET B 731 34.26 -3.29 -10.92
CA MET B 731 32.89 -2.93 -11.31
C MET B 731 31.80 -3.59 -10.45
N ALA B 732 32.14 -4.63 -9.74
CA ALA B 732 31.14 -5.28 -8.96
C ALA B 732 31.46 -5.03 -7.51
N GLY B 733 32.47 -4.19 -7.24
CA GLY B 733 32.93 -3.93 -5.89
C GLY B 733 33.29 -5.21 -5.14
N LEU B 734 34.24 -5.96 -5.73
CA LEU B 734 34.71 -7.24 -5.22
C LEU B 734 36.07 -7.18 -4.53
N LEU B 735 36.92 -6.21 -4.88
CA LEU B 735 38.23 -6.08 -4.22
C LEU B 735 38.00 -5.95 -2.74
N LYS B 736 38.81 -6.62 -1.91
CA LYS B 736 38.64 -6.53 -0.44
C LYS B 736 39.83 -5.90 0.25
N PRO B 737 39.62 -5.38 1.48
CA PRO B 737 40.66 -4.49 1.99
C PRO B 737 41.98 -5.20 2.09
N ALA B 738 41.98 -6.44 2.53
CA ALA B 738 43.26 -7.11 2.63
C ALA B 738 43.88 -7.24 1.25
N ALA B 739 43.11 -7.51 0.20
CA ALA B 739 43.65 -7.61 -1.18
C ALA B 739 44.16 -6.27 -1.72
N ALA B 740 43.49 -5.18 -1.32
CA ALA B 740 43.89 -3.85 -1.70
C ALA B 740 45.28 -3.59 -1.14
N LYS B 741 45.49 -4.02 0.10
CA LYS B 741 46.80 -3.84 0.74
C LYS B 741 47.86 -4.44 -0.19
N VAL B 742 47.58 -5.64 -0.70
CA VAL B 742 48.50 -6.32 -1.58
C VAL B 742 48.54 -5.79 -3.03
N LEU B 743 47.38 -5.66 -3.63
CA LEU B 743 47.29 -5.34 -5.04
C LEU B 743 47.99 -4.02 -5.40
N PHE B 744 47.70 -2.97 -4.64
CA PHE B 744 48.25 -1.66 -4.98
C PHE B 744 49.73 -1.54 -4.67
N LYS B 745 50.23 -2.30 -3.72
CA LYS B 745 51.62 -2.36 -3.49
C LYS B 745 52.27 -2.97 -4.74
N ALA B 746 51.68 -4.07 -5.22
CA ALA B 746 52.26 -4.87 -6.27
C ALA B 746 52.30 -4.10 -7.58
N LEU B 747 51.24 -3.35 -7.84
CA LEU B 747 51.12 -2.76 -9.13
C LEU B 747 52.04 -1.60 -9.10
N ARG B 748 52.21 -0.96 -7.95
CA ARG B 748 53.03 0.23 -7.97
C ARG B 748 54.51 -0.11 -8.02
N GLU B 749 54.76 -1.39 -7.80
CA GLU B 749 56.05 -2.01 -8.01
C GLU B 749 56.21 -2.62 -9.39
N ALA B 750 55.12 -2.72 -10.13
CA ALA B 750 55.19 -3.39 -11.41
C ALA B 750 55.28 -2.40 -12.55
N THR B 751 54.79 -1.18 -12.32
CA THR B 751 54.78 -0.09 -13.30
C THR B 751 55.03 1.20 -12.55
N GLY B 752 55.43 2.25 -13.25
CA GLY B 752 55.73 3.51 -12.60
C GLY B 752 54.64 4.50 -12.86
N LEU B 753 53.67 4.02 -13.65
CA LEU B 753 52.45 4.76 -13.96
C LEU B 753 51.63 5.08 -12.71
N PRO B 754 50.78 6.12 -12.76
CA PRO B 754 49.90 6.33 -11.62
C PRO B 754 48.80 5.24 -11.60
N ILE B 755 48.24 4.96 -10.42
CA ILE B 755 47.15 4.00 -10.35
C ILE B 755 45.88 4.69 -9.92
N HIS B 756 44.78 4.36 -10.61
CA HIS B 756 43.47 4.93 -10.34
C HIS B 756 42.56 3.81 -9.92
N PHE B 757 41.86 3.94 -8.80
CA PHE B 757 41.04 2.87 -8.30
C PHE B 757 39.59 3.28 -8.30
N HIS B 758 38.73 2.46 -8.93
CA HIS B 758 37.28 2.73 -9.06
C HIS B 758 36.50 1.51 -8.66
N THR B 759 35.51 1.66 -7.79
CA THR B 759 34.90 0.51 -7.09
C THR B 759 33.40 0.75 -6.79
N HIS B 760 32.72 -0.21 -6.21
CA HIS B 760 31.32 -0.08 -5.91
C HIS B 760 31.03 -0.59 -4.57
N ASP B 761 30.03 -0.03 -3.92
CA ASP B 761 29.83 -0.29 -2.52
C ASP B 761 28.69 -1.28 -2.27
N THR B 762 28.41 -2.16 -3.22
CA THR B 762 27.45 -3.23 -3.04
C THR B 762 27.68 -4.05 -1.79
N SER B 763 28.90 -4.43 -1.47
CA SER B 763 29.15 -5.25 -0.29
C SER B 763 28.90 -4.42 0.94
N GLY B 764 28.94 -3.11 0.75
CA GLY B 764 28.84 -2.16 1.84
C GLY B 764 30.11 -2.16 2.64
N ILE B 765 31.24 -2.56 2.02
CA ILE B 765 32.57 -2.35 2.65
C ILE B 765 33.60 -1.75 1.68
N ALA B 766 33.10 -1.17 0.58
CA ALA B 766 33.94 -0.44 -0.38
C ALA B 766 34.79 0.68 0.23
N ALA B 767 34.24 1.48 1.14
CA ALA B 767 35.02 2.57 1.77
C ALA B 767 36.25 2.01 2.47
N ALA B 768 36.10 0.81 3.07
CA ALA B 768 37.20 0.16 3.73
C ALA B 768 38.29 -0.11 2.73
N THR B 769 37.90 -0.72 1.59
CA THR B 769 38.87 -1.00 0.55
C THR B 769 39.50 0.29 0.04
N VAL B 770 38.74 1.38 -0.01
CA VAL B 770 39.30 2.61 -0.58
C VAL B 770 40.39 3.11 0.37
N LEU B 771 40.12 3.01 1.67
CA LEU B 771 41.09 3.52 2.66
C LEU B 771 42.32 2.68 2.73
N ALA B 772 42.19 1.37 2.52
CA ALA B 772 43.35 0.47 2.45
C ALA B 772 44.16 0.77 1.20
N ALA B 773 43.47 0.81 0.07
CA ALA B 773 44.05 1.20 -1.16
C ALA B 773 44.86 2.47 -1.00
N VAL B 774 44.34 3.46 -0.27
CA VAL B 774 45.02 4.77 -0.15
C VAL B 774 46.28 4.66 0.70
N GLU B 775 46.18 3.83 1.73
CA GLU B 775 47.29 3.49 2.60
C GLU B 775 48.42 2.81 1.82
N ALA B 776 48.07 2.13 0.75
CA ALA B 776 49.03 1.37 0.02
C ALA B 776 49.63 2.23 -1.06
N GLY B 777 49.19 3.47 -1.20
CA GLY B 777 49.81 4.39 -2.13
C GLY B 777 49.09 4.61 -3.42
N VAL B 778 47.92 4.00 -3.59
CA VAL B 778 47.21 4.26 -4.82
C VAL B 778 47.07 5.77 -5.10
N ASP B 779 47.24 6.16 -6.35
CA ASP B 779 47.34 7.57 -6.68
C ASP B 779 46.06 8.37 -6.72
N ALA B 780 44.96 7.74 -7.15
CA ALA B 780 43.66 8.41 -7.26
C ALA B 780 42.55 7.43 -6.92
N VAL B 781 41.39 7.91 -6.48
CA VAL B 781 40.23 7.01 -6.25
C VAL B 781 38.96 7.71 -6.70
N ASP B 782 37.90 6.96 -6.98
CA ASP B 782 36.61 7.49 -7.34
C ASP B 782 35.72 7.41 -6.11
N ALA B 783 34.93 8.44 -5.87
CA ALA B 783 33.85 8.32 -4.92
C ALA B 783 32.62 9.09 -5.46
N ALA B 784 31.41 8.81 -5.00
CA ALA B 784 30.22 9.58 -5.42
C ALA B 784 29.84 10.54 -4.30
N MET B 785 29.22 11.67 -4.60
CA MET B 785 28.64 12.52 -3.57
C MET B 785 27.76 11.67 -2.69
N ASP B 786 27.59 12.08 -1.44
CA ASP B 786 26.86 11.31 -0.41
C ASP B 786 25.48 10.96 -0.88
N ALA B 787 24.75 12.01 -1.26
CA ALA B 787 23.39 11.91 -1.73
C ALA B 787 23.26 10.90 -2.84
N LEU B 788 24.34 10.48 -3.47
CA LEU B 788 24.19 9.50 -4.48
C LEU B 788 25.16 8.31 -4.38
N SER B 789 25.46 7.90 -3.15
CA SER B 789 26.56 6.99 -2.91
C SER B 789 26.04 5.79 -2.19
N GLY B 790 26.93 4.85 -1.84
CA GLY B 790 26.49 3.62 -1.18
C GLY B 790 25.86 2.63 -2.16
N ASN B 791 25.49 1.46 -1.66
CA ASN B 791 24.82 0.48 -2.49
C ASN B 791 25.52 0.25 -3.82
N THR B 792 24.78 0.19 -4.91
CA THR B 792 25.43 -0.21 -6.14
C THR B 792 26.26 0.87 -6.78
N SER B 793 26.43 1.97 -6.07
CA SER B 793 27.12 3.12 -6.56
C SER B 793 28.50 3.11 -5.91
N GLN B 794 29.20 4.25 -5.91
CA GLN B 794 30.49 4.30 -5.26
C GLN B 794 30.34 4.52 -3.77
N PRO B 795 31.45 4.38 -3.03
CA PRO B 795 31.49 4.75 -1.65
C PRO B 795 31.37 6.26 -1.48
N CYS B 796 31.04 6.64 -0.25
CA CYS B 796 30.61 7.97 0.08
C CYS B 796 31.79 8.93 0.09
N LEU B 797 31.77 9.86 -0.86
CA LEU B 797 32.85 10.87 -0.98
C LEU B 797 33.05 11.63 0.33
N GLY B 798 31.99 12.22 0.85
CA GLY B 798 32.14 13.05 2.05
C GLY B 798 32.84 12.31 3.17
N SER B 799 32.37 11.09 3.42
CA SER B 799 32.84 10.24 4.52
C SER B 799 34.24 9.77 4.29
N ILE B 800 34.58 9.33 3.08
CA ILE B 800 36.00 9.06 2.78
C ILE B 800 36.90 10.26 3.04
N VAL B 801 36.49 11.46 2.63
CA VAL B 801 37.30 12.66 2.82
C VAL B 801 37.46 12.97 4.29
N GLU B 802 36.39 12.85 5.04
CA GLU B 802 36.47 13.12 6.46
C GLU B 802 37.47 12.18 7.12
N ALA B 803 37.44 10.90 6.72
CA ALA B 803 38.26 9.89 7.31
C ALA B 803 39.74 10.15 7.05
N LEU B 804 40.09 10.74 5.89
CA LEU B 804 41.48 11.09 5.55
C LEU B 804 41.91 12.47 6.09
N SER B 805 40.94 13.27 6.54
CA SER B 805 41.19 14.62 7.04
C SER B 805 42.27 14.70 8.13
N GLY B 806 43.39 15.30 7.77
CA GLY B 806 44.51 15.49 8.69
C GLY B 806 45.48 14.33 8.70
N SER B 807 45.34 13.38 7.77
CA SER B 807 46.38 12.35 7.63
C SER B 807 47.46 12.72 6.58
N GLU B 808 48.56 11.96 6.46
CA GLU B 808 49.60 12.37 5.49
C GLU B 808 49.08 12.41 4.05
N ARG B 809 47.98 11.71 3.77
CA ARG B 809 47.49 11.70 2.40
C ARG B 809 46.19 12.45 2.23
N ASP B 810 45.95 13.39 3.13
CA ASP B 810 44.75 14.21 3.10
C ASP B 810 44.47 14.83 1.72
N PRO B 811 43.30 14.56 1.13
CA PRO B 811 43.03 15.18 -0.17
C PRO B 811 42.68 16.67 -0.08
N GLY B 812 42.68 17.23 1.12
CA GLY B 812 42.37 18.64 1.28
C GLY B 812 41.17 19.20 0.50
N LEU B 813 40.04 18.48 0.49
CA LEU B 813 38.77 18.94 -0.08
C LEU B 813 37.87 19.49 1.01
N ASP B 814 37.19 20.58 0.75
CA ASP B 814 36.42 21.21 1.78
C ASP B 814 35.14 20.44 2.11
N PRO B 815 35.11 19.83 3.30
CA PRO B 815 33.96 18.96 3.58
C PRO B 815 32.62 19.74 3.83
N ALA B 816 32.73 21.05 4.04
CA ALA B 816 31.58 21.94 4.11
C ALA B 816 30.99 22.02 2.72
N TRP B 817 31.87 22.22 1.73
CA TRP B 817 31.37 22.34 0.35
C TRP B 817 30.82 21.04 -0.14
N ILE B 818 31.44 19.95 0.33
CA ILE B 818 31.01 18.62 -0.05
C ILE B 818 29.61 18.45 0.44
N ARG B 819 29.34 18.81 1.69
CA ARG B 819 27.98 18.71 2.27
CA ARG B 819 27.98 18.64 2.19
C ARG B 819 27.00 19.55 1.46
N ARG B 820 27.40 20.80 1.18
CA ARG B 820 26.57 21.73 0.40
C ARG B 820 26.16 21.17 -0.97
N ILE B 821 27.13 20.67 -1.72
CA ILE B 821 26.82 20.05 -3.00
C ILE B 821 25.90 18.82 -2.80
N SER B 822 26.23 18.03 -1.78
CA SER B 822 25.54 16.78 -1.54
C SER B 822 24.06 17.05 -1.24
N PHE B 823 23.78 18.15 -0.54
CA PHE B 823 22.42 18.49 -0.23
C PHE B 823 21.65 18.77 -1.52
N TYR B 824 22.30 19.48 -2.45
CA TYR B 824 21.73 19.80 -3.77
C TYR B 824 21.38 18.52 -4.52
N TRP B 825 22.35 17.60 -4.61
CA TRP B 825 22.11 16.30 -5.21
C TRP B 825 20.97 15.55 -4.56
N GLU B 826 20.90 15.64 -3.25
CA GLU B 826 19.84 15.00 -2.56
C GLU B 826 18.49 15.53 -3.04
N ALA B 827 18.42 16.84 -3.26
CA ALA B 827 17.22 17.44 -3.79
C ALA B 827 16.93 16.92 -5.21
N VAL B 828 17.96 16.92 -6.06
CA VAL B 828 17.79 16.49 -7.43
C VAL B 828 17.22 15.07 -7.41
N ARG B 829 17.73 14.24 -6.50
CA ARG B 829 17.46 12.84 -6.59
C ARG B 829 16.02 12.61 -6.22
N ASN B 830 15.46 13.44 -5.37
CA ASN B 830 14.05 13.26 -5.04
C ASN B 830 13.16 13.33 -6.26
N GLN B 831 13.64 13.96 -7.31
CA GLN B 831 12.81 14.15 -8.49
C GLN B 831 12.66 12.85 -9.26
N TYR B 832 13.62 11.96 -9.08
CA TYR B 832 13.76 10.78 -9.89
C TYR B 832 13.16 9.54 -9.22
N ALA B 833 12.29 9.78 -8.24
CA ALA B 833 11.57 8.75 -7.49
C ALA B 833 11.06 7.64 -8.40
N ALA B 834 10.79 7.99 -9.65
CA ALA B 834 10.43 7.05 -10.69
C ALA B 834 11.41 5.92 -10.89
N PHE B 835 12.72 6.17 -10.78
CA PHE B 835 13.75 5.19 -11.22
C PHE B 835 14.56 4.51 -10.12
N GLU B 836 14.08 4.65 -8.88
CA GLU B 836 14.69 4.06 -7.69
C GLU B 836 14.49 2.55 -7.66
N SER B 837 15.55 1.84 -7.32
CA SER B 837 15.50 0.40 -7.19
C SER B 837 14.91 0.02 -5.84
N ASP B 838 14.63 -1.26 -5.63
CA ASP B 838 14.05 -1.68 -4.34
CA ASP B 838 14.03 -1.74 -4.38
C ASP B 838 15.08 -2.37 -3.47
N LEU B 839 16.35 -2.18 -3.83
CA LEU B 839 17.50 -2.66 -3.05
C LEU B 839 17.66 -1.83 -1.77
N LYS B 840 17.73 -2.51 -0.61
CA LYS B 840 17.78 -1.77 0.66
C LYS B 840 19.13 -1.54 1.37
N GLY B 841 20.18 -2.26 0.97
CA GLY B 841 21.52 -1.92 1.40
C GLY B 841 22.62 -2.88 1.02
N PRO B 842 23.46 -3.21 2.00
CA PRO B 842 24.54 -4.15 1.75
C PRO B 842 24.00 -5.52 1.32
N ALA B 843 24.72 -6.15 0.39
CA ALA B 843 24.51 -7.55 0.11
C ALA B 843 25.88 -8.22 -0.07
N SER B 844 26.23 -9.11 0.87
CA SER B 844 27.53 -9.75 0.80
C SER B 844 27.56 -10.78 -0.31
N GLU B 845 26.38 -11.07 -0.87
CA GLU B 845 26.24 -12.15 -1.84
C GLU B 845 26.84 -11.74 -3.18
N VAL B 846 27.07 -10.44 -3.35
CA VAL B 846 27.91 -9.97 -4.45
C VAL B 846 29.20 -10.84 -4.59
N TYR B 847 29.69 -11.41 -3.49
CA TYR B 847 30.89 -12.23 -3.54
C TYR B 847 30.56 -13.62 -4.04
N LEU B 848 29.30 -14.00 -4.01
CA LEU B 848 28.97 -15.29 -4.60
C LEU B 848 28.75 -15.16 -6.12
N HIS B 849 28.06 -14.12 -6.55
CA HIS B 849 27.69 -14.07 -7.93
C HIS B 849 28.49 -13.11 -8.72
N GLU B 850 28.76 -11.94 -8.17
CA GLU B 850 29.71 -11.02 -8.80
C GLU B 850 29.02 -10.17 -9.84
N MET B 851 27.72 -9.98 -9.68
CA MET B 851 26.98 -9.18 -10.63
C MET B 851 27.38 -7.73 -10.39
N PRO B 852 27.74 -6.96 -11.44
CA PRO B 852 28.19 -5.53 -11.29
C PRO B 852 27.09 -4.54 -10.81
N GLY B 853 27.54 -3.43 -10.22
CA GLY B 853 26.65 -2.43 -9.61
C GLY B 853 25.65 -1.91 -10.60
N GLY B 854 26.14 -1.62 -11.79
CA GLY B 854 25.29 -1.31 -12.94
C GLY B 854 24.09 -2.26 -13.04
N GLN B 855 24.33 -3.56 -12.85
CA GLN B 855 23.47 -4.61 -13.40
C GLN B 855 22.94 -5.68 -12.40
N PHE B 856 23.11 -5.42 -11.10
CA PHE B 856 22.61 -6.30 -10.01
C PHE B 856 21.12 -6.03 -9.74
N THR B 857 20.77 -4.75 -9.80
CA THR B 857 19.42 -4.28 -9.71
C THR B 857 18.66 -4.65 -10.99
N ASN B 858 19.08 -4.12 -12.16
CA ASN B 858 18.48 -4.53 -13.46
C ASN B 858 18.11 -6.00 -13.47
N LEU B 859 19.05 -6.88 -13.08
CA LEU B 859 18.79 -8.30 -13.16
C LEU B 859 17.69 -8.75 -12.22
N LYS B 860 17.69 -8.26 -10.99
CA LYS B 860 16.58 -8.54 -10.07
C LYS B 860 15.16 -8.11 -10.56
N GLU B 861 15.09 -6.95 -11.22
CA GLU B 861 13.90 -6.52 -11.97
C GLU B 861 13.93 -7.01 -13.45
N GLN B 862 14.66 -8.12 -13.65
CA GLN B 862 14.46 -8.99 -14.79
C GLN B 862 13.90 -10.26 -14.16
N ALA B 863 14.50 -10.65 -13.03
CA ALA B 863 14.19 -11.89 -12.31
C ALA B 863 12.77 -11.93 -11.79
N ARG B 864 12.16 -10.76 -11.60
CA ARG B 864 10.74 -10.67 -11.20
C ARG B 864 9.86 -10.64 -12.44
N SER B 865 10.21 -9.79 -13.42
CA SER B 865 9.59 -9.76 -14.76
C SER B 865 9.28 -11.16 -15.25
N LEU B 866 10.16 -12.10 -14.88
CA LEU B 866 10.14 -13.48 -15.38
C LEU B 866 9.53 -14.51 -14.39
N GLY B 867 9.09 -14.04 -13.24
CA GLY B 867 8.41 -14.89 -12.25
C GLY B 867 9.23 -15.80 -11.35
N LEU B 868 10.54 -15.56 -11.25
CA LEU B 868 11.38 -16.32 -10.31
C LEU B 868 11.70 -15.49 -9.06
N GLU B 869 10.98 -14.37 -8.89
CA GLU B 869 11.09 -13.46 -7.72
C GLU B 869 11.38 -14.16 -6.38
N THR B 870 10.81 -15.35 -6.18
CA THR B 870 11.08 -16.17 -4.99
C THR B 870 12.35 -17.02 -5.12
N ARG B 871 13.18 -16.70 -6.11
CA ARG B 871 14.25 -17.62 -6.50
C ARG B 871 15.66 -17.02 -6.70
N TRP B 872 15.77 -15.68 -6.73
CA TRP B 872 17.07 -15.00 -6.91
C TRP B 872 18.05 -15.44 -5.88
N HIS B 873 17.81 -16.65 -5.38
CA HIS B 873 18.74 -17.46 -4.58
C HIS B 873 19.40 -18.53 -5.39
N GLN B 874 18.69 -19.11 -6.36
CA GLN B 874 19.25 -20.10 -7.32
C GLN B 874 19.87 -19.41 -8.56
N VAL B 875 19.19 -18.35 -9.03
CA VAL B 875 19.71 -17.44 -10.06
C VAL B 875 21.11 -16.99 -9.62
N ALA B 876 21.19 -16.58 -8.36
CA ALA B 876 22.46 -16.25 -7.69
C ALA B 876 23.51 -17.29 -8.01
N GLN B 877 23.20 -18.55 -7.72
CA GLN B 877 24.13 -19.67 -7.94
C GLN B 877 24.36 -19.96 -9.43
N ALA B 878 23.30 -19.83 -10.22
CA ALA B 878 23.38 -20.09 -11.66
C ALA B 878 24.32 -19.11 -12.31
N TYR B 879 24.14 -17.82 -12.05
CA TYR B 879 25.09 -16.81 -12.53
C TYR B 879 26.51 -17.30 -12.19
N ALA B 880 26.71 -17.69 -10.93
CA ALA B 880 28.03 -18.13 -10.45
C ALA B 880 28.52 -19.35 -11.23
N ASP B 881 27.58 -20.26 -11.49
CA ASP B 881 27.88 -21.47 -12.25
C ASP B 881 28.15 -21.09 -13.70
N ALA B 882 27.19 -20.39 -14.33
CA ALA B 882 27.32 -20.04 -15.74
C ALA B 882 28.66 -19.34 -15.96
N ASN B 883 29.00 -18.43 -15.05
CA ASN B 883 30.25 -17.76 -15.19
C ASN B 883 31.34 -18.80 -15.38
N GLN B 884 31.39 -19.80 -14.49
CA GLN B 884 32.46 -20.82 -14.52
C GLN B 884 32.40 -21.71 -15.76
N MET B 885 31.18 -22.00 -16.21
CA MET B 885 30.93 -22.77 -17.41
C MET B 885 31.50 -22.09 -18.64
N PHE B 886 31.42 -20.75 -18.67
CA PHE B 886 32.08 -19.95 -19.68
C PHE B 886 33.61 -19.90 -19.56
N GLY B 887 34.17 -20.40 -18.47
CA GLY B 887 35.64 -20.42 -18.31
C GLY B 887 36.11 -19.41 -17.27
N ASP B 888 35.13 -18.86 -16.53
CA ASP B 888 35.30 -17.83 -15.47
C ASP B 888 35.78 -16.56 -16.12
N ILE B 889 34.86 -15.70 -16.52
CA ILE B 889 35.20 -14.57 -17.37
C ILE B 889 34.93 -13.27 -16.67
N VAL B 890 35.41 -12.18 -17.24
CA VAL B 890 35.24 -10.87 -16.64
C VAL B 890 33.87 -10.37 -17.05
N LYS B 891 33.07 -9.95 -16.07
CA LYS B 891 31.64 -9.66 -16.26
C LYS B 891 31.31 -8.19 -15.98
N VAL B 892 31.22 -7.43 -17.03
CA VAL B 892 30.98 -6.01 -16.97
C VAL B 892 30.26 -5.81 -18.29
N ALA B 893 29.35 -4.87 -18.36
CA ALA B 893 28.72 -4.48 -19.63
C ALA B 893 29.73 -4.61 -20.78
N PRO B 894 29.39 -5.42 -21.84
CA PRO B 894 28.18 -6.25 -21.91
C PRO B 894 28.39 -7.77 -21.61
N SER B 895 29.58 -8.18 -21.15
CA SER B 895 29.74 -9.59 -20.80
C SER B 895 28.74 -9.99 -19.74
N SER B 896 28.71 -9.23 -18.64
CA SER B 896 27.77 -9.47 -17.51
C SER B 896 26.39 -9.96 -17.93
N LYS B 897 25.62 -9.06 -18.53
CA LYS B 897 24.45 -9.35 -19.40
C LYS B 897 24.39 -10.79 -20.00
N VAL B 898 25.31 -11.14 -20.87
CA VAL B 898 25.35 -12.50 -21.36
C VAL B 898 25.21 -13.54 -20.25
N VAL B 899 26.05 -13.46 -19.23
CA VAL B 899 26.01 -14.44 -18.12
C VAL B 899 24.61 -14.53 -17.49
N GLY B 900 24.07 -13.34 -17.17
CA GLY B 900 22.71 -13.16 -16.65
C GLY B 900 21.63 -13.89 -17.44
N ASP B 901 21.54 -13.63 -18.76
CA ASP B 901 20.62 -14.32 -19.65
C ASP B 901 20.76 -15.84 -19.47
N MET B 902 21.98 -16.35 -19.42
CA MET B 902 22.17 -17.78 -19.17
C MET B 902 21.61 -18.23 -17.80
N ALA B 903 22.00 -17.52 -16.74
CA ALA B 903 21.57 -17.89 -15.38
C ALA B 903 20.04 -17.95 -15.26
N LEU B 904 19.38 -16.88 -15.72
CA LEU B 904 17.92 -16.85 -15.90
C LEU B 904 17.44 -18.10 -16.62
N MET B 905 18.01 -18.35 -17.80
CA MET B 905 17.60 -19.47 -18.63
C MET B 905 17.73 -20.83 -17.90
N MET B 906 18.83 -21.02 -17.17
CA MET B 906 19.07 -22.31 -16.48
C MET B 906 18.06 -22.60 -15.36
N VAL B 907 17.47 -21.52 -14.85
CA VAL B 907 16.49 -21.58 -13.77
C VAL B 907 15.05 -21.65 -14.32
N SER B 908 14.64 -20.63 -15.10
CA SER B 908 13.38 -20.64 -15.87
C SER B 908 13.08 -21.96 -16.58
N GLN B 909 14.09 -22.60 -17.17
CA GLN B 909 13.92 -23.87 -17.91
C GLN B 909 14.43 -25.02 -17.09
N ASP B 910 15.05 -24.70 -15.95
CA ASP B 910 15.41 -25.72 -14.98
C ASP B 910 16.55 -26.69 -15.41
N LEU B 911 17.77 -26.16 -15.54
CA LEU B 911 18.92 -26.88 -16.13
C LEU B 911 20.18 -26.70 -15.32
N THR B 912 20.85 -27.81 -14.99
CA THR B 912 22.17 -27.71 -14.35
C THR B 912 23.27 -27.50 -15.39
N VAL B 913 24.48 -27.23 -14.94
CA VAL B 913 25.63 -27.15 -15.85
C VAL B 913 25.75 -28.40 -16.74
N ALA B 914 25.99 -29.56 -16.13
CA ALA B 914 26.08 -30.81 -16.88
C ALA B 914 24.98 -30.94 -17.94
N ASP B 915 23.79 -30.43 -17.62
CA ASP B 915 22.65 -30.37 -18.55
C ASP B 915 23.05 -29.64 -19.82
N VAL B 916 23.50 -28.41 -19.62
CA VAL B 916 23.76 -27.46 -20.70
C VAL B 916 24.84 -27.92 -21.69
N VAL B 917 25.99 -28.36 -21.17
CA VAL B 917 27.12 -28.72 -22.05
C VAL B 917 27.06 -30.16 -22.54
N SER B 918 25.97 -30.85 -22.20
N SER B 918 25.98 -30.85 -22.21
CA SER B 918 25.73 -32.22 -22.62
CA SER B 918 25.79 -32.24 -22.61
C SER B 918 25.33 -32.34 -24.09
C SER B 918 25.34 -32.35 -24.07
N PRO B 919 25.99 -33.24 -24.83
CA PRO B 919 25.61 -33.67 -26.18
C PRO B 919 24.11 -34.01 -26.33
N ASP B 920 23.48 -34.53 -25.27
CA ASP B 920 22.14 -35.12 -25.37
C ASP B 920 20.92 -34.22 -25.10
N ARG B 921 21.11 -33.06 -24.51
CA ARG B 921 19.95 -32.30 -24.04
C ARG B 921 19.72 -30.99 -24.81
N GLU B 922 18.58 -30.90 -25.50
CA GLU B 922 18.22 -29.70 -26.26
C GLU B 922 18.30 -28.43 -25.39
N VAL B 923 19.02 -27.41 -25.87
CA VAL B 923 19.06 -26.10 -25.23
C VAL B 923 19.03 -25.02 -26.31
N SER B 924 18.21 -24.00 -26.13
CA SER B 924 18.10 -22.94 -27.11
C SER B 924 18.70 -21.57 -26.68
N PHE B 925 20.02 -21.55 -26.51
CA PHE B 925 20.78 -20.45 -25.91
C PHE B 925 20.33 -19.04 -26.29
N PRO B 926 20.31 -18.11 -25.31
N PRO B 926 20.28 -18.12 -25.31
CA PRO B 926 19.91 -16.72 -25.54
CA PRO B 926 19.89 -16.74 -25.57
C PRO B 926 20.72 -16.04 -26.64
C PRO B 926 20.66 -16.17 -26.75
N GLU B 927 20.10 -15.16 -27.42
CA GLU B 927 20.80 -14.46 -28.51
C GLU B 927 22.23 -13.96 -28.13
N SER B 928 22.43 -13.50 -26.89
CA SER B 928 23.74 -12.93 -26.47
C SER B 928 24.76 -14.03 -26.13
N VAL B 929 24.28 -15.16 -25.61
CA VAL B 929 25.19 -16.23 -25.24
C VAL B 929 25.85 -16.74 -26.53
N VAL B 930 25.02 -17.08 -27.51
CA VAL B 930 25.41 -17.36 -28.89
C VAL B 930 26.40 -16.33 -29.46
N SER B 931 26.05 -15.04 -29.40
CA SER B 931 26.82 -13.97 -29.99
C SER B 931 28.21 -13.80 -29.33
N MET B 932 28.30 -14.12 -28.04
CA MET B 932 29.56 -13.95 -27.30
C MET B 932 30.47 -15.08 -27.68
N LEU B 933 29.94 -16.28 -27.59
CA LEU B 933 30.66 -17.45 -27.95
C LEU B 933 31.12 -17.40 -29.41
N LYS B 934 30.43 -16.60 -30.21
CA LYS B 934 30.74 -16.58 -31.64
C LYS B 934 32.00 -15.77 -31.82
N GLY B 935 32.08 -14.65 -31.10
CA GLY B 935 33.35 -13.98 -30.97
C GLY B 935 33.22 -12.50 -30.98
N ASP B 936 31.98 -12.01 -30.88
CA ASP B 936 31.71 -10.59 -31.04
C ASP B 936 32.16 -9.70 -29.86
N LEU B 937 32.24 -10.29 -28.66
CA LEU B 937 32.74 -9.53 -27.54
C LEU B 937 34.22 -9.77 -27.33
N GLY B 938 34.79 -10.64 -28.15
CA GLY B 938 36.23 -10.88 -28.19
C GLY B 938 36.59 -12.14 -27.42
N GLN B 939 37.80 -12.12 -26.86
CA GLN B 939 38.46 -13.34 -26.36
C GLN B 939 38.88 -13.37 -24.88
N PRO B 940 38.49 -14.44 -24.18
CA PRO B 940 39.04 -14.59 -22.86
C PRO B 940 40.37 -15.26 -23.04
N PRO B 941 41.34 -14.97 -22.14
CA PRO B 941 42.70 -15.44 -22.42
C PRO B 941 42.68 -16.91 -22.79
N SER B 942 41.75 -17.65 -22.19
CA SER B 942 41.73 -19.11 -22.31
C SER B 942 40.93 -19.64 -23.48
N GLY B 943 40.34 -18.76 -24.30
CA GLY B 943 39.41 -19.18 -25.35
C GLY B 943 37.97 -19.31 -24.87
N TRP B 944 37.10 -19.87 -25.70
CA TRP B 944 35.74 -20.26 -25.32
C TRP B 944 35.63 -21.75 -25.20
N PRO B 945 34.96 -22.24 -24.15
CA PRO B 945 34.91 -23.71 -24.00
C PRO B 945 34.32 -24.30 -25.29
N GLU B 946 35.03 -25.21 -25.95
CA GLU B 946 34.62 -25.61 -27.30
C GLU B 946 33.27 -26.30 -27.30
N ALA B 947 33.16 -27.34 -26.49
CA ALA B 947 31.96 -28.15 -26.44
C ALA B 947 30.76 -27.22 -26.28
N LEU B 948 30.78 -26.32 -25.29
CA LEU B 948 29.64 -25.41 -25.10
C LEU B 948 29.38 -24.57 -26.35
N GLN B 949 30.44 -23.98 -26.89
CA GLN B 949 30.41 -23.24 -28.17
C GLN B 949 29.79 -24.04 -29.32
N LYS B 950 30.32 -25.25 -29.58
CA LYS B 950 29.81 -26.07 -30.67
C LYS B 950 28.31 -26.26 -30.55
N LYS B 951 27.84 -26.73 -29.39
CA LYS B 951 26.41 -26.89 -29.09
C LYS B 951 25.60 -25.58 -29.21
N ALA B 952 25.97 -24.55 -28.45
CA ALA B 952 25.24 -23.29 -28.56
C ALA B 952 25.08 -22.79 -30.01
N LEU B 953 26.15 -22.87 -30.80
CA LEU B 953 26.25 -22.12 -32.07
C LEU B 953 25.36 -22.63 -33.18
N LYS B 954 25.10 -23.92 -33.16
CA LYS B 954 24.05 -24.47 -34.02
C LYS B 954 24.34 -24.12 -35.49
N GLY B 955 25.50 -24.55 -35.95
CA GLY B 955 25.92 -24.27 -37.31
C GLY B 955 26.29 -22.83 -37.53
N GLU B 956 26.76 -22.15 -36.49
CA GLU B 956 27.34 -20.85 -36.68
C GLU B 956 28.82 -20.96 -36.50
N LYS B 957 29.54 -20.32 -37.42
CA LYS B 957 30.99 -20.42 -37.43
C LYS B 957 31.58 -19.26 -36.64
N PRO B 958 32.29 -19.59 -35.55
CA PRO B 958 32.91 -18.62 -34.66
C PRO B 958 34.20 -18.06 -35.27
N TYR B 959 34.80 -17.04 -34.65
CA TYR B 959 36.11 -16.52 -35.10
C TYR B 959 36.88 -16.04 -33.93
N THR B 960 38.19 -15.91 -34.04
CA THR B 960 39.01 -15.59 -32.84
C THR B 960 39.87 -14.34 -32.93
N VAL B 961 39.68 -13.62 -34.01
CA VAL B 961 40.28 -12.31 -34.24
C VAL B 961 39.46 -11.21 -33.56
N ARG B 962 40.13 -10.09 -33.28
CA ARG B 962 39.50 -8.84 -32.85
C ARG B 962 38.29 -8.50 -33.77
N PRO B 963 37.05 -8.53 -33.20
CA PRO B 963 35.88 -8.53 -34.09
C PRO B 963 35.95 -7.35 -35.04
N GLY B 964 36.58 -6.26 -34.58
CA GLY B 964 36.72 -5.02 -35.36
C GLY B 964 37.57 -5.18 -36.60
N SER B 965 38.64 -5.95 -36.53
CA SER B 965 39.44 -6.15 -37.73
C SER B 965 38.63 -6.82 -38.84
N LEU B 966 37.50 -7.40 -38.50
CA LEU B 966 36.69 -8.07 -39.51
C LEU B 966 35.72 -7.16 -40.25
N LEU B 967 35.65 -5.90 -39.84
CA LEU B 967 34.71 -4.94 -40.43
C LEU B 967 35.34 -4.07 -41.53
N LYS B 968 34.71 -3.98 -42.70
CA LYS B 968 35.13 -2.97 -43.70
C LYS B 968 35.08 -1.58 -43.09
N GLU B 969 35.97 -0.72 -43.56
CA GLU B 969 36.03 0.66 -43.12
C GLU B 969 34.78 1.39 -43.59
N ALA B 970 34.21 2.25 -42.77
CA ALA B 970 32.94 2.88 -43.11
C ALA B 970 33.22 3.99 -44.10
N ASP B 971 32.41 4.12 -45.15
CA ASP B 971 32.52 5.28 -46.01
C ASP B 971 31.91 6.46 -45.28
N LEU B 972 32.76 7.22 -44.60
CA LEU B 972 32.25 8.26 -43.73
C LEU B 972 31.53 9.34 -44.51
N ASP B 973 31.95 9.50 -45.77
CA ASP B 973 31.31 10.42 -46.71
C ASP B 973 29.90 10.01 -47.11
N ALA B 974 29.78 8.81 -47.68
CA ALA B 974 28.47 8.25 -48.00
C ALA B 974 27.55 8.25 -46.77
N GLU B 975 28.06 7.73 -45.65
CA GLU B 975 27.22 7.67 -44.45
C GLU B 975 26.74 9.03 -43.93
N ARG B 976 27.55 10.07 -44.10
CA ARG B 976 27.12 11.43 -43.82
C ARG B 976 25.95 11.86 -44.73
N LYS B 977 26.04 11.54 -46.01
CA LYS B 977 24.99 11.94 -46.93
C LYS B 977 23.68 11.18 -46.68
N VAL B 978 23.79 9.93 -46.22
CA VAL B 978 22.60 9.14 -45.85
C VAL B 978 21.76 9.93 -44.85
N ILE B 979 22.33 10.18 -43.67
CA ILE B 979 21.62 10.82 -42.56
C ILE B 979 21.17 12.23 -42.93
N GLU B 980 22.00 12.95 -43.69
CA GLU B 980 21.63 14.28 -44.09
C GLU B 980 20.40 14.27 -44.98
N LYS B 981 20.26 13.23 -45.79
CA LYS B 981 19.06 13.04 -46.58
C LYS B 981 17.90 12.67 -45.66
N LYS B 982 18.12 11.79 -44.70
CA LYS B 982 16.99 11.34 -43.87
C LYS B 982 16.41 12.55 -43.11
N LEU B 983 17.26 13.32 -42.45
CA LEU B 983 16.81 14.48 -41.66
C LEU B 983 16.48 15.72 -42.50
N GLU B 984 16.81 15.63 -43.79
CA GLU B 984 16.63 16.71 -44.77
C GLU B 984 17.37 17.99 -44.36
N ARG B 985 18.58 17.83 -43.83
CA ARG B 985 19.39 18.97 -43.33
C ARG B 985 20.83 18.56 -43.04
N GLU B 986 21.74 19.51 -43.05
CA GLU B 986 23.12 19.23 -42.68
C GLU B 986 23.22 18.77 -41.22
N VAL B 987 24.23 17.97 -40.89
CA VAL B 987 24.49 17.63 -39.48
C VAL B 987 25.89 18.05 -39.00
N SER B 988 26.03 18.35 -37.72
CA SER B 988 27.34 18.67 -37.18
C SER B 988 28.14 17.38 -37.07
N ASP B 989 29.46 17.50 -36.90
CA ASP B 989 30.32 16.35 -36.64
C ASP B 989 29.96 15.62 -35.34
N PHE B 990 29.56 16.35 -34.30
CA PHE B 990 29.05 15.72 -33.11
C PHE B 990 27.79 14.91 -33.40
N GLU B 991 26.89 15.49 -34.17
CA GLU B 991 25.62 14.85 -34.48
C GLU B 991 25.91 13.58 -35.27
N PHE B 992 26.90 13.69 -36.17
CA PHE B 992 27.27 12.58 -37.03
C PHE B 992 27.97 11.43 -36.28
N ALA B 993 28.72 11.80 -35.23
CA ALA B 993 29.30 10.82 -34.34
C ALA B 993 28.19 10.04 -33.67
N SER B 994 27.16 10.75 -33.18
CA SER B 994 26.02 10.11 -32.53
C SER B 994 25.44 9.04 -33.45
N TYR B 995 25.16 9.44 -34.71
CA TYR B 995 24.53 8.61 -35.72
C TYR B 995 25.31 7.36 -35.94
N LEU B 996 26.64 7.45 -35.97
CA LEU B 996 27.49 6.28 -36.20
C LEU B 996 27.37 5.27 -35.03
N MET B 997 27.43 5.76 -33.81
CA MET B 997 27.25 4.94 -32.62
C MET B 997 25.84 4.38 -32.47
N TYR B 998 24.82 5.13 -32.87
CA TYR B 998 23.42 4.76 -32.65
C TYR B 998 22.58 5.37 -33.73
N PRO B 999 22.55 4.75 -34.91
CA PRO B 999 21.79 5.31 -36.05
C PRO B 999 20.32 5.55 -35.76
N LYS B 1000 19.61 4.54 -35.26
CA LYS B 1000 18.18 4.61 -35.03
C LYS B 1000 17.89 5.58 -33.89
N VAL B 1001 18.61 5.40 -32.78
CA VAL B 1001 18.35 6.19 -31.60
C VAL B 1001 18.55 7.68 -31.89
N PHE B 1002 19.57 8.00 -32.68
CA PHE B 1002 19.80 9.39 -33.13
C PHE B 1002 18.70 9.95 -34.05
N THR B 1003 18.36 9.20 -35.08
CA THR B 1003 17.32 9.61 -35.99
C THR B 1003 16.04 9.93 -35.21
N ASP B 1004 15.72 9.04 -34.26
CA ASP B 1004 14.53 9.21 -33.48
C ASP B 1004 14.68 10.53 -32.72
N PHE B 1005 15.81 10.68 -32.03
CA PHE B 1005 16.06 11.90 -31.26
C PHE B 1005 16.05 13.20 -32.07
N ALA B 1006 16.57 13.15 -33.29
CA ALA B 1006 16.58 14.32 -34.14
C ALA B 1006 15.18 14.74 -34.48
N LEU B 1007 14.30 13.78 -34.73
CA LEU B 1007 12.95 14.12 -35.15
C LEU B 1007 12.14 14.52 -33.93
N ALA B 1008 12.51 13.93 -32.80
CA ALA B 1008 11.93 14.31 -31.53
C ALA B 1008 12.26 15.77 -31.31
N SER B 1009 13.57 16.08 -31.42
CA SER B 1009 14.09 17.44 -31.31
C SER B 1009 13.44 18.44 -32.24
N ASP B 1010 13.19 17.98 -33.46
CA ASP B 1010 12.49 18.76 -34.46
C ASP B 1010 11.05 19.07 -34.03
N THR B 1011 10.37 18.14 -33.37
CA THR B 1011 8.98 18.42 -32.90
C THR B 1011 8.87 19.23 -31.61
N TYR B 1012 9.46 18.75 -30.53
CA TYR B 1012 9.19 19.38 -29.24
C TYR B 1012 10.19 20.50 -28.85
N GLY B 1013 11.33 20.55 -29.52
CA GLY B 1013 12.25 21.65 -29.32
C GLY B 1013 13.22 21.31 -28.24
N PRO B 1014 13.82 22.33 -27.61
CA PRO B 1014 14.94 22.12 -26.68
C PRO B 1014 14.43 21.75 -25.27
N VAL B 1015 13.70 20.64 -25.19
CA VAL B 1015 13.13 20.14 -23.96
C VAL B 1015 14.15 20.05 -22.79
N SER B 1016 15.43 19.90 -23.13
CA SER B 1016 16.44 19.80 -22.09
C SER B 1016 16.56 21.03 -21.17
N VAL B 1017 16.07 22.18 -21.62
CA VAL B 1017 16.07 23.39 -20.78
C VAL B 1017 14.96 23.32 -19.75
N LEU B 1018 14.02 22.38 -19.92
CA LEU B 1018 12.93 22.19 -18.96
C LEU B 1018 13.43 21.58 -17.65
N PRO B 1019 12.88 22.09 -16.54
CA PRO B 1019 13.11 21.54 -15.22
C PRO B 1019 12.57 20.10 -15.20
N THR B 1020 13.20 19.23 -14.38
CA THR B 1020 12.92 17.81 -14.36
C THR B 1020 11.44 17.53 -14.14
N PRO B 1021 10.81 18.13 -13.10
CA PRO B 1021 9.45 17.70 -12.88
C PRO B 1021 8.58 17.98 -14.09
N ALA B 1022 8.72 19.17 -14.67
CA ALA B 1022 8.02 19.54 -15.91
C ALA B 1022 8.31 18.59 -17.08
N TYR B 1023 9.57 18.22 -17.27
CA TYR B 1023 9.96 17.22 -18.28
C TYR B 1023 9.25 15.89 -18.15
N PHE B 1024 9.18 15.31 -16.95
CA PHE B 1024 8.47 14.04 -16.75
C PHE B 1024 6.92 14.14 -16.58
N TYR B 1025 6.46 15.28 -16.10
CA TYR B 1025 5.09 15.37 -15.60
C TYR B 1025 4.32 16.58 -16.13
N GLY B 1026 5.00 17.44 -16.87
CA GLY B 1026 4.33 18.60 -17.42
C GLY B 1026 3.96 19.57 -16.30
N LEU B 1027 2.73 20.11 -16.38
CA LEU B 1027 2.29 21.17 -15.48
C LEU B 1027 0.93 20.89 -14.93
N ALA B 1028 0.78 21.23 -13.65
CA ALA B 1028 -0.48 21.02 -12.93
C ALA B 1028 -1.49 22.04 -13.39
N ASP B 1029 -2.74 21.78 -13.05
CA ASP B 1029 -3.73 22.78 -13.31
C ASP B 1029 -3.25 24.01 -12.56
N GLY B 1030 -3.00 25.08 -13.31
CA GLY B 1030 -2.72 26.37 -12.70
C GLY B 1030 -1.26 26.59 -12.38
N GLU B 1031 -0.45 25.59 -12.65
CA GLU B 1031 0.96 25.67 -12.32
C GLU B 1031 1.72 26.61 -13.28
N GLU B 1032 2.62 27.41 -12.72
CA GLU B 1032 3.45 28.35 -13.48
C GLU B 1032 4.87 27.81 -13.53
N LEU B 1033 5.56 28.12 -14.62
CA LEU B 1033 6.88 27.57 -14.91
C LEU B 1033 7.77 28.61 -15.57
N PHE B 1034 9.07 28.51 -15.32
CA PHE B 1034 10.11 29.37 -15.90
C PHE B 1034 11.13 28.52 -16.63
N ALA B 1035 11.18 28.67 -17.94
CA ALA B 1035 12.13 27.94 -18.73
C ALA B 1035 13.04 28.93 -19.46
N ASP B 1036 14.31 28.62 -19.46
CA ASP B 1036 15.28 29.45 -20.15
C ASP B 1036 15.58 28.95 -21.58
N ILE B 1037 14.85 29.48 -22.55
CA ILE B 1037 14.96 29.02 -23.94
C ILE B 1037 16.27 29.46 -24.58
N GLU B 1038 16.88 30.48 -23.97
CA GLU B 1038 18.22 30.97 -24.27
C GLU B 1038 18.70 31.57 -22.96
N LYS B 1039 19.98 31.95 -22.91
CA LYS B 1039 20.48 32.72 -21.78
C LYS B 1039 20.06 34.19 -21.99
N GLY B 1040 18.77 34.44 -21.86
CA GLY B 1040 18.19 35.76 -22.15
C GLY B 1040 17.27 36.22 -21.02
N LYS B 1041 15.97 35.89 -21.07
CA LYS B 1041 15.21 35.17 -22.13
C LYS B 1041 14.41 34.05 -21.48
N THR B 1042 13.68 34.41 -20.41
CA THR B 1042 12.87 33.45 -19.69
C THR B 1042 11.49 33.41 -20.31
N LEU B 1043 10.98 32.20 -20.50
CA LEU B 1043 9.60 32.01 -20.85
C LEU B 1043 8.84 31.82 -19.56
N VAL B 1044 7.84 32.67 -19.31
CA VAL B 1044 6.88 32.44 -18.23
C VAL B 1044 5.66 31.73 -18.80
N ILE B 1045 5.41 30.53 -18.28
CA ILE B 1045 4.36 29.64 -18.80
C ILE B 1045 3.43 29.24 -17.68
N VAL B 1046 2.13 29.37 -17.98
CA VAL B 1046 1.09 28.91 -17.08
C VAL B 1046 0.15 27.94 -17.77
N ASN B 1047 -0.21 26.90 -17.05
CA ASN B 1047 -1.23 25.99 -17.48
C ASN B 1047 -2.59 26.52 -17.00
N GLN B 1048 -3.39 26.99 -17.93
CA GLN B 1048 -4.70 27.56 -17.58
C GLN B 1048 -5.85 26.59 -17.48
N ALA B 1049 -6.09 25.82 -18.55
CA ALA B 1049 -6.94 24.63 -18.48
C ALA B 1049 -6.70 23.64 -19.59
N VAL B 1050 -7.49 22.57 -19.56
CA VAL B 1050 -7.36 21.50 -20.50
C VAL B 1050 -8.79 21.24 -20.81
N SER B 1051 -9.05 20.65 -21.96
CA SER B 1051 -10.40 20.34 -22.39
C SER B 1051 -10.64 18.85 -22.39
N ALA B 1052 -11.94 18.49 -22.35
CA ALA B 1052 -12.39 17.12 -22.59
C ALA B 1052 -11.85 16.72 -23.95
N THR B 1053 -11.55 15.45 -24.12
CA THR B 1053 -10.95 14.98 -25.34
C THR B 1053 -12.05 14.91 -26.39
N ASP B 1054 -11.76 15.45 -27.57
CA ASP B 1054 -12.79 15.61 -28.61
C ASP B 1054 -13.05 14.38 -29.50
N SER B 1055 -13.19 14.63 -30.81
CA SER B 1055 -13.27 13.61 -31.85
C SER B 1055 -12.11 13.93 -32.77
N GLN B 1056 -11.50 12.90 -33.35
CA GLN B 1056 -10.10 12.95 -33.82
C GLN B 1056 -9.21 12.73 -32.63
N GLY B 1057 -9.82 12.82 -31.44
CA GLY B 1057 -9.13 12.45 -30.20
C GLY B 1057 -7.96 13.37 -29.97
N MET B 1058 -8.30 14.65 -29.89
CA MET B 1058 -7.34 15.70 -29.77
C MET B 1058 -7.73 16.53 -28.57
N VAL B 1059 -6.76 16.77 -27.68
CA VAL B 1059 -6.98 17.57 -26.47
C VAL B 1059 -6.42 18.96 -26.68
N THR B 1060 -7.01 19.97 -26.06
CA THR B 1060 -6.51 21.33 -26.20
C THR B 1060 -6.09 21.91 -24.88
N VAL B 1061 -4.81 22.21 -24.79
CA VAL B 1061 -4.25 22.78 -23.58
C VAL B 1061 -4.13 24.28 -23.71
N PHE B 1062 -4.63 24.99 -22.70
CA PHE B 1062 -4.68 26.43 -22.73
C PHE B 1062 -3.65 27.05 -21.79
N PHE B 1063 -2.62 27.62 -22.41
CA PHE B 1063 -1.41 28.12 -21.72
C PHE B 1063 -1.46 29.63 -21.64
N GLU B 1064 -0.88 30.19 -20.60
CA GLU B 1064 -0.41 31.56 -20.69
C GLU B 1064 1.09 31.60 -20.88
N LEU B 1065 1.53 32.40 -21.85
CA LEU B 1065 2.95 32.43 -22.23
C LEU B 1065 3.55 33.85 -22.28
N ASN B 1066 4.24 34.25 -21.20
CA ASN B 1066 4.56 35.68 -20.97
C ASN B 1066 3.26 36.48 -21.10
N GLY B 1067 2.36 36.30 -20.14
CA GLY B 1067 1.08 37.02 -20.09
C GLY B 1067 0.19 37.03 -21.34
N GLN B 1068 0.49 36.21 -22.37
CA GLN B 1068 -0.43 36.05 -23.53
C GLN B 1068 -1.10 34.67 -23.62
N PRO B 1069 -2.31 34.63 -24.21
CA PRO B 1069 -3.05 33.40 -24.47
C PRO B 1069 -2.52 32.59 -25.63
N ARG B 1070 -2.22 31.31 -25.37
CA ARG B 1070 -2.02 30.31 -26.42
C ARG B 1070 -2.79 29.03 -26.10
N ARG B 1071 -3.13 28.28 -27.14
CA ARG B 1071 -3.80 27.01 -26.96
C ARG B 1071 -3.03 25.96 -27.77
N ILE B 1072 -2.80 24.74 -27.25
CA ILE B 1072 -2.08 23.74 -28.09
C ILE B 1072 -2.88 22.47 -28.24
N LYS B 1073 -2.77 21.84 -29.40
CA LYS B 1073 -3.59 20.69 -29.67
C LYS B 1073 -2.76 19.42 -29.64
N VAL B 1074 -3.18 18.46 -28.83
CA VAL B 1074 -2.49 17.18 -28.61
C VAL B 1074 -3.52 16.04 -28.62
N PRO B 1075 -3.13 14.86 -29.13
CA PRO B 1075 -4.01 13.70 -29.12
C PRO B 1075 -4.05 13.00 -27.74
N ASP B 1076 -5.12 12.28 -27.39
CA ASP B 1076 -5.08 11.54 -26.13
C ASP B 1076 -5.15 10.02 -26.16
N ARG B 1077 -4.08 9.45 -26.74
CA ARG B 1077 -3.49 8.18 -26.31
C ARG B 1077 -4.02 7.58 -24.97
#